data_1SFP
# 
_entry.id   1SFP 
# 
_audit_conform.dict_name       mmcif_pdbx.dic 
_audit_conform.dict_version    5.397 
_audit_conform.dict_location   http://mmcif.pdb.org/dictionaries/ascii/mmcif_pdbx.dic 
# 
loop_
_database_2.database_id 
_database_2.database_code 
_database_2.pdbx_database_accession 
_database_2.pdbx_DOI 
PDB   1SFP         pdb_00001sfp 10.2210/pdb1sfp/pdb 
WWPDB D_1000176354 ?            ?                   
# 
loop_
_pdbx_audit_revision_history.ordinal 
_pdbx_audit_revision_history.data_content_type 
_pdbx_audit_revision_history.major_revision 
_pdbx_audit_revision_history.minor_revision 
_pdbx_audit_revision_history.revision_date 
1 'Structure model' 1 0 1998-06-24 
2 'Structure model' 1 1 2008-03-24 
3 'Structure model' 1 2 2011-07-13 
4 'Structure model' 1 3 2024-10-30 
# 
_pdbx_audit_revision_details.ordinal             1 
_pdbx_audit_revision_details.revision_ordinal    1 
_pdbx_audit_revision_details.data_content_type   'Structure model' 
_pdbx_audit_revision_details.provider            repository 
_pdbx_audit_revision_details.type                'Initial release' 
_pdbx_audit_revision_details.description         ? 
_pdbx_audit_revision_details.details             ? 
# 
loop_
_pdbx_audit_revision_group.ordinal 
_pdbx_audit_revision_group.revision_ordinal 
_pdbx_audit_revision_group.data_content_type 
_pdbx_audit_revision_group.group 
1 2 'Structure model' 'Version format compliance' 
2 3 'Structure model' 'Version format compliance' 
3 4 'Structure model' 'Data collection'           
4 4 'Structure model' 'Database references'       
5 4 'Structure model' 'Structure summary'         
# 
loop_
_pdbx_audit_revision_category.ordinal 
_pdbx_audit_revision_category.revision_ordinal 
_pdbx_audit_revision_category.data_content_type 
_pdbx_audit_revision_category.category 
1 4 'Structure model' chem_comp_atom            
2 4 'Structure model' chem_comp_bond            
3 4 'Structure model' database_2                
4 4 'Structure model' pdbx_entry_details        
5 4 'Structure model' pdbx_modification_feature 
# 
loop_
_pdbx_audit_revision_item.ordinal 
_pdbx_audit_revision_item.revision_ordinal 
_pdbx_audit_revision_item.data_content_type 
_pdbx_audit_revision_item.item 
1 4 'Structure model' '_database_2.pdbx_DOI'                
2 4 'Structure model' '_database_2.pdbx_database_accession' 
# 
_pdbx_database_status.status_code                     REL 
_pdbx_database_status.entry_id                        1SFP 
_pdbx_database_status.recvd_initial_deposition_date   1997-06-24 
_pdbx_database_status.deposit_site                    ? 
_pdbx_database_status.process_site                    BNL 
_pdbx_database_status.SG_entry                        . 
_pdbx_database_status.pdb_format_compatible           Y 
_pdbx_database_status.status_code_mr                  ? 
_pdbx_database_status.status_code_sf                  ? 
_pdbx_database_status.status_code_cs                  ? 
_pdbx_database_status.status_code_nmr_data            ? 
_pdbx_database_status.methods_development_category    ? 
# 
loop_
_audit_author.name 
_audit_author.pdbx_ordinal 
'Romao, M.J.'         1 
'Kolln, I.'           2 
'Dias, J.M.'          3 
'Carvalho, A.L.'      4 
'Romero, A.'          5 
'Varela, P.F.'        6 
'Sanz, L.'            7 
'Topfer-Petersen, E.' 8 
'Calvete, J.J.'       9 
# 
_citation.id                        primary 
_citation.title                     'The crystal structures of two spermadhesins reveal the CUB domain fold.' 
_citation.journal_abbrev            Nat.Struct.Biol. 
_citation.journal_volume            4 
_citation.page_first                783 
_citation.page_last                 788 
_citation.year                      1997 
_citation.journal_id_ASTM           NSBIEW 
_citation.country                   US 
_citation.journal_id_ISSN           1072-8368 
_citation.journal_id_CSD            2024 
_citation.book_publisher            ? 
_citation.pdbx_database_id_PubMed   9334740 
_citation.pdbx_database_id_DOI      10.1038/nsb1097-783 
# 
loop_
_citation_author.citation_id 
_citation_author.name 
_citation_author.ordinal 
_citation_author.identifier_ORCID 
primary 'Romero, A.'          1 ? 
primary 'Romao, M.J.'         2 ? 
primary 'Varela, P.F.'        3 ? 
primary 'Kolln, I.'           4 ? 
primary 'Dias, J.M.'          5 ? 
primary 'Carvalho, A.L.'      6 ? 
primary 'Sanz, L.'            7 ? 
primary 'Topfer-Petersen, E.' 8 ? 
primary 'Calvete, J.J.'       9 ? 
# 
loop_
_entity.id 
_entity.type 
_entity.src_method 
_entity.pdbx_description 
_entity.formula_weight 
_entity.pdbx_number_of_molecules 
_entity.pdbx_ec 
_entity.pdbx_mutation 
_entity.pdbx_fragment 
_entity.details 
1 polymer nat ASFP  12932.735 1  ? ? ? ASFP 
2 water   nat water 18.015    74 ? ? ? ?    
# 
_entity_name_com.entity_id   1 
_entity_name_com.name        'ACIDIC SEMINAL PROTEIN' 
# 
_entity_poly.entity_id                      1 
_entity_poly.type                           'polypeptide(L)' 
_entity_poly.nstd_linkage                   no 
_entity_poly.nstd_monomer                   no 
_entity_poly.pdbx_seq_one_letter_code       
;MDWLPRNTNCGGILKEESGVIATYYGPKTNCVWTIQMPPEYHVRVSIQYLQLNCNKESLEIIDGLPGSPVLGKICEGSLM
DYRSSGSIMTVKYIREPEHPASFYEVLYFQDPQA
;
_entity_poly.pdbx_seq_one_letter_code_can   
;MDWLPRNTNCGGILKEESGVIATYYGPKTNCVWTIQMPPEYHVRVSIQYLQLNCNKESLEIIDGLPGSPVLGKICEGSLM
DYRSSGSIMTVKYIREPEHPASFYEVLYFQDPQA
;
_entity_poly.pdbx_strand_id                 A 
_entity_poly.pdbx_target_identifier         ? 
# 
_pdbx_entity_nonpoly.entity_id   2 
_pdbx_entity_nonpoly.name        water 
_pdbx_entity_nonpoly.comp_id     HOH 
# 
loop_
_entity_poly_seq.entity_id 
_entity_poly_seq.num 
_entity_poly_seq.mon_id 
_entity_poly_seq.hetero 
1 1   MET n 
1 2   ASP n 
1 3   TRP n 
1 4   LEU n 
1 5   PRO n 
1 6   ARG n 
1 7   ASN n 
1 8   THR n 
1 9   ASN n 
1 10  CYS n 
1 11  GLY n 
1 12  GLY n 
1 13  ILE n 
1 14  LEU n 
1 15  LYS n 
1 16  GLU n 
1 17  GLU n 
1 18  SER n 
1 19  GLY n 
1 20  VAL n 
1 21  ILE n 
1 22  ALA n 
1 23  THR n 
1 24  TYR n 
1 25  TYR n 
1 26  GLY n 
1 27  PRO n 
1 28  LYS n 
1 29  THR n 
1 30  ASN n 
1 31  CYS n 
1 32  VAL n 
1 33  TRP n 
1 34  THR n 
1 35  ILE n 
1 36  GLN n 
1 37  MET n 
1 38  PRO n 
1 39  PRO n 
1 40  GLU n 
1 41  TYR n 
1 42  HIS n 
1 43  VAL n 
1 44  ARG n 
1 45  VAL n 
1 46  SER n 
1 47  ILE n 
1 48  GLN n 
1 49  TYR n 
1 50  LEU n 
1 51  GLN n 
1 52  LEU n 
1 53  ASN n 
1 54  CYS n 
1 55  ASN n 
1 56  LYS n 
1 57  GLU n 
1 58  SER n 
1 59  LEU n 
1 60  GLU n 
1 61  ILE n 
1 62  ILE n 
1 63  ASP n 
1 64  GLY n 
1 65  LEU n 
1 66  PRO n 
1 67  GLY n 
1 68  SER n 
1 69  PRO n 
1 70  VAL n 
1 71  LEU n 
1 72  GLY n 
1 73  LYS n 
1 74  ILE n 
1 75  CYS n 
1 76  GLU n 
1 77  GLY n 
1 78  SER n 
1 79  LEU n 
1 80  MET n 
1 81  ASP n 
1 82  TYR n 
1 83  ARG n 
1 84  SER n 
1 85  SER n 
1 86  GLY n 
1 87  SER n 
1 88  ILE n 
1 89  MET n 
1 90  THR n 
1 91  VAL n 
1 92  LYS n 
1 93  TYR n 
1 94  ILE n 
1 95  ARG n 
1 96  GLU n 
1 97  PRO n 
1 98  GLU n 
1 99  HIS n 
1 100 PRO n 
1 101 ALA n 
1 102 SER n 
1 103 PHE n 
1 104 TYR n 
1 105 GLU n 
1 106 VAL n 
1 107 LEU n 
1 108 TYR n 
1 109 PHE n 
1 110 GLN n 
1 111 ASP n 
1 112 PRO n 
1 113 GLN n 
1 114 ALA n 
# 
_entity_src_nat.entity_id                  1 
_entity_src_nat.pdbx_src_id                1 
_entity_src_nat.pdbx_alt_source_flag       sample 
_entity_src_nat.pdbx_beg_seq_num           ? 
_entity_src_nat.pdbx_end_seq_num           ? 
_entity_src_nat.common_name                cattle 
_entity_src_nat.pdbx_organism_scientific   'Bos taurus' 
_entity_src_nat.pdbx_ncbi_taxonomy_id      9913 
_entity_src_nat.genus                      Bos 
_entity_src_nat.species                    ? 
_entity_src_nat.strain                     ? 
_entity_src_nat.tissue                     ? 
_entity_src_nat.tissue_fraction            ? 
_entity_src_nat.pdbx_secretion             'SEMINAL PLASMA' 
_entity_src_nat.pdbx_fragment              ? 
_entity_src_nat.pdbx_variant               ? 
_entity_src_nat.pdbx_cell_line             ? 
_entity_src_nat.pdbx_atcc                  ? 
_entity_src_nat.pdbx_cellular_location     ? 
_entity_src_nat.pdbx_organ                 ? 
_entity_src_nat.pdbx_organelle             ? 
_entity_src_nat.pdbx_cell                  ? 
_entity_src_nat.pdbx_plasmid_name          ? 
_entity_src_nat.pdbx_plasmid_details       ? 
_entity_src_nat.details                    ? 
# 
loop_
_chem_comp.id 
_chem_comp.type 
_chem_comp.mon_nstd_flag 
_chem_comp.name 
_chem_comp.pdbx_synonyms 
_chem_comp.formula 
_chem_comp.formula_weight 
ALA 'L-peptide linking' y ALANINE         ? 'C3 H7 N O2'     89.093  
ARG 'L-peptide linking' y ARGININE        ? 'C6 H15 N4 O2 1' 175.209 
ASN 'L-peptide linking' y ASPARAGINE      ? 'C4 H8 N2 O3'    132.118 
ASP 'L-peptide linking' y 'ASPARTIC ACID' ? 'C4 H7 N O4'     133.103 
CYS 'L-peptide linking' y CYSTEINE        ? 'C3 H7 N O2 S'   121.158 
GLN 'L-peptide linking' y GLUTAMINE       ? 'C5 H10 N2 O3'   146.144 
GLU 'L-peptide linking' y 'GLUTAMIC ACID' ? 'C5 H9 N O4'     147.129 
GLY 'peptide linking'   y GLYCINE         ? 'C2 H5 N O2'     75.067  
HIS 'L-peptide linking' y HISTIDINE       ? 'C6 H10 N3 O2 1' 156.162 
HOH non-polymer         . WATER           ? 'H2 O'           18.015  
ILE 'L-peptide linking' y ISOLEUCINE      ? 'C6 H13 N O2'    131.173 
LEU 'L-peptide linking' y LEUCINE         ? 'C6 H13 N O2'    131.173 
LYS 'L-peptide linking' y LYSINE          ? 'C6 H15 N2 O2 1' 147.195 
MET 'L-peptide linking' y METHIONINE      ? 'C5 H11 N O2 S'  149.211 
PHE 'L-peptide linking' y PHENYLALANINE   ? 'C9 H11 N O2'    165.189 
PRO 'L-peptide linking' y PROLINE         ? 'C5 H9 N O2'     115.130 
SER 'L-peptide linking' y SERINE          ? 'C3 H7 N O3'     105.093 
THR 'L-peptide linking' y THREONINE       ? 'C4 H9 N O3'     119.119 
TRP 'L-peptide linking' y TRYPTOPHAN      ? 'C11 H12 N2 O2'  204.225 
TYR 'L-peptide linking' y TYROSINE        ? 'C9 H11 N O3'    181.189 
VAL 'L-peptide linking' y VALINE          ? 'C5 H11 N O2'    117.146 
# 
loop_
_pdbx_poly_seq_scheme.asym_id 
_pdbx_poly_seq_scheme.entity_id 
_pdbx_poly_seq_scheme.seq_id 
_pdbx_poly_seq_scheme.mon_id 
_pdbx_poly_seq_scheme.ndb_seq_num 
_pdbx_poly_seq_scheme.pdb_seq_num 
_pdbx_poly_seq_scheme.auth_seq_num 
_pdbx_poly_seq_scheme.pdb_mon_id 
_pdbx_poly_seq_scheme.auth_mon_id 
_pdbx_poly_seq_scheme.pdb_strand_id 
_pdbx_poly_seq_scheme.pdb_ins_code 
_pdbx_poly_seq_scheme.hetero 
A 1 1   MET 1   1   ?   ?   ?   A . n 
A 1 2   ASP 2   2   ?   ?   ?   A . n 
A 1 3   TRP 3   3   ?   ?   ?   A . n 
A 1 4   LEU 4   4   4   LEU LEU A . n 
A 1 5   PRO 5   5   5   PRO PRO A . n 
A 1 6   ARG 6   6   6   ARG ARG A . n 
A 1 7   ASN 7   7   7   ASN ASN A . n 
A 1 8   THR 8   8   8   THR THR A . n 
A 1 9   ASN 9   9   9   ASN ASN A . n 
A 1 10  CYS 10  10  10  CYS CYS A . n 
A 1 11  GLY 11  11  11  GLY GLY A . n 
A 1 12  GLY 12  12  12  GLY GLY A . n 
A 1 13  ILE 13  13  13  ILE ILE A . n 
A 1 14  LEU 14  14  14  LEU LEU A . n 
A 1 15  LYS 15  15  15  LYS LYS A . n 
A 1 16  GLU 16  16  16  GLU GLU A . n 
A 1 17  GLU 17  17  17  GLU GLU A . n 
A 1 18  SER 18  18  18  SER SER A . n 
A 1 19  GLY 19  19  19  GLY GLY A . n 
A 1 20  VAL 20  20  20  VAL VAL A . n 
A 1 21  ILE 21  21  21  ILE ILE A . n 
A 1 22  ALA 22  22  22  ALA ALA A . n 
A 1 23  THR 23  23  23  THR THR A . n 
A 1 24  TYR 24  24  24  TYR TYR A . n 
A 1 25  TYR 25  25  25  TYR TYR A . n 
A 1 26  GLY 26  26  26  GLY GLY A . n 
A 1 27  PRO 27  27  27  PRO PRO A . n 
A 1 28  LYS 28  28  28  LYS LYS A . n 
A 1 29  THR 29  29  29  THR THR A . n 
A 1 30  ASN 30  30  30  ASN ASN A . n 
A 1 31  CYS 31  31  31  CYS CYS A . n 
A 1 32  VAL 32  32  32  VAL VAL A . n 
A 1 33  TRP 33  33  33  TRP TRP A . n 
A 1 34  THR 34  34  34  THR THR A . n 
A 1 35  ILE 35  35  35  ILE ILE A . n 
A 1 36  GLN 36  36  36  GLN GLN A . n 
A 1 37  MET 37  37  37  MET MET A . n 
A 1 38  PRO 38  38  38  PRO PRO A . n 
A 1 39  PRO 39  39  39  PRO PRO A . n 
A 1 40  GLU 40  40  40  GLU GLU A . n 
A 1 41  TYR 41  41  41  TYR TYR A . n 
A 1 42  HIS 42  42  42  HIS HIS A . n 
A 1 43  VAL 43  43  43  VAL VAL A . n 
A 1 44  ARG 44  44  44  ARG ARG A . n 
A 1 45  VAL 45  45  45  VAL VAL A . n 
A 1 46  SER 46  46  46  SER SER A . n 
A 1 47  ILE 47  47  47  ILE ILE A . n 
A 1 48  GLN 48  48  48  GLN GLN A . n 
A 1 49  TYR 49  49  49  TYR TYR A . n 
A 1 50  LEU 50  50  50  LEU LEU A . n 
A 1 51  GLN 51  51  51  GLN GLN A . n 
A 1 52  LEU 52  52  52  LEU LEU A . n 
A 1 53  ASN 53  53  53  ASN ASN A . n 
A 1 54  CYS 54  54  54  CYS CYS A . n 
A 1 55  ASN 55  55  55  ASN ASN A . n 
A 1 56  LYS 56  56  56  LYS LYS A . n 
A 1 57  GLU 57  57  57  GLU GLU A . n 
A 1 58  SER 58  58  58  SER SER A . n 
A 1 59  LEU 59  59  59  LEU LEU A . n 
A 1 60  GLU 60  60  60  GLU GLU A . n 
A 1 61  ILE 61  61  61  ILE ILE A . n 
A 1 62  ILE 62  62  62  ILE ILE A . n 
A 1 63  ASP 63  63  63  ASP ASP A . n 
A 1 64  GLY 64  64  64  GLY GLY A . n 
A 1 65  LEU 65  65  65  LEU LEU A . n 
A 1 66  PRO 66  66  66  PRO PRO A . n 
A 1 67  GLY 67  67  67  GLY GLY A . n 
A 1 68  SER 68  68  68  SER SER A . n 
A 1 69  PRO 69  69  69  PRO PRO A . n 
A 1 70  VAL 70  70  70  VAL VAL A . n 
A 1 71  LEU 71  71  71  LEU LEU A . n 
A 1 72  GLY 72  72  72  GLY GLY A . n 
A 1 73  LYS 73  73  73  LYS LYS A . n 
A 1 74  ILE 74  74  74  ILE ILE A . n 
A 1 75  CYS 75  75  75  CYS CYS A . n 
A 1 76  GLU 76  76  76  GLU GLU A . n 
A 1 77  GLY 77  77  77  GLY GLY A . n 
A 1 78  SER 78  78  78  SER SER A . n 
A 1 79  LEU 79  79  79  LEU LEU A . n 
A 1 80  MET 80  80  80  MET MET A . n 
A 1 81  ASP 81  81  81  ASP ASP A . n 
A 1 82  TYR 82  82  82  TYR TYR A . n 
A 1 83  ARG 83  83  83  ARG ARG A . n 
A 1 84  SER 84  84  84  SER SER A . n 
A 1 85  SER 85  85  85  SER SER A . n 
A 1 86  GLY 86  86  86  GLY GLY A . n 
A 1 87  SER 87  87  87  SER SER A . n 
A 1 88  ILE 88  88  88  ILE ILE A . n 
A 1 89  MET 89  89  89  MET MET A . n 
A 1 90  THR 90  90  90  THR THR A . n 
A 1 91  VAL 91  91  91  VAL VAL A . n 
A 1 92  LYS 92  92  92  LYS LYS A . n 
A 1 93  TYR 93  93  93  TYR TYR A . n 
A 1 94  ILE 94  94  94  ILE ILE A . n 
A 1 95  ARG 95  95  95  ARG ARG A . n 
A 1 96  GLU 96  96  96  GLU GLU A . n 
A 1 97  PRO 97  97  97  PRO PRO A . n 
A 1 98  GLU 98  98  98  GLU GLU A . n 
A 1 99  HIS 99  99  99  HIS HIS A . n 
A 1 100 PRO 100 100 100 PRO PRO A . n 
A 1 101 ALA 101 101 101 ALA ALA A . n 
A 1 102 SER 102 102 102 SER SER A . n 
A 1 103 PHE 103 103 103 PHE PHE A . n 
A 1 104 TYR 104 104 104 TYR TYR A . n 
A 1 105 GLU 105 105 105 GLU GLU A . n 
A 1 106 VAL 106 106 106 VAL VAL A . n 
A 1 107 LEU 107 107 107 LEU LEU A . n 
A 1 108 TYR 108 108 108 TYR TYR A . n 
A 1 109 PHE 109 109 109 PHE PHE A . n 
A 1 110 GLN 110 110 110 GLN GLN A . n 
A 1 111 ASP 111 111 111 ASP ASP A . n 
A 1 112 PRO 112 112 112 PRO PRO A . n 
A 1 113 GLN 113 113 113 GLN GLN A . n 
A 1 114 ALA 114 114 114 ALA ALA A . n 
# 
loop_
_pdbx_nonpoly_scheme.asym_id 
_pdbx_nonpoly_scheme.entity_id 
_pdbx_nonpoly_scheme.mon_id 
_pdbx_nonpoly_scheme.ndb_seq_num 
_pdbx_nonpoly_scheme.pdb_seq_num 
_pdbx_nonpoly_scheme.auth_seq_num 
_pdbx_nonpoly_scheme.pdb_mon_id 
_pdbx_nonpoly_scheme.auth_mon_id 
_pdbx_nonpoly_scheme.pdb_strand_id 
_pdbx_nonpoly_scheme.pdb_ins_code 
B 2 HOH 1  115 115 HOH HOH A . 
B 2 HOH 2  116 116 HOH HOH A . 
B 2 HOH 3  117 117 HOH HOH A . 
B 2 HOH 4  118 118 HOH HOH A . 
B 2 HOH 5  119 119 HOH HOH A . 
B 2 HOH 6  120 120 HOH HOH A . 
B 2 HOH 7  121 121 HOH HOH A . 
B 2 HOH 8  122 122 HOH HOH A . 
B 2 HOH 9  123 123 HOH HOH A . 
B 2 HOH 10 124 124 HOH HOH A . 
B 2 HOH 11 125 125 HOH HOH A . 
B 2 HOH 12 126 126 HOH HOH A . 
B 2 HOH 13 127 127 HOH HOH A . 
B 2 HOH 14 128 128 HOH HOH A . 
B 2 HOH 15 129 129 HOH HOH A . 
B 2 HOH 16 130 130 HOH HOH A . 
B 2 HOH 17 131 131 HOH HOH A . 
B 2 HOH 18 132 132 HOH HOH A . 
B 2 HOH 19 133 133 HOH HOH A . 
B 2 HOH 20 134 134 HOH HOH A . 
B 2 HOH 21 135 135 HOH HOH A . 
B 2 HOH 22 136 136 HOH HOH A . 
B 2 HOH 23 137 137 HOH HOH A . 
B 2 HOH 24 138 138 HOH HOH A . 
B 2 HOH 25 139 139 HOH HOH A . 
B 2 HOH 26 140 140 HOH HOH A . 
B 2 HOH 27 141 141 HOH HOH A . 
B 2 HOH 28 142 142 HOH HOH A . 
B 2 HOH 29 143 143 HOH HOH A . 
B 2 HOH 30 144 144 HOH HOH A . 
B 2 HOH 31 145 145 HOH HOH A . 
B 2 HOH 32 146 146 HOH HOH A . 
B 2 HOH 33 147 147 HOH HOH A . 
B 2 HOH 34 148 148 HOH HOH A . 
B 2 HOH 35 149 149 HOH HOH A . 
B 2 HOH 36 150 150 HOH HOH A . 
B 2 HOH 37 151 151 HOH HOH A . 
B 2 HOH 38 152 152 HOH HOH A . 
B 2 HOH 39 153 153 HOH HOH A . 
B 2 HOH 40 154 154 HOH HOH A . 
B 2 HOH 41 155 155 HOH HOH A . 
B 2 HOH 42 156 156 HOH HOH A . 
B 2 HOH 43 157 157 HOH HOH A . 
B 2 HOH 44 158 158 HOH HOH A . 
B 2 HOH 45 159 159 HOH HOH A . 
B 2 HOH 46 160 160 HOH HOH A . 
B 2 HOH 47 161 161 HOH HOH A . 
B 2 HOH 48 162 162 HOH HOH A . 
B 2 HOH 49 163 163 HOH HOH A . 
B 2 HOH 50 164 164 HOH HOH A . 
B 2 HOH 51 165 165 HOH HOH A . 
B 2 HOH 52 166 166 HOH HOH A . 
B 2 HOH 53 167 167 HOH HOH A . 
B 2 HOH 54 168 168 HOH HOH A . 
B 2 HOH 55 169 169 HOH HOH A . 
B 2 HOH 56 170 170 HOH HOH A . 
B 2 HOH 57 171 171 HOH HOH A . 
B 2 HOH 58 172 172 HOH HOH A . 
B 2 HOH 59 173 173 HOH HOH A . 
B 2 HOH 60 174 174 HOH HOH A . 
B 2 HOH 61 175 175 HOH HOH A . 
B 2 HOH 62 176 176 HOH HOH A . 
B 2 HOH 63 177 177 HOH HOH A . 
B 2 HOH 64 178 178 HOH HOH A . 
B 2 HOH 65 179 179 HOH HOH A . 
B 2 HOH 66 180 180 HOH HOH A . 
B 2 HOH 67 181 181 HOH HOH A . 
B 2 HOH 68 182 182 HOH HOH A . 
B 2 HOH 69 183 183 HOH HOH A . 
B 2 HOH 70 184 184 HOH HOH A . 
B 2 HOH 71 185 185 HOH HOH A . 
B 2 HOH 72 186 186 HOH HOH A . 
B 2 HOH 73 187 187 HOH HOH A . 
B 2 HOH 74 188 188 HOH HOH A . 
# 
loop_
_pdbx_unobs_or_zero_occ_atoms.id 
_pdbx_unobs_or_zero_occ_atoms.PDB_model_num 
_pdbx_unobs_or_zero_occ_atoms.polymer_flag 
_pdbx_unobs_or_zero_occ_atoms.occupancy_flag 
_pdbx_unobs_or_zero_occ_atoms.auth_asym_id 
_pdbx_unobs_or_zero_occ_atoms.auth_comp_id 
_pdbx_unobs_or_zero_occ_atoms.auth_seq_id 
_pdbx_unobs_or_zero_occ_atoms.PDB_ins_code 
_pdbx_unobs_or_zero_occ_atoms.auth_atom_id 
_pdbx_unobs_or_zero_occ_atoms.label_alt_id 
_pdbx_unobs_or_zero_occ_atoms.label_asym_id 
_pdbx_unobs_or_zero_occ_atoms.label_comp_id 
_pdbx_unobs_or_zero_occ_atoms.label_seq_id 
_pdbx_unobs_or_zero_occ_atoms.label_atom_id 
1 1 Y 0 A LYS 28 ? CE ? A LYS 28 CE 
2 1 Y 0 A LYS 28 ? NZ ? A LYS 28 NZ 
# 
loop_
_software.name 
_software.classification 
_software.version 
_software.citation_id 
_software.pdbx_ordinal 
DENZO     'data reduction' . ? 1 
SCALEPACK 'data scaling'   . ? 2 
SHELXL-96 'model building' . ? 3 
SHELXL-96 refinement       . ? 4 
SHELXL-96 phasing          . ? 5 
# 
_cell.entry_id           1SFP 
_cell.length_a           41.550 
_cell.length_b           52.440 
_cell.length_c           48.190 
_cell.angle_alpha        90.00 
_cell.angle_beta         90.00 
_cell.angle_gamma        90.00 
_cell.Z_PDB              4 
_cell.pdbx_unique_axis   ? 
# 
_symmetry.entry_id                         1SFP 
_symmetry.space_group_name_H-M             'P 21 21 2' 
_symmetry.pdbx_full_space_group_name_H-M   ? 
_symmetry.cell_setting                     ? 
_symmetry.Int_Tables_number                18 
# 
_exptl.entry_id          1SFP 
_exptl.method            'X-RAY DIFFRACTION' 
_exptl.crystals_number   1 
# 
_exptl_crystal.id                    1 
_exptl_crystal.density_meas          ? 
_exptl_crystal.density_Matthews      2.04 
_exptl_crystal.density_percent_sol   40. 
_exptl_crystal.description           ? 
# 
_exptl_crystal_grow.crystal_id      1 
_exptl_crystal_grow.method          ? 
_exptl_crystal_grow.temp            ? 
_exptl_crystal_grow.temp_details    ? 
_exptl_crystal_grow.pH              4.7 
_exptl_crystal_grow.pdbx_pH_range   ? 
_exptl_crystal_grow.pdbx_details    'AMMONIUM SULFATE, PH 4.7, POLYETHYLENEGLYCOL 4000, 10% DIOXANE' 
# 
_diffrn.id                     1 
_diffrn.ambient_temp           298 
_diffrn.ambient_temp_details   ? 
_diffrn.crystal_id             1 
# 
_diffrn_detector.diffrn_id              1 
_diffrn_detector.detector               'IMAGE PLATE' 
_diffrn_detector.type                   MARRESEARCH 
_diffrn_detector.pdbx_collection_date   ? 
_diffrn_detector.details                ? 
# 
_diffrn_radiation.diffrn_id                        1 
_diffrn_radiation.wavelength_id                    1 
_diffrn_radiation.pdbx_monochromatic_or_laue_m_l   M 
_diffrn_radiation.monochromator                    'GRAPHITE(002)' 
_diffrn_radiation.pdbx_diffrn_protocol             ? 
_diffrn_radiation.pdbx_scattering_type             x-ray 
# 
_diffrn_radiation_wavelength.id           1 
_diffrn_radiation_wavelength.wavelength   1.5418 
_diffrn_radiation_wavelength.wt           1.0 
# 
_diffrn_source.diffrn_id                   1 
_diffrn_source.source                      ? 
_diffrn_source.type                        ? 
_diffrn_source.pdbx_synchrotron_site       ? 
_diffrn_source.pdbx_synchrotron_beamline   ? 
_diffrn_source.pdbx_wavelength             1.5418 
_diffrn_source.pdbx_wavelength_list        ? 
# 
_reflns.entry_id                     1SFP 
_reflns.observed_criterion_sigma_I   ? 
_reflns.observed_criterion_sigma_F   ? 
_reflns.d_resolution_low             30. 
_reflns.d_resolution_high            1.9 
_reflns.number_obs                   8773 
_reflns.number_all                   ? 
_reflns.percent_possible_obs         94.8 
_reflns.pdbx_Rmerge_I_obs            ? 
_reflns.pdbx_Rsym_value              0.082 
_reflns.pdbx_netI_over_sigmaI        8.4 
_reflns.B_iso_Wilson_estimate        ? 
_reflns.pdbx_redundancy              5.1 
_reflns.pdbx_diffrn_id               1 
_reflns.pdbx_ordinal                 1 
# 
_reflns_shell.d_res_high             1.90 
_reflns_shell.d_res_low              1.97 
_reflns_shell.percent_possible_all   98. 
_reflns_shell.Rmerge_I_obs           ? 
_reflns_shell.pdbx_Rsym_value        ? 
_reflns_shell.meanI_over_sigI_obs    ? 
_reflns_shell.pdbx_redundancy        ? 
_reflns_shell.pdbx_diffrn_id         ? 
_reflns_shell.pdbx_ordinal           1 
# 
_refine.entry_id                                 1SFP 
_refine.ls_number_reflns_obs                     ? 
_refine.ls_number_reflns_all                     8231 
_refine.pdbx_ls_sigma_I                          ? 
_refine.pdbx_ls_sigma_F                          ? 
_refine.pdbx_data_cutoff_high_absF               ? 
_refine.pdbx_data_cutoff_low_absF                ? 
_refine.pdbx_data_cutoff_high_rms_absF           ? 
_refine.ls_d_res_low                             10.00 
_refine.ls_d_res_high                            1.90 
_refine.ls_percent_reflns_obs                    94.8 
_refine.ls_R_factor_obs                          0.173 
_refine.ls_R_factor_all                          ? 
_refine.ls_R_factor_R_work                       ? 
_refine.ls_R_factor_R_free                       ? 
_refine.ls_R_factor_R_free_error                 ? 
_refine.ls_R_factor_R_free_error_details         ? 
_refine.ls_percent_reflns_R_free                 ? 
_refine.ls_number_reflns_R_free                  ? 
_refine.ls_number_parameters                     3839 
_refine.ls_number_restraints                     3634 
_refine.occupancy_min                            ? 
_refine.occupancy_max                            ? 
_refine.B_iso_mean                               ? 
_refine.aniso_B[1][1]                            ? 
_refine.aniso_B[2][2]                            ? 
_refine.aniso_B[3][3]                            ? 
_refine.aniso_B[1][2]                            ? 
_refine.aniso_B[1][3]                            ? 
_refine.aniso_B[2][3]                            ? 
_refine.solvent_model_details                    'MOEWS & KRETSINGER, J.MOL.BIOL.91(1973)201-228' 
_refine.solvent_model_param_ksol                 ? 
_refine.solvent_model_param_bsol                 ? 
_refine.pdbx_ls_cross_valid_method               ? 
_refine.details                                  ? 
_refine.pdbx_starting_model                      ? 
_refine.pdbx_method_to_determine_struct          'AB INITIO' 
_refine.pdbx_isotropic_thermal_model             ? 
_refine.pdbx_stereochemistry_target_values       'ENGH AND HUBER' 
_refine.pdbx_stereochem_target_val_spec_case     ? 
_refine.pdbx_R_Free_selection_details            ? 
_refine.pdbx_overall_ESU_R                       ? 
_refine.pdbx_overall_ESU_R_Free                  ? 
_refine.overall_SU_ML                            ? 
_refine.overall_SU_B                             ? 
_refine.pdbx_refine_id                           'X-RAY DIFFRACTION' 
_refine.pdbx_diffrn_id                           1 
_refine.pdbx_TLS_residual_ADP_flag               ? 
_refine.correlation_coeff_Fo_to_Fc               ? 
_refine.correlation_coeff_Fo_to_Fc_free          ? 
_refine.pdbx_solvent_vdw_probe_radii             ? 
_refine.pdbx_solvent_ion_probe_radii             ? 
_refine.pdbx_solvent_shrinkage_radii             ? 
_refine.pdbx_overall_phase_error                 ? 
_refine.overall_SU_R_Cruickshank_DPI             ? 
_refine.pdbx_overall_SU_R_free_Cruickshank_DPI   ? 
_refine.pdbx_overall_SU_R_Blow_DPI               ? 
_refine.pdbx_overall_SU_R_free_Blow_DPI          ? 
# 
_refine_analyze.entry_id                        1SFP 
_refine_analyze.Luzzati_coordinate_error_obs    ? 
_refine_analyze.Luzzati_sigma_a_obs             ? 
_refine_analyze.Luzzati_d_res_low_obs           ? 
_refine_analyze.Luzzati_coordinate_error_free   ? 
_refine_analyze.Luzzati_sigma_a_free            ? 
_refine_analyze.Luzzati_d_res_low_free          ? 
_refine_analyze.number_disordered_residues      4 
_refine_analyze.occupancy_sum_hydrogen          0.00 
_refine_analyze.occupancy_sum_non_hydrogen      948.00 
_refine_analyze.pdbx_refine_id                  'X-RAY DIFFRACTION' 
# 
_refine_hist.pdbx_refine_id                   'X-RAY DIFFRACTION' 
_refine_hist.cycle_id                         LAST 
_refine_hist.pdbx_number_atoms_protein        884 
_refine_hist.pdbx_number_atoms_nucleic_acid   0 
_refine_hist.pdbx_number_atoms_ligand         0 
_refine_hist.number_atoms_solvent             74 
_refine_hist.number_atoms_total               958 
_refine_hist.d_res_high                       1.90 
_refine_hist.d_res_low                        10.00 
# 
loop_
_refine_ls_restr.type 
_refine_ls_restr.dev_ideal 
_refine_ls_restr.dev_ideal_target 
_refine_ls_restr.weight 
_refine_ls_restr.number 
_refine_ls_restr.pdbx_refine_id 
_refine_ls_restr.pdbx_restraint_function 
s_bond_d               0.006 ? ? ? 'X-RAY DIFFRACTION' ? 
s_angle_d              0.022 ? ? ? 'X-RAY DIFFRACTION' ? 
s_similar_dist         0.000 ? ? ? 'X-RAY DIFFRACTION' ? 
s_from_restr_planes    0.348 ? ? ? 'X-RAY DIFFRACTION' ? 
s_zero_chiral_vol      0.107 ? ? ? 'X-RAY DIFFRACTION' ? 
s_non_zero_chiral_vol  0.107 ? ? ? 'X-RAY DIFFRACTION' ? 
s_anti_bump_dis_restr  0.014 ? ? ? 'X-RAY DIFFRACTION' ? 
s_rigid_bond_adp_cmpnt 0.000 ? ? ? 'X-RAY DIFFRACTION' ? 
s_similar_adp_cmpnt    0.119 ? ? ? 'X-RAY DIFFRACTION' ? 
s_approx_iso_adps      0.000 ? ? ? 'X-RAY DIFFRACTION' ? 
# 
_pdbx_refine.entry_id                                    1SFP 
_pdbx_refine.R_factor_all_no_cutoff                      ? 
_pdbx_refine.R_factor_obs_no_cutoff                      0.173 
_pdbx_refine.free_R_factor_no_cutoff                     ? 
_pdbx_refine.free_R_val_test_set_size_perc_no_cutoff     ? 
_pdbx_refine.free_R_val_test_set_ct_no_cutoff            ? 
_pdbx_refine.R_factor_all_4sig_cutoff                    ? 
_pdbx_refine.R_factor_obs_4sig_cutoff                    0.1451 
_pdbx_refine.free_R_factor_4sig_cutoff                   ? 
_pdbx_refine.free_R_val_test_set_size_perc_4sig_cutoff   ? 
_pdbx_refine.free_R_val_test_set_ct_4sig_cutoff          ? 
_pdbx_refine.number_reflns_obs_4sig_cutoff               6477 
_pdbx_refine.pdbx_refine_id                              'X-RAY DIFFRACTION' 
_pdbx_refine.free_R_error_no_cutoff                      ? 
# 
_struct.entry_id                  1SFP 
_struct.title                     
'CRYSTAL STRUCTURE OF ACIDIC SEMINAL FLUID PROTEIN (ASFP) AT 1.9 A RESOLUTION: A BOVINE POLYPEPTIDE FROM THE SPERMADHESIN FAMILY' 
_struct.pdbx_model_details        ? 
_struct.pdbx_CASP_flag            ? 
_struct.pdbx_model_type_details   ? 
# 
_struct_keywords.entry_id        1SFP 
_struct_keywords.pdbx_keywords   SPERMADHESIN 
_struct_keywords.text            
'SPERMADHESIN, BOVINE SEMINAL PLASMA PROTEIN, ACIDIC SEMINAL FLUID PROTEIN, ASFP, CUB DOMAIN, X-RAY CRYSTAL STRUCTURE, GROWTH FACTOR' 
# 
loop_
_struct_asym.id 
_struct_asym.pdbx_blank_PDB_chainid_flag 
_struct_asym.pdbx_modified 
_struct_asym.entity_id 
_struct_asym.details 
A N N 1 ? 
B N N 2 ? 
# 
_struct_ref.id                         1 
_struct_ref.db_name                    UNP 
_struct_ref.db_code                    ASFP_BOVIN 
_struct_ref.entity_id                  1 
_struct_ref.pdbx_db_accession          P29392 
_struct_ref.pdbx_align_begin           1 
_struct_ref.pdbx_seq_one_letter_code   
;MKLSSVIPWALLLSTATVDSMDWLPRNTNCGGILKEESGVIATYYGPKTNCVWTIQMPPEYHVRVSIQYLQLNCNKESLE
IIDGLPGSPVLGKICEGSLMDYRSSGSIMTVKYIREPEHPASFYEVLYFQDPQA
;
_struct_ref.pdbx_db_isoform            ? 
# 
_struct_ref_seq.align_id                      1 
_struct_ref_seq.ref_id                        1 
_struct_ref_seq.pdbx_PDB_id_code              1SFP 
_struct_ref_seq.pdbx_strand_id                A 
_struct_ref_seq.seq_align_beg                 1 
_struct_ref_seq.pdbx_seq_align_beg_ins_code   ? 
_struct_ref_seq.seq_align_end                 114 
_struct_ref_seq.pdbx_seq_align_end_ins_code   ? 
_struct_ref_seq.pdbx_db_accession             P29392 
_struct_ref_seq.db_align_beg                  21 
_struct_ref_seq.pdbx_db_align_beg_ins_code    ? 
_struct_ref_seq.db_align_end                  134 
_struct_ref_seq.pdbx_db_align_end_ins_code    ? 
_struct_ref_seq.pdbx_auth_seq_align_beg       1 
_struct_ref_seq.pdbx_auth_seq_align_end       114 
# 
_pdbx_struct_assembly.id                   1 
_pdbx_struct_assembly.details              author_defined_assembly 
_pdbx_struct_assembly.method_details       ? 
_pdbx_struct_assembly.oligomeric_details   dimeric 
_pdbx_struct_assembly.oligomeric_count     2 
# 
_pdbx_struct_assembly_gen.assembly_id       1 
_pdbx_struct_assembly_gen.oper_expression   1,2 
_pdbx_struct_assembly_gen.asym_id_list      A,B 
# 
loop_
_pdbx_struct_oper_list.id 
_pdbx_struct_oper_list.type 
_pdbx_struct_oper_list.name 
_pdbx_struct_oper_list.symmetry_operation 
_pdbx_struct_oper_list.matrix[1][1] 
_pdbx_struct_oper_list.matrix[1][2] 
_pdbx_struct_oper_list.matrix[1][3] 
_pdbx_struct_oper_list.vector[1] 
_pdbx_struct_oper_list.matrix[2][1] 
_pdbx_struct_oper_list.matrix[2][2] 
_pdbx_struct_oper_list.matrix[2][3] 
_pdbx_struct_oper_list.vector[2] 
_pdbx_struct_oper_list.matrix[3][1] 
_pdbx_struct_oper_list.matrix[3][2] 
_pdbx_struct_oper_list.matrix[3][3] 
_pdbx_struct_oper_list.vector[3] 
1 'identity operation'         1_555 x,y,z   1.0000000000  0.0000000000 0.0000000000  0.0000000000   0.0000000000 1.0000000000  0.0000000000  0.0000000000  0.0000000000  0.0000000000  1.0000000000 0.0000000000 
2 'crystal symmetry operation' 2_555 -x,-y,z -0.9605941405 0.0541681450 -0.2726255845 -18.8814949806 0.0541681450 -0.9255392987 -0.3747570129 15.1503244763 -0.2726255845 -0.3747570129 0.8861334391 0.2810573888 
# 
_struct_biol.id   1 
# 
loop_
_struct_conn.id 
_struct_conn.conn_type_id 
_struct_conn.pdbx_leaving_atom_flag 
_struct_conn.pdbx_PDB_id 
_struct_conn.ptnr1_label_asym_id 
_struct_conn.ptnr1_label_comp_id 
_struct_conn.ptnr1_label_seq_id 
_struct_conn.ptnr1_label_atom_id 
_struct_conn.pdbx_ptnr1_label_alt_id 
_struct_conn.pdbx_ptnr1_PDB_ins_code 
_struct_conn.pdbx_ptnr1_standard_comp_id 
_struct_conn.ptnr1_symmetry 
_struct_conn.ptnr2_label_asym_id 
_struct_conn.ptnr2_label_comp_id 
_struct_conn.ptnr2_label_seq_id 
_struct_conn.ptnr2_label_atom_id 
_struct_conn.pdbx_ptnr2_label_alt_id 
_struct_conn.pdbx_ptnr2_PDB_ins_code 
_struct_conn.ptnr1_auth_asym_id 
_struct_conn.ptnr1_auth_comp_id 
_struct_conn.ptnr1_auth_seq_id 
_struct_conn.ptnr2_auth_asym_id 
_struct_conn.ptnr2_auth_comp_id 
_struct_conn.ptnr2_auth_seq_id 
_struct_conn.ptnr2_symmetry 
_struct_conn.pdbx_ptnr3_label_atom_id 
_struct_conn.pdbx_ptnr3_label_seq_id 
_struct_conn.pdbx_ptnr3_label_comp_id 
_struct_conn.pdbx_ptnr3_label_asym_id 
_struct_conn.pdbx_ptnr3_label_alt_id 
_struct_conn.pdbx_ptnr3_PDB_ins_code 
_struct_conn.details 
_struct_conn.pdbx_dist_value 
_struct_conn.pdbx_value_order 
_struct_conn.pdbx_role 
disulf1 disulf ? ? A CYS 10 SG ? ? ? 1_555 A CYS 31 SG ? ? A CYS 10 A CYS 31 1_555 ? ? ? ? ? ? ? 2.049 ? ? 
disulf2 disulf ? ? A CYS 54 SG A ? ? 1_555 A CYS 75 SG A ? A CYS 54 A CYS 75 1_555 ? ? ? ? ? ? ? 1.733 ? ? 
disulf3 disulf ? ? A CYS 54 SG B ? ? 1_555 A CYS 75 SG B ? A CYS 54 A CYS 75 1_555 ? ? ? ? ? ? ? 1.630 ? ? 
# 
_struct_conn_type.id          disulf 
_struct_conn_type.criteria    ? 
_struct_conn_type.reference   ? 
# 
loop_
_pdbx_modification_feature.ordinal 
_pdbx_modification_feature.label_comp_id 
_pdbx_modification_feature.label_asym_id 
_pdbx_modification_feature.label_seq_id 
_pdbx_modification_feature.label_alt_id 
_pdbx_modification_feature.modified_residue_label_comp_id 
_pdbx_modification_feature.modified_residue_label_asym_id 
_pdbx_modification_feature.modified_residue_label_seq_id 
_pdbx_modification_feature.modified_residue_label_alt_id 
_pdbx_modification_feature.auth_comp_id 
_pdbx_modification_feature.auth_asym_id 
_pdbx_modification_feature.auth_seq_id 
_pdbx_modification_feature.PDB_ins_code 
_pdbx_modification_feature.symmetry 
_pdbx_modification_feature.modified_residue_auth_comp_id 
_pdbx_modification_feature.modified_residue_auth_asym_id 
_pdbx_modification_feature.modified_residue_auth_seq_id 
_pdbx_modification_feature.modified_residue_PDB_ins_code 
_pdbx_modification_feature.modified_residue_symmetry 
_pdbx_modification_feature.comp_id_linking_atom 
_pdbx_modification_feature.modified_residue_id_linking_atom 
_pdbx_modification_feature.modified_residue_id 
_pdbx_modification_feature.ref_pcm_id 
_pdbx_modification_feature.ref_comp_id 
_pdbx_modification_feature.type 
_pdbx_modification_feature.category 
1 CYS A 10 ? CYS A 31 ? CYS A 10 ? 1_555 CYS A 31 ? 1_555 SG SG . . . None 'Disulfide bridge' 
2 CYS A 54 A CYS A 75 A CYS A 54 ? 1_555 CYS A 75 ? 1_555 SG SG . . . None 'Disulfide bridge' 
3 CYS A 54 B CYS A 75 B CYS A 54 ? 1_555 CYS A 75 ? 1_555 SG SG . . . None 'Disulfide bridge' 
# 
_struct_mon_prot_cis.pdbx_id                1 
_struct_mon_prot_cis.label_comp_id          ASP 
_struct_mon_prot_cis.label_seq_id           111 
_struct_mon_prot_cis.label_asym_id          A 
_struct_mon_prot_cis.label_alt_id           . 
_struct_mon_prot_cis.pdbx_PDB_ins_code      ? 
_struct_mon_prot_cis.auth_comp_id           ASP 
_struct_mon_prot_cis.auth_seq_id            111 
_struct_mon_prot_cis.auth_asym_id           A 
_struct_mon_prot_cis.pdbx_label_comp_id_2   PRO 
_struct_mon_prot_cis.pdbx_label_seq_id_2    112 
_struct_mon_prot_cis.pdbx_label_asym_id_2   A 
_struct_mon_prot_cis.pdbx_PDB_ins_code_2    ? 
_struct_mon_prot_cis.pdbx_auth_comp_id_2    PRO 
_struct_mon_prot_cis.pdbx_auth_seq_id_2     112 
_struct_mon_prot_cis.pdbx_auth_asym_id_2    A 
_struct_mon_prot_cis.pdbx_PDB_model_num     1 
_struct_mon_prot_cis.pdbx_omega_angle       -4.31 
# 
loop_
_struct_sheet.id 
_struct_sheet.type 
_struct_sheet.number_strands 
_struct_sheet.details 
A ? 5 ? 
B ? 4 ? 
C ? 2 ? 
# 
loop_
_struct_sheet_order.sheet_id 
_struct_sheet_order.range_id_1 
_struct_sheet_order.range_id_2 
_struct_sheet_order.offset 
_struct_sheet_order.sense 
A 1 2 ? parallel      
A 2 3 ? anti-parallel 
A 3 4 ? anti-parallel 
A 4 5 ? anti-parallel 
B 1 2 ? anti-parallel 
B 2 3 ? anti-parallel 
B 3 4 ? anti-parallel 
C 1 2 ? anti-parallel 
# 
loop_
_struct_sheet_range.sheet_id 
_struct_sheet_range.id 
_struct_sheet_range.beg_label_comp_id 
_struct_sheet_range.beg_label_asym_id 
_struct_sheet_range.beg_label_seq_id 
_struct_sheet_range.pdbx_beg_PDB_ins_code 
_struct_sheet_range.end_label_comp_id 
_struct_sheet_range.end_label_asym_id 
_struct_sheet_range.end_label_seq_id 
_struct_sheet_range.pdbx_end_PDB_ins_code 
_struct_sheet_range.beg_auth_comp_id 
_struct_sheet_range.beg_auth_asym_id 
_struct_sheet_range.beg_auth_seq_id 
_struct_sheet_range.end_auth_comp_id 
_struct_sheet_range.end_auth_asym_id 
_struct_sheet_range.end_auth_seq_id 
A 1 GLY A 12  ? LEU A 14  ? GLY A 12  LEU A 14  
A 2 ASN A 30  ? GLN A 36  ? ASN A 30  GLN A 36  
A 3 ILE A 88  ? ARG A 95  ? ILE A 88  ARG A 95  
A 4 GLU A 57  ? ILE A 62  ? GLU A 57  ILE A 62  
A 5 VAL A 70  ? ILE A 74  ? VAL A 70  ILE A 74  
B 1 SER A 18  ? ALA A 22  ? SER A 18  ALA A 22  
B 2 GLU A 105 ? ASP A 111 ? GLU A 105 ASP A 111 
B 3 HIS A 42  ? ILE A 47  ? HIS A 42  ILE A 47  
B 4 MET A 80  ? ARG A 83  ? MET A 80  ARG A 83  
C 1 TYR A 49  ? GLN A 51  ? TYR A 49  GLN A 51  
C 2 GLU A 76  ? SER A 78  ? GLU A 76  SER A 78  
# 
loop_
_pdbx_struct_sheet_hbond.sheet_id 
_pdbx_struct_sheet_hbond.range_id_1 
_pdbx_struct_sheet_hbond.range_id_2 
_pdbx_struct_sheet_hbond.range_1_label_atom_id 
_pdbx_struct_sheet_hbond.range_1_label_comp_id 
_pdbx_struct_sheet_hbond.range_1_label_asym_id 
_pdbx_struct_sheet_hbond.range_1_label_seq_id 
_pdbx_struct_sheet_hbond.range_1_PDB_ins_code 
_pdbx_struct_sheet_hbond.range_1_auth_atom_id 
_pdbx_struct_sheet_hbond.range_1_auth_comp_id 
_pdbx_struct_sheet_hbond.range_1_auth_asym_id 
_pdbx_struct_sheet_hbond.range_1_auth_seq_id 
_pdbx_struct_sheet_hbond.range_2_label_atom_id 
_pdbx_struct_sheet_hbond.range_2_label_comp_id 
_pdbx_struct_sheet_hbond.range_2_label_asym_id 
_pdbx_struct_sheet_hbond.range_2_label_seq_id 
_pdbx_struct_sheet_hbond.range_2_PDB_ins_code 
_pdbx_struct_sheet_hbond.range_2_auth_atom_id 
_pdbx_struct_sheet_hbond.range_2_auth_comp_id 
_pdbx_struct_sheet_hbond.range_2_auth_asym_id 
_pdbx_struct_sheet_hbond.range_2_auth_seq_id 
A 1 2 O GLY A 12  ? O GLY A 12  N THR A 34  ? N THR A 34  
A 2 3 O CYS A 31  ? O CYS A 31  N TYR A 93  ? N TYR A 93  
A 3 4 O THR A 90  ? O THR A 90  N ILE A 62  ? N ILE A 62  
A 4 5 O LEU A 59  ? O LEU A 59  N ILE A 74  ? N ILE A 74  
B 1 2 O GLY A 19  ? O GLY A 19  N TYR A 108 ? N TYR A 108 
B 2 3 O LEU A 107 ? O LEU A 107 N SER A 46  ? N SER A 46  
B 3 4 O VAL A 45  ? O VAL A 45  N TYR A 82  ? N TYR A 82  
C 1 2 O LEU A 50  ? O LEU A 50  N GLY A 77  ? N GLY A 77  
# 
_pdbx_entry_details.entry_id                   1SFP 
_pdbx_entry_details.compound_details           ? 
_pdbx_entry_details.source_details             ? 
_pdbx_entry_details.nonpolymer_details         ? 
_pdbx_entry_details.sequence_details           ? 
_pdbx_entry_details.has_ligand_of_interest     ? 
_pdbx_entry_details.has_protein_modification   Y 
# 
_pdbx_validate_rmsd_angle.id                         1 
_pdbx_validate_rmsd_angle.PDB_model_num              1 
_pdbx_validate_rmsd_angle.auth_atom_id_1             CD 
_pdbx_validate_rmsd_angle.auth_asym_id_1             A 
_pdbx_validate_rmsd_angle.auth_comp_id_1             ARG 
_pdbx_validate_rmsd_angle.auth_seq_id_1              83 
_pdbx_validate_rmsd_angle.PDB_ins_code_1             ? 
_pdbx_validate_rmsd_angle.label_alt_id_1             ? 
_pdbx_validate_rmsd_angle.auth_atom_id_2             NE 
_pdbx_validate_rmsd_angle.auth_asym_id_2             A 
_pdbx_validate_rmsd_angle.auth_comp_id_2             ARG 
_pdbx_validate_rmsd_angle.auth_seq_id_2              83 
_pdbx_validate_rmsd_angle.PDB_ins_code_2             ? 
_pdbx_validate_rmsd_angle.label_alt_id_2             ? 
_pdbx_validate_rmsd_angle.auth_atom_id_3             CZ 
_pdbx_validate_rmsd_angle.auth_asym_id_3             A 
_pdbx_validate_rmsd_angle.auth_comp_id_3             ARG 
_pdbx_validate_rmsd_angle.auth_seq_id_3              83 
_pdbx_validate_rmsd_angle.PDB_ins_code_3             ? 
_pdbx_validate_rmsd_angle.label_alt_id_3             ? 
_pdbx_validate_rmsd_angle.angle_value                134.95 
_pdbx_validate_rmsd_angle.angle_target_value         123.60 
_pdbx_validate_rmsd_angle.angle_deviation            11.35 
_pdbx_validate_rmsd_angle.angle_standard_deviation   1.40 
_pdbx_validate_rmsd_angle.linker_flag                N 
# 
loop_
_pdbx_unobs_or_zero_occ_residues.id 
_pdbx_unobs_or_zero_occ_residues.PDB_model_num 
_pdbx_unobs_or_zero_occ_residues.polymer_flag 
_pdbx_unobs_or_zero_occ_residues.occupancy_flag 
_pdbx_unobs_or_zero_occ_residues.auth_asym_id 
_pdbx_unobs_or_zero_occ_residues.auth_comp_id 
_pdbx_unobs_or_zero_occ_residues.auth_seq_id 
_pdbx_unobs_or_zero_occ_residues.PDB_ins_code 
_pdbx_unobs_or_zero_occ_residues.label_asym_id 
_pdbx_unobs_or_zero_occ_residues.label_comp_id 
_pdbx_unobs_or_zero_occ_residues.label_seq_id 
1 1 Y 1 A MET 1 ? A MET 1 
2 1 Y 1 A ASP 2 ? A ASP 2 
3 1 Y 1 A TRP 3 ? A TRP 3 
# 
loop_
_chem_comp_atom.comp_id 
_chem_comp_atom.atom_id 
_chem_comp_atom.type_symbol 
_chem_comp_atom.pdbx_aromatic_flag 
_chem_comp_atom.pdbx_stereo_config 
_chem_comp_atom.pdbx_ordinal 
ALA N    N N N 1   
ALA CA   C N S 2   
ALA C    C N N 3   
ALA O    O N N 4   
ALA CB   C N N 5   
ALA OXT  O N N 6   
ALA H    H N N 7   
ALA H2   H N N 8   
ALA HA   H N N 9   
ALA HB1  H N N 10  
ALA HB2  H N N 11  
ALA HB3  H N N 12  
ALA HXT  H N N 13  
ARG N    N N N 14  
ARG CA   C N S 15  
ARG C    C N N 16  
ARG O    O N N 17  
ARG CB   C N N 18  
ARG CG   C N N 19  
ARG CD   C N N 20  
ARG NE   N N N 21  
ARG CZ   C N N 22  
ARG NH1  N N N 23  
ARG NH2  N N N 24  
ARG OXT  O N N 25  
ARG H    H N N 26  
ARG H2   H N N 27  
ARG HA   H N N 28  
ARG HB2  H N N 29  
ARG HB3  H N N 30  
ARG HG2  H N N 31  
ARG HG3  H N N 32  
ARG HD2  H N N 33  
ARG HD3  H N N 34  
ARG HE   H N N 35  
ARG HH11 H N N 36  
ARG HH12 H N N 37  
ARG HH21 H N N 38  
ARG HH22 H N N 39  
ARG HXT  H N N 40  
ASN N    N N N 41  
ASN CA   C N S 42  
ASN C    C N N 43  
ASN O    O N N 44  
ASN CB   C N N 45  
ASN CG   C N N 46  
ASN OD1  O N N 47  
ASN ND2  N N N 48  
ASN OXT  O N N 49  
ASN H    H N N 50  
ASN H2   H N N 51  
ASN HA   H N N 52  
ASN HB2  H N N 53  
ASN HB3  H N N 54  
ASN HD21 H N N 55  
ASN HD22 H N N 56  
ASN HXT  H N N 57  
ASP N    N N N 58  
ASP CA   C N S 59  
ASP C    C N N 60  
ASP O    O N N 61  
ASP CB   C N N 62  
ASP CG   C N N 63  
ASP OD1  O N N 64  
ASP OD2  O N N 65  
ASP OXT  O N N 66  
ASP H    H N N 67  
ASP H2   H N N 68  
ASP HA   H N N 69  
ASP HB2  H N N 70  
ASP HB3  H N N 71  
ASP HD2  H N N 72  
ASP HXT  H N N 73  
CYS N    N N N 74  
CYS CA   C N R 75  
CYS C    C N N 76  
CYS O    O N N 77  
CYS CB   C N N 78  
CYS SG   S N N 79  
CYS OXT  O N N 80  
CYS H    H N N 81  
CYS H2   H N N 82  
CYS HA   H N N 83  
CYS HB2  H N N 84  
CYS HB3  H N N 85  
CYS HG   H N N 86  
CYS HXT  H N N 87  
GLN N    N N N 88  
GLN CA   C N S 89  
GLN C    C N N 90  
GLN O    O N N 91  
GLN CB   C N N 92  
GLN CG   C N N 93  
GLN CD   C N N 94  
GLN OE1  O N N 95  
GLN NE2  N N N 96  
GLN OXT  O N N 97  
GLN H    H N N 98  
GLN H2   H N N 99  
GLN HA   H N N 100 
GLN HB2  H N N 101 
GLN HB3  H N N 102 
GLN HG2  H N N 103 
GLN HG3  H N N 104 
GLN HE21 H N N 105 
GLN HE22 H N N 106 
GLN HXT  H N N 107 
GLU N    N N N 108 
GLU CA   C N S 109 
GLU C    C N N 110 
GLU O    O N N 111 
GLU CB   C N N 112 
GLU CG   C N N 113 
GLU CD   C N N 114 
GLU OE1  O N N 115 
GLU OE2  O N N 116 
GLU OXT  O N N 117 
GLU H    H N N 118 
GLU H2   H N N 119 
GLU HA   H N N 120 
GLU HB2  H N N 121 
GLU HB3  H N N 122 
GLU HG2  H N N 123 
GLU HG3  H N N 124 
GLU HE2  H N N 125 
GLU HXT  H N N 126 
GLY N    N N N 127 
GLY CA   C N N 128 
GLY C    C N N 129 
GLY O    O N N 130 
GLY OXT  O N N 131 
GLY H    H N N 132 
GLY H2   H N N 133 
GLY HA2  H N N 134 
GLY HA3  H N N 135 
GLY HXT  H N N 136 
HIS N    N N N 137 
HIS CA   C N S 138 
HIS C    C N N 139 
HIS O    O N N 140 
HIS CB   C N N 141 
HIS CG   C Y N 142 
HIS ND1  N Y N 143 
HIS CD2  C Y N 144 
HIS CE1  C Y N 145 
HIS NE2  N Y N 146 
HIS OXT  O N N 147 
HIS H    H N N 148 
HIS H2   H N N 149 
HIS HA   H N N 150 
HIS HB2  H N N 151 
HIS HB3  H N N 152 
HIS HD1  H N N 153 
HIS HD2  H N N 154 
HIS HE1  H N N 155 
HIS HE2  H N N 156 
HIS HXT  H N N 157 
HOH O    O N N 158 
HOH H1   H N N 159 
HOH H2   H N N 160 
ILE N    N N N 161 
ILE CA   C N S 162 
ILE C    C N N 163 
ILE O    O N N 164 
ILE CB   C N S 165 
ILE CG1  C N N 166 
ILE CG2  C N N 167 
ILE CD1  C N N 168 
ILE OXT  O N N 169 
ILE H    H N N 170 
ILE H2   H N N 171 
ILE HA   H N N 172 
ILE HB   H N N 173 
ILE HG12 H N N 174 
ILE HG13 H N N 175 
ILE HG21 H N N 176 
ILE HG22 H N N 177 
ILE HG23 H N N 178 
ILE HD11 H N N 179 
ILE HD12 H N N 180 
ILE HD13 H N N 181 
ILE HXT  H N N 182 
LEU N    N N N 183 
LEU CA   C N S 184 
LEU C    C N N 185 
LEU O    O N N 186 
LEU CB   C N N 187 
LEU CG   C N N 188 
LEU CD1  C N N 189 
LEU CD2  C N N 190 
LEU OXT  O N N 191 
LEU H    H N N 192 
LEU H2   H N N 193 
LEU HA   H N N 194 
LEU HB2  H N N 195 
LEU HB3  H N N 196 
LEU HG   H N N 197 
LEU HD11 H N N 198 
LEU HD12 H N N 199 
LEU HD13 H N N 200 
LEU HD21 H N N 201 
LEU HD22 H N N 202 
LEU HD23 H N N 203 
LEU HXT  H N N 204 
LYS N    N N N 205 
LYS CA   C N S 206 
LYS C    C N N 207 
LYS O    O N N 208 
LYS CB   C N N 209 
LYS CG   C N N 210 
LYS CD   C N N 211 
LYS CE   C N N 212 
LYS NZ   N N N 213 
LYS OXT  O N N 214 
LYS H    H N N 215 
LYS H2   H N N 216 
LYS HA   H N N 217 
LYS HB2  H N N 218 
LYS HB3  H N N 219 
LYS HG2  H N N 220 
LYS HG3  H N N 221 
LYS HD2  H N N 222 
LYS HD3  H N N 223 
LYS HE2  H N N 224 
LYS HE3  H N N 225 
LYS HZ1  H N N 226 
LYS HZ2  H N N 227 
LYS HZ3  H N N 228 
LYS HXT  H N N 229 
MET N    N N N 230 
MET CA   C N S 231 
MET C    C N N 232 
MET O    O N N 233 
MET CB   C N N 234 
MET CG   C N N 235 
MET SD   S N N 236 
MET CE   C N N 237 
MET OXT  O N N 238 
MET H    H N N 239 
MET H2   H N N 240 
MET HA   H N N 241 
MET HB2  H N N 242 
MET HB3  H N N 243 
MET HG2  H N N 244 
MET HG3  H N N 245 
MET HE1  H N N 246 
MET HE2  H N N 247 
MET HE3  H N N 248 
MET HXT  H N N 249 
PHE N    N N N 250 
PHE CA   C N S 251 
PHE C    C N N 252 
PHE O    O N N 253 
PHE CB   C N N 254 
PHE CG   C Y N 255 
PHE CD1  C Y N 256 
PHE CD2  C Y N 257 
PHE CE1  C Y N 258 
PHE CE2  C Y N 259 
PHE CZ   C Y N 260 
PHE OXT  O N N 261 
PHE H    H N N 262 
PHE H2   H N N 263 
PHE HA   H N N 264 
PHE HB2  H N N 265 
PHE HB3  H N N 266 
PHE HD1  H N N 267 
PHE HD2  H N N 268 
PHE HE1  H N N 269 
PHE HE2  H N N 270 
PHE HZ   H N N 271 
PHE HXT  H N N 272 
PRO N    N N N 273 
PRO CA   C N S 274 
PRO C    C N N 275 
PRO O    O N N 276 
PRO CB   C N N 277 
PRO CG   C N N 278 
PRO CD   C N N 279 
PRO OXT  O N N 280 
PRO H    H N N 281 
PRO HA   H N N 282 
PRO HB2  H N N 283 
PRO HB3  H N N 284 
PRO HG2  H N N 285 
PRO HG3  H N N 286 
PRO HD2  H N N 287 
PRO HD3  H N N 288 
PRO HXT  H N N 289 
SER N    N N N 290 
SER CA   C N S 291 
SER C    C N N 292 
SER O    O N N 293 
SER CB   C N N 294 
SER OG   O N N 295 
SER OXT  O N N 296 
SER H    H N N 297 
SER H2   H N N 298 
SER HA   H N N 299 
SER HB2  H N N 300 
SER HB3  H N N 301 
SER HG   H N N 302 
SER HXT  H N N 303 
THR N    N N N 304 
THR CA   C N S 305 
THR C    C N N 306 
THR O    O N N 307 
THR CB   C N R 308 
THR OG1  O N N 309 
THR CG2  C N N 310 
THR OXT  O N N 311 
THR H    H N N 312 
THR H2   H N N 313 
THR HA   H N N 314 
THR HB   H N N 315 
THR HG1  H N N 316 
THR HG21 H N N 317 
THR HG22 H N N 318 
THR HG23 H N N 319 
THR HXT  H N N 320 
TRP N    N N N 321 
TRP CA   C N S 322 
TRP C    C N N 323 
TRP O    O N N 324 
TRP CB   C N N 325 
TRP CG   C Y N 326 
TRP CD1  C Y N 327 
TRP CD2  C Y N 328 
TRP NE1  N Y N 329 
TRP CE2  C Y N 330 
TRP CE3  C Y N 331 
TRP CZ2  C Y N 332 
TRP CZ3  C Y N 333 
TRP CH2  C Y N 334 
TRP OXT  O N N 335 
TRP H    H N N 336 
TRP H2   H N N 337 
TRP HA   H N N 338 
TRP HB2  H N N 339 
TRP HB3  H N N 340 
TRP HD1  H N N 341 
TRP HE1  H N N 342 
TRP HE3  H N N 343 
TRP HZ2  H N N 344 
TRP HZ3  H N N 345 
TRP HH2  H N N 346 
TRP HXT  H N N 347 
TYR N    N N N 348 
TYR CA   C N S 349 
TYR C    C N N 350 
TYR O    O N N 351 
TYR CB   C N N 352 
TYR CG   C Y N 353 
TYR CD1  C Y N 354 
TYR CD2  C Y N 355 
TYR CE1  C Y N 356 
TYR CE2  C Y N 357 
TYR CZ   C Y N 358 
TYR OH   O N N 359 
TYR OXT  O N N 360 
TYR H    H N N 361 
TYR H2   H N N 362 
TYR HA   H N N 363 
TYR HB2  H N N 364 
TYR HB3  H N N 365 
TYR HD1  H N N 366 
TYR HD2  H N N 367 
TYR HE1  H N N 368 
TYR HE2  H N N 369 
TYR HH   H N N 370 
TYR HXT  H N N 371 
VAL N    N N N 372 
VAL CA   C N S 373 
VAL C    C N N 374 
VAL O    O N N 375 
VAL CB   C N N 376 
VAL CG1  C N N 377 
VAL CG2  C N N 378 
VAL OXT  O N N 379 
VAL H    H N N 380 
VAL H2   H N N 381 
VAL HA   H N N 382 
VAL HB   H N N 383 
VAL HG11 H N N 384 
VAL HG12 H N N 385 
VAL HG13 H N N 386 
VAL HG21 H N N 387 
VAL HG22 H N N 388 
VAL HG23 H N N 389 
VAL HXT  H N N 390 
# 
loop_
_chem_comp_bond.comp_id 
_chem_comp_bond.atom_id_1 
_chem_comp_bond.atom_id_2 
_chem_comp_bond.value_order 
_chem_comp_bond.pdbx_aromatic_flag 
_chem_comp_bond.pdbx_stereo_config 
_chem_comp_bond.pdbx_ordinal 
ALA N   CA   sing N N 1   
ALA N   H    sing N N 2   
ALA N   H2   sing N N 3   
ALA CA  C    sing N N 4   
ALA CA  CB   sing N N 5   
ALA CA  HA   sing N N 6   
ALA C   O    doub N N 7   
ALA C   OXT  sing N N 8   
ALA CB  HB1  sing N N 9   
ALA CB  HB2  sing N N 10  
ALA CB  HB3  sing N N 11  
ALA OXT HXT  sing N N 12  
ARG N   CA   sing N N 13  
ARG N   H    sing N N 14  
ARG N   H2   sing N N 15  
ARG CA  C    sing N N 16  
ARG CA  CB   sing N N 17  
ARG CA  HA   sing N N 18  
ARG C   O    doub N N 19  
ARG C   OXT  sing N N 20  
ARG CB  CG   sing N N 21  
ARG CB  HB2  sing N N 22  
ARG CB  HB3  sing N N 23  
ARG CG  CD   sing N N 24  
ARG CG  HG2  sing N N 25  
ARG CG  HG3  sing N N 26  
ARG CD  NE   sing N N 27  
ARG CD  HD2  sing N N 28  
ARG CD  HD3  sing N N 29  
ARG NE  CZ   sing N N 30  
ARG NE  HE   sing N N 31  
ARG CZ  NH1  sing N N 32  
ARG CZ  NH2  doub N N 33  
ARG NH1 HH11 sing N N 34  
ARG NH1 HH12 sing N N 35  
ARG NH2 HH21 sing N N 36  
ARG NH2 HH22 sing N N 37  
ARG OXT HXT  sing N N 38  
ASN N   CA   sing N N 39  
ASN N   H    sing N N 40  
ASN N   H2   sing N N 41  
ASN CA  C    sing N N 42  
ASN CA  CB   sing N N 43  
ASN CA  HA   sing N N 44  
ASN C   O    doub N N 45  
ASN C   OXT  sing N N 46  
ASN CB  CG   sing N N 47  
ASN CB  HB2  sing N N 48  
ASN CB  HB3  sing N N 49  
ASN CG  OD1  doub N N 50  
ASN CG  ND2  sing N N 51  
ASN ND2 HD21 sing N N 52  
ASN ND2 HD22 sing N N 53  
ASN OXT HXT  sing N N 54  
ASP N   CA   sing N N 55  
ASP N   H    sing N N 56  
ASP N   H2   sing N N 57  
ASP CA  C    sing N N 58  
ASP CA  CB   sing N N 59  
ASP CA  HA   sing N N 60  
ASP C   O    doub N N 61  
ASP C   OXT  sing N N 62  
ASP CB  CG   sing N N 63  
ASP CB  HB2  sing N N 64  
ASP CB  HB3  sing N N 65  
ASP CG  OD1  doub N N 66  
ASP CG  OD2  sing N N 67  
ASP OD2 HD2  sing N N 68  
ASP OXT HXT  sing N N 69  
CYS N   CA   sing N N 70  
CYS N   H    sing N N 71  
CYS N   H2   sing N N 72  
CYS CA  C    sing N N 73  
CYS CA  CB   sing N N 74  
CYS CA  HA   sing N N 75  
CYS C   O    doub N N 76  
CYS C   OXT  sing N N 77  
CYS CB  SG   sing N N 78  
CYS CB  HB2  sing N N 79  
CYS CB  HB3  sing N N 80  
CYS SG  HG   sing N N 81  
CYS OXT HXT  sing N N 82  
GLN N   CA   sing N N 83  
GLN N   H    sing N N 84  
GLN N   H2   sing N N 85  
GLN CA  C    sing N N 86  
GLN CA  CB   sing N N 87  
GLN CA  HA   sing N N 88  
GLN C   O    doub N N 89  
GLN C   OXT  sing N N 90  
GLN CB  CG   sing N N 91  
GLN CB  HB2  sing N N 92  
GLN CB  HB3  sing N N 93  
GLN CG  CD   sing N N 94  
GLN CG  HG2  sing N N 95  
GLN CG  HG3  sing N N 96  
GLN CD  OE1  doub N N 97  
GLN CD  NE2  sing N N 98  
GLN NE2 HE21 sing N N 99  
GLN NE2 HE22 sing N N 100 
GLN OXT HXT  sing N N 101 
GLU N   CA   sing N N 102 
GLU N   H    sing N N 103 
GLU N   H2   sing N N 104 
GLU CA  C    sing N N 105 
GLU CA  CB   sing N N 106 
GLU CA  HA   sing N N 107 
GLU C   O    doub N N 108 
GLU C   OXT  sing N N 109 
GLU CB  CG   sing N N 110 
GLU CB  HB2  sing N N 111 
GLU CB  HB3  sing N N 112 
GLU CG  CD   sing N N 113 
GLU CG  HG2  sing N N 114 
GLU CG  HG3  sing N N 115 
GLU CD  OE1  doub N N 116 
GLU CD  OE2  sing N N 117 
GLU OE2 HE2  sing N N 118 
GLU OXT HXT  sing N N 119 
GLY N   CA   sing N N 120 
GLY N   H    sing N N 121 
GLY N   H2   sing N N 122 
GLY CA  C    sing N N 123 
GLY CA  HA2  sing N N 124 
GLY CA  HA3  sing N N 125 
GLY C   O    doub N N 126 
GLY C   OXT  sing N N 127 
GLY OXT HXT  sing N N 128 
HIS N   CA   sing N N 129 
HIS N   H    sing N N 130 
HIS N   H2   sing N N 131 
HIS CA  C    sing N N 132 
HIS CA  CB   sing N N 133 
HIS CA  HA   sing N N 134 
HIS C   O    doub N N 135 
HIS C   OXT  sing N N 136 
HIS CB  CG   sing N N 137 
HIS CB  HB2  sing N N 138 
HIS CB  HB3  sing N N 139 
HIS CG  ND1  sing Y N 140 
HIS CG  CD2  doub Y N 141 
HIS ND1 CE1  doub Y N 142 
HIS ND1 HD1  sing N N 143 
HIS CD2 NE2  sing Y N 144 
HIS CD2 HD2  sing N N 145 
HIS CE1 NE2  sing Y N 146 
HIS CE1 HE1  sing N N 147 
HIS NE2 HE2  sing N N 148 
HIS OXT HXT  sing N N 149 
HOH O   H1   sing N N 150 
HOH O   H2   sing N N 151 
ILE N   CA   sing N N 152 
ILE N   H    sing N N 153 
ILE N   H2   sing N N 154 
ILE CA  C    sing N N 155 
ILE CA  CB   sing N N 156 
ILE CA  HA   sing N N 157 
ILE C   O    doub N N 158 
ILE C   OXT  sing N N 159 
ILE CB  CG1  sing N N 160 
ILE CB  CG2  sing N N 161 
ILE CB  HB   sing N N 162 
ILE CG1 CD1  sing N N 163 
ILE CG1 HG12 sing N N 164 
ILE CG1 HG13 sing N N 165 
ILE CG2 HG21 sing N N 166 
ILE CG2 HG22 sing N N 167 
ILE CG2 HG23 sing N N 168 
ILE CD1 HD11 sing N N 169 
ILE CD1 HD12 sing N N 170 
ILE CD1 HD13 sing N N 171 
ILE OXT HXT  sing N N 172 
LEU N   CA   sing N N 173 
LEU N   H    sing N N 174 
LEU N   H2   sing N N 175 
LEU CA  C    sing N N 176 
LEU CA  CB   sing N N 177 
LEU CA  HA   sing N N 178 
LEU C   O    doub N N 179 
LEU C   OXT  sing N N 180 
LEU CB  CG   sing N N 181 
LEU CB  HB2  sing N N 182 
LEU CB  HB3  sing N N 183 
LEU CG  CD1  sing N N 184 
LEU CG  CD2  sing N N 185 
LEU CG  HG   sing N N 186 
LEU CD1 HD11 sing N N 187 
LEU CD1 HD12 sing N N 188 
LEU CD1 HD13 sing N N 189 
LEU CD2 HD21 sing N N 190 
LEU CD2 HD22 sing N N 191 
LEU CD2 HD23 sing N N 192 
LEU OXT HXT  sing N N 193 
LYS N   CA   sing N N 194 
LYS N   H    sing N N 195 
LYS N   H2   sing N N 196 
LYS CA  C    sing N N 197 
LYS CA  CB   sing N N 198 
LYS CA  HA   sing N N 199 
LYS C   O    doub N N 200 
LYS C   OXT  sing N N 201 
LYS CB  CG   sing N N 202 
LYS CB  HB2  sing N N 203 
LYS CB  HB3  sing N N 204 
LYS CG  CD   sing N N 205 
LYS CG  HG2  sing N N 206 
LYS CG  HG3  sing N N 207 
LYS CD  CE   sing N N 208 
LYS CD  HD2  sing N N 209 
LYS CD  HD3  sing N N 210 
LYS CE  NZ   sing N N 211 
LYS CE  HE2  sing N N 212 
LYS CE  HE3  sing N N 213 
LYS NZ  HZ1  sing N N 214 
LYS NZ  HZ2  sing N N 215 
LYS NZ  HZ3  sing N N 216 
LYS OXT HXT  sing N N 217 
MET N   CA   sing N N 218 
MET N   H    sing N N 219 
MET N   H2   sing N N 220 
MET CA  C    sing N N 221 
MET CA  CB   sing N N 222 
MET CA  HA   sing N N 223 
MET C   O    doub N N 224 
MET C   OXT  sing N N 225 
MET CB  CG   sing N N 226 
MET CB  HB2  sing N N 227 
MET CB  HB3  sing N N 228 
MET CG  SD   sing N N 229 
MET CG  HG2  sing N N 230 
MET CG  HG3  sing N N 231 
MET SD  CE   sing N N 232 
MET CE  HE1  sing N N 233 
MET CE  HE2  sing N N 234 
MET CE  HE3  sing N N 235 
MET OXT HXT  sing N N 236 
PHE N   CA   sing N N 237 
PHE N   H    sing N N 238 
PHE N   H2   sing N N 239 
PHE CA  C    sing N N 240 
PHE CA  CB   sing N N 241 
PHE CA  HA   sing N N 242 
PHE C   O    doub N N 243 
PHE C   OXT  sing N N 244 
PHE CB  CG   sing N N 245 
PHE CB  HB2  sing N N 246 
PHE CB  HB3  sing N N 247 
PHE CG  CD1  doub Y N 248 
PHE CG  CD2  sing Y N 249 
PHE CD1 CE1  sing Y N 250 
PHE CD1 HD1  sing N N 251 
PHE CD2 CE2  doub Y N 252 
PHE CD2 HD2  sing N N 253 
PHE CE1 CZ   doub Y N 254 
PHE CE1 HE1  sing N N 255 
PHE CE2 CZ   sing Y N 256 
PHE CE2 HE2  sing N N 257 
PHE CZ  HZ   sing N N 258 
PHE OXT HXT  sing N N 259 
PRO N   CA   sing N N 260 
PRO N   CD   sing N N 261 
PRO N   H    sing N N 262 
PRO CA  C    sing N N 263 
PRO CA  CB   sing N N 264 
PRO CA  HA   sing N N 265 
PRO C   O    doub N N 266 
PRO C   OXT  sing N N 267 
PRO CB  CG   sing N N 268 
PRO CB  HB2  sing N N 269 
PRO CB  HB3  sing N N 270 
PRO CG  CD   sing N N 271 
PRO CG  HG2  sing N N 272 
PRO CG  HG3  sing N N 273 
PRO CD  HD2  sing N N 274 
PRO CD  HD3  sing N N 275 
PRO OXT HXT  sing N N 276 
SER N   CA   sing N N 277 
SER N   H    sing N N 278 
SER N   H2   sing N N 279 
SER CA  C    sing N N 280 
SER CA  CB   sing N N 281 
SER CA  HA   sing N N 282 
SER C   O    doub N N 283 
SER C   OXT  sing N N 284 
SER CB  OG   sing N N 285 
SER CB  HB2  sing N N 286 
SER CB  HB3  sing N N 287 
SER OG  HG   sing N N 288 
SER OXT HXT  sing N N 289 
THR N   CA   sing N N 290 
THR N   H    sing N N 291 
THR N   H2   sing N N 292 
THR CA  C    sing N N 293 
THR CA  CB   sing N N 294 
THR CA  HA   sing N N 295 
THR C   O    doub N N 296 
THR C   OXT  sing N N 297 
THR CB  OG1  sing N N 298 
THR CB  CG2  sing N N 299 
THR CB  HB   sing N N 300 
THR OG1 HG1  sing N N 301 
THR CG2 HG21 sing N N 302 
THR CG2 HG22 sing N N 303 
THR CG2 HG23 sing N N 304 
THR OXT HXT  sing N N 305 
TRP N   CA   sing N N 306 
TRP N   H    sing N N 307 
TRP N   H2   sing N N 308 
TRP CA  C    sing N N 309 
TRP CA  CB   sing N N 310 
TRP CA  HA   sing N N 311 
TRP C   O    doub N N 312 
TRP C   OXT  sing N N 313 
TRP CB  CG   sing N N 314 
TRP CB  HB2  sing N N 315 
TRP CB  HB3  sing N N 316 
TRP CG  CD1  doub Y N 317 
TRP CG  CD2  sing Y N 318 
TRP CD1 NE1  sing Y N 319 
TRP CD1 HD1  sing N N 320 
TRP CD2 CE2  doub Y N 321 
TRP CD2 CE3  sing Y N 322 
TRP NE1 CE2  sing Y N 323 
TRP NE1 HE1  sing N N 324 
TRP CE2 CZ2  sing Y N 325 
TRP CE3 CZ3  doub Y N 326 
TRP CE3 HE3  sing N N 327 
TRP CZ2 CH2  doub Y N 328 
TRP CZ2 HZ2  sing N N 329 
TRP CZ3 CH2  sing Y N 330 
TRP CZ3 HZ3  sing N N 331 
TRP CH2 HH2  sing N N 332 
TRP OXT HXT  sing N N 333 
TYR N   CA   sing N N 334 
TYR N   H    sing N N 335 
TYR N   H2   sing N N 336 
TYR CA  C    sing N N 337 
TYR CA  CB   sing N N 338 
TYR CA  HA   sing N N 339 
TYR C   O    doub N N 340 
TYR C   OXT  sing N N 341 
TYR CB  CG   sing N N 342 
TYR CB  HB2  sing N N 343 
TYR CB  HB3  sing N N 344 
TYR CG  CD1  doub Y N 345 
TYR CG  CD2  sing Y N 346 
TYR CD1 CE1  sing Y N 347 
TYR CD1 HD1  sing N N 348 
TYR CD2 CE2  doub Y N 349 
TYR CD2 HD2  sing N N 350 
TYR CE1 CZ   doub Y N 351 
TYR CE1 HE1  sing N N 352 
TYR CE2 CZ   sing Y N 353 
TYR CE2 HE2  sing N N 354 
TYR CZ  OH   sing N N 355 
TYR OH  HH   sing N N 356 
TYR OXT HXT  sing N N 357 
VAL N   CA   sing N N 358 
VAL N   H    sing N N 359 
VAL N   H2   sing N N 360 
VAL CA  C    sing N N 361 
VAL CA  CB   sing N N 362 
VAL CA  HA   sing N N 363 
VAL C   O    doub N N 364 
VAL C   OXT  sing N N 365 
VAL CB  CG1  sing N N 366 
VAL CB  CG2  sing N N 367 
VAL CB  HB   sing N N 368 
VAL CG1 HG11 sing N N 369 
VAL CG1 HG12 sing N N 370 
VAL CG1 HG13 sing N N 371 
VAL CG2 HG21 sing N N 372 
VAL CG2 HG22 sing N N 373 
VAL CG2 HG23 sing N N 374 
VAL OXT HXT  sing N N 375 
# 
_atom_sites.entry_id                    1SFP 
_atom_sites.fract_transf_matrix[1][1]   -0.02299404 
_atom_sites.fract_transf_matrix[1][2]   -0.00555775 
_atom_sites.fract_transf_matrix[1][3]   -0.00442788 
_atom_sites.fract_transf_matrix[2][1]   0.00495332 
_atom_sites.fract_transf_matrix[2][2]   -0.01818509 
_atom_sites.fract_transf_matrix[2][3]   -0.00289724 
_atom_sites.fract_transf_matrix[3][1]   -0.00291276 
_atom_sites.fract_transf_matrix[3][2]   -0.00400394 
_atom_sites.fract_transf_matrix[3][3]   0.02015163 
_atom_sites.fract_transf_vector[1]      -0.174358 
_atom_sites.fract_transf_vector[2]      0.184925 
_atom_sites.fract_transf_vector[3]      0.194276 
# 
loop_
_atom_type.symbol 
C 
N 
O 
S 
# 
loop_
_atom_site.group_PDB 
_atom_site.id 
_atom_site.type_symbol 
_atom_site.label_atom_id 
_atom_site.label_alt_id 
_atom_site.label_comp_id 
_atom_site.label_asym_id 
_atom_site.label_entity_id 
_atom_site.label_seq_id 
_atom_site.pdbx_PDB_ins_code 
_atom_site.Cartn_x 
_atom_site.Cartn_y 
_atom_site.Cartn_z 
_atom_site.occupancy 
_atom_site.B_iso_or_equiv 
_atom_site.pdbx_formal_charge 
_atom_site.auth_seq_id 
_atom_site.auth_comp_id 
_atom_site.auth_asym_id 
_atom_site.auth_atom_id 
_atom_site.pdbx_PDB_model_num 
ATOM   1   N N   . LEU A 1 4   ? -3.234  -14.803 -6.116  1.00 63.40  ? 4   LEU A N   1 
ATOM   2   C CA  . LEU A 1 4   ? -2.463  -13.572 -6.241  1.00 48.78  ? 4   LEU A CA  1 
ATOM   3   C C   . LEU A 1 4   ? -1.258  -13.559 -5.309  1.00 47.39  ? 4   LEU A C   1 
ATOM   4   O O   . LEU A 1 4   ? -1.366  -13.795 -4.102  1.00 44.93  ? 4   LEU A O   1 
ATOM   5   C CB  . LEU A 1 4   ? -3.342  -12.345 -5.988  1.00 37.25  ? 4   LEU A CB  1 
ATOM   6   C CG  . LEU A 1 4   ? -4.485  -12.182 -7.007  1.00 64.68  ? 4   LEU A CG  1 
ATOM   7   C CD1 . LEU A 1 4   ? -5.364  -10.992 -6.660  1.00 43.87  ? 4   LEU A CD1 1 
ATOM   8   C CD2 . LEU A 1 4   ? -3.933  -12.073 -8.421  1.00 59.88  ? 4   LEU A CD2 1 
ATOM   9   N N   . PRO A 1 5   ? -0.106  -13.247 -5.897  1.00 45.67  ? 5   PRO A N   1 
ATOM   10  C CA  . PRO A 1 5   ? 1.139   -13.206 -5.120  1.00 45.82  ? 5   PRO A CA  1 
ATOM   11  C C   . PRO A 1 5   ? 0.969   -12.265 -3.925  1.00 52.80  ? 5   PRO A C   1 
ATOM   12  O O   . PRO A 1 5   ? 0.618   -11.097 -4.092  1.00 43.24  ? 5   PRO A O   1 
ATOM   13  C CB  . PRO A 1 5   ? 2.174   -12.661 -6.095  1.00 36.83  ? 5   PRO A CB  1 
ATOM   14  C CG  . PRO A 1 5   ? 1.407   -12.106 -7.248  1.00 34.97  ? 5   PRO A CG  1 
ATOM   15  C CD  . PRO A 1 5   ? 0.105   -12.864 -7.302  1.00 31.63  ? 5   PRO A CD  1 
ATOM   16  N N   . ARG A 1 6   ? 1.184   -12.828 -2.748  1.00 34.29  ? 6   ARG A N   1 
ATOM   17  C CA  . ARG A 1 6   ? 1.081   -12.116 -1.473  1.00 33.73  ? 6   ARG A CA  1 
ATOM   18  C C   . ARG A 1 6   ? 2.460   -11.627 -1.035  1.00 56.29  ? 6   ARG A C   1 
ATOM   19  O O   . ARG A 1 6   ? 3.415   -12.412 -1.001  1.00 56.46  ? 6   ARG A O   1 
ATOM   20  C CB  . ARG A 1 6   ? 0.456   -13.086 -0.474  1.00 33.67  ? 6   ARG A CB  1 
ATOM   21  C CG  . ARG A 1 6   ? 0.084   -12.538 0.888   1.00 46.24  ? 6   ARG A CG  1 
ATOM   22  C CD  . ARG A 1 6   ? -0.318  -13.673 1.827   1.00 68.10  ? 6   ARG A CD  1 
ATOM   23  N NE  . ARG A 1 6   ? -1.191  -13.223 2.904   1.00 79.78  ? 6   ARG A NE  1 
ATOM   24  C CZ  . ARG A 1 6   ? -2.508  -13.080 2.812   1.00 89.88  ? 6   ARG A CZ  1 
ATOM   25  N NH1 . ARG A 1 6   ? -3.146  -13.356 1.679   1.00 61.15  ? 6   ARG A NH1 1 
ATOM   26  N NH2 . ARG A 1 6   ? -3.205  -12.659 3.863   1.00 52.12  ? 6   ARG A NH2 1 
ATOM   27  N N   . ASN A 1 7   ? 2.593   -10.330 -0.759  1.00 34.65  ? 7   ASN A N   1 
ATOM   28  C CA  . ASN A 1 7   ? 3.824   -9.731  -0.269  1.00 33.64  ? 7   ASN A CA  1 
ATOM   29  C C   . ASN A 1 7   ? 3.682   -9.369  1.210   1.00 44.13  ? 7   ASN A C   1 
ATOM   30  O O   . ASN A 1 7   ? 2.784   -8.619  1.593   1.00 37.26  ? 7   ASN A O   1 
ATOM   31  C CB  . ASN A 1 7   ? 4.249   -8.503  -1.078  1.00 28.11  ? 7   ASN A CB  1 
ATOM   32  C CG  . ASN A 1 7   ? 5.657   -8.056  -0.711  1.00 34.21  ? 7   ASN A CG  1 
ATOM   33  O OD1 . ASN A 1 7   ? 5.929   -7.610  0.403   1.00 31.92  ? 7   ASN A OD1 1 
ATOM   34  N ND2 . ASN A 1 7   ? 6.599   -8.179  -1.640  1.00 40.45  ? 7   ASN A ND2 1 
ATOM   35  N N   . THR A 1 8   ? 4.559   -9.918  2.050   1.00 20.80  ? 8   THR A N   1 
ATOM   36  C CA  . THR A 1 8   ? 4.505   -9.600  3.469   1.00 24.63  ? 8   THR A CA  1 
ATOM   37  C C   . THR A 1 8   ? 5.885   -9.205  3.997   1.00 36.59  ? 8   THR A C   1 
ATOM   38  O O   . THR A 1 8   ? 6.097   -9.267  5.207   1.00 39.55  ? 8   THR A O   1 
ATOM   39  C CB  . THR A 1 8   ? 3.997   -10.796 4.294   1.00 36.24  ? 8   THR A CB  1 
ATOM   40  O OG1 . THR A 1 8   ? 4.877   -11.891 4.042   1.00 33.93  ? 8   THR A OG1 1 
ATOM   41  C CG2 . THR A 1 8   ? 2.610   -11.199 3.822   1.00 24.65  ? 8   THR A CG2 1 
ATOM   42  N N   . ASN A 1 9   ? 6.752   -8.772  3.096   1.00 41.11  ? 9   ASN A N   1 
ATOM   43  C CA  . ASN A 1 9   ? 8.056   -8.191  3.394   1.00 20.92  ? 9   ASN A CA  1 
ATOM   44  C C   . ASN A 1 9   ? 7.847   -6.772  3.906   1.00 30.82  ? 9   ASN A C   1 
ATOM   45  O O   . ASN A 1 9   ? 6.782   -6.181  3.695   1.00 27.62  ? 9   ASN A O   1 
ATOM   46  C CB  . ASN A 1 9   ? 8.913   -8.139  2.127   1.00 26.33  ? 9   ASN A CB  1 
ATOM   47  C CG  . ASN A 1 9   ? 9.495   -9.479  1.724   1.00 41.51  ? 9   ASN A CG  1 
ATOM   48  O OD1 . ASN A 1 9   ? 9.688   -10.360 2.558   1.00 42.28  ? 9   ASN A OD1 1 
ATOM   49  N ND2 . ASN A 1 9   ? 9.755   -9.671  0.435   1.00 32.96  ? 9   ASN A ND2 1 
ATOM   50  N N   . CYS A 1 10  ? 8.851   -6.205  4.584   1.00 22.32  ? 10  CYS A N   1 
ATOM   51  C CA  . CYS A 1 10  ? 8.659   -4.814  4.986   1.00 14.85  ? 10  CYS A CA  1 
ATOM   52  C C   . CYS A 1 10  ? 9.063   -3.904  3.835   1.00 33.22  ? 10  CYS A C   1 
ATOM   53  O O   . CYS A 1 10  ? 10.163  -3.357  3.772   1.00 20.64  ? 10  CYS A O   1 
ATOM   54  C CB  . CYS A 1 10  ? 9.438   -4.480  6.253   1.00 22.56  ? 10  CYS A CB  1 
ATOM   55  S SG  . CYS A 1 10  ? 9.240   -2.793  6.847   1.00 24.17  ? 10  CYS A SG  1 
ATOM   56  N N   . GLY A 1 11  ? 8.122   -3.723  2.900   1.00 16.17  ? 11  GLY A N   1 
ATOM   57  C CA  . GLY A 1 11  ? 8.425   -2.830  1.790   1.00 11.58  ? 11  GLY A CA  1 
ATOM   58  C C   . GLY A 1 11  ? 9.111   -3.542  0.645   1.00 12.37  ? 11  GLY A C   1 
ATOM   59  O O   . GLY A 1 11  ? 9.374   -4.746  0.694   1.00 18.51  ? 11  GLY A O   1 
ATOM   60  N N   . GLY A 1 12  ? 9.419   -2.771  -0.389  1.00 14.05  ? 12  GLY A N   1 
ATOM   61  C CA  . GLY A 1 12  ? 10.087  -3.277  -1.566  1.00 18.55  ? 12  GLY A CA  1 
ATOM   62  C C   . GLY A 1 12  ? 9.479   -2.690  -2.823  1.00 16.65  ? 12  GLY A C   1 
ATOM   63  O O   . GLY A 1 12  ? 8.366   -2.176  -2.780  1.00 17.70  ? 12  GLY A O   1 
ATOM   64  N N   . ILE A 1 13  ? 10.165  -2.779  -3.948  1.00 15.89  ? 13  ILE A N   1 
ATOM   65  C CA  . ILE A 1 13  ? 9.584   -2.400  -5.234  1.00 11.40  ? 13  ILE A CA  1 
ATOM   66  C C   . ILE A 1 13  ? 8.856   -3.597  -5.836  1.00 16.95  ? 13  ILE A C   1 
ATOM   67  O O   . ILE A 1 13  ? 9.443   -4.671  -5.897  1.00 16.57  ? 13  ILE A O   1 
ATOM   68  C CB  . ILE A 1 13  ? 10.654  -1.839  -6.176  1.00 14.59  ? 13  ILE A CB  1 
ATOM   69  C CG1 . ILE A 1 13  ? 11.120  -0.455  -5.675  1.00 24.14  ? 13  ILE A CG1 1 
ATOM   70  C CG2 . ILE A 1 13  ? 10.140  -1.763  -7.606  1.00 15.65  ? 13  ILE A CG2 1 
ATOM   71  C CD1 . ILE A 1 13  ? 12.349  0.085   -6.359  1.00 31.41  ? 13  ILE A CD1 1 
ATOM   72  N N   . LEU A 1 14  ? 7.588   -3.422  -6.185  1.00 12.91  ? 14  LEU A N   1 
ATOM   73  C CA  . LEU A 1 14  ? 6.703   -4.494  -6.642  1.00 13.90  ? 14  LEU A CA  1 
ATOM   74  C C   . LEU A 1 14  ? 6.386   -4.278  -8.120  1.00 13.69  ? 14  LEU A C   1 
ATOM   75  O O   . LEU A 1 14  ? 6.097   -3.150  -8.516  1.00 17.71  ? 14  LEU A O   1 
ATOM   76  C CB  . LEU A 1 14  ? 5.419   -4.468  -5.814  1.00 15.35  ? 14  LEU A CB  1 
ATOM   77  C CG  . LEU A 1 14  ? 5.565   -4.574  -4.294  1.00 20.32  ? 14  LEU A CG  1 
ATOM   78  C CD1 . LEU A 1 14  ? 4.204   -4.536  -3.613  1.00 12.70  ? 14  LEU A CD1 1 
ATOM   79  C CD2 . LEU A 1 14  ? 6.299   -5.846  -3.880  1.00 28.80  ? 14  LEU A CD2 1 
ATOM   80  N N   . LYS A 1 15  ? 6.535   -5.294  -8.964  1.00 13.72  ? 15  LYS A N   1 
ATOM   81  C CA  . LYS A 1 15  ? 6.302   -5.106  -10.397 1.00 14.92  ? 15  LYS A CA  1 
ATOM   82  C C   . LYS A 1 15  ? 5.295   -6.117  -10.946 1.00 19.72  ? 15  LYS A C   1 
ATOM   83  O O   . LYS A 1 15  ? 5.192   -6.310  -12.161 1.00 18.27  ? 15  LYS A O   1 
ATOM   84  C CB  . LYS A 1 15  ? 7.625   -5.259  -11.154 1.00 20.78  ? 15  LYS A CB  1 
ATOM   85  C CG  . LYS A 1 15  ? 8.696   -4.259  -10.733 1.00 32.43  ? 15  LYS A CG  1 
ATOM   86  C CD  . LYS A 1 15  ? 8.884   -3.178  -11.784 1.00 44.59  ? 15  LYS A CD  1 
ATOM   87  C CE  . LYS A 1 15  ? 10.051  -3.469  -12.707 1.00 45.91  ? 15  LYS A CE  1 
ATOM   88  N NZ  . LYS A 1 15  ? 11.171  -2.502  -12.539 1.00 38.71  ? 15  LYS A NZ  1 
ATOM   89  N N   . GLU A 1 16  ? 4.616   -6.850  -10.078 1.00 17.72  ? 16  GLU A N   1 
ATOM   90  C CA  . GLU A 1 16  ? 3.673   -7.882  -10.537 1.00 18.80  ? 16  GLU A CA  1 
ATOM   91  C C   . GLU A 1 16  ? 2.438   -7.193  -11.135 1.00 16.54  ? 16  GLU A C   1 
ATOM   92  O O   . GLU A 1 16  ? 2.097   -6.101  -10.697 1.00 16.71  ? 16  GLU A O   1 
ATOM   93  C CB  . GLU A 1 16  ? 3.212   -8.720  -9.349  1.00 18.37  ? 16  GLU A CB  1 
ATOM   94  C CG  . GLU A 1 16  ? 4.245   -9.613  -8.707  1.00 27.74  ? 16  GLU A CG  1 
ATOM   95  C CD  A GLU A 1 16  ? 5.159   -8.918  -7.723  0.30 27.57  ? 16  GLU A CD  1 
ATOM   96  C CD  B GLU A 1 16  ? 4.560   -10.881 -9.446  0.70 22.48  ? 16  GLU A CD  1 
ATOM   97  O OE1 A GLU A 1 16  ? 4.931   -7.729  -7.423  0.30 6.11   ? 16  GLU A OE1 1 
ATOM   98  O OE1 B GLU A 1 16  ? 3.962   -11.162 -10.507 0.70 57.71  ? 16  GLU A OE1 1 
ATOM   99  O OE2 A GLU A 1 16  ? 6.106   -9.579  -7.246  0.30 27.95  ? 16  GLU A OE2 1 
ATOM   100 O OE2 B GLU A 1 16  ? 5.500   -11.586 -9.011  0.70 69.89  ? 16  GLU A OE2 1 
ATOM   101 N N   . GLU A 1 17  ? 1.779   -7.794  -12.104 1.00 11.81  ? 17  GLU A N   1 
ATOM   102 C CA  . GLU A 1 17  ? 0.616   -7.206  -12.768 1.00 20.95  ? 17  GLU A CA  1 
ATOM   103 C C   . GLU A 1 17  ? -0.579  -7.187  -11.820 1.00 13.80  ? 17  GLU A C   1 
ATOM   104 O O   . GLU A 1 17  ? -1.502  -6.394  -11.985 1.00 19.34  ? 17  GLU A O   1 
ATOM   105 C CB  . GLU A 1 17  ? 0.298   -7.983  -14.038 1.00 28.97  ? 17  GLU A CB  1 
ATOM   106 C CG  . GLU A 1 17  ? -0.609  -7.272  -15.019 1.00 44.53  ? 17  GLU A CG  1 
ATOM   107 C CD  . GLU A 1 17  ? -0.788  -8.075  -16.295 1.00 49.93  ? 17  GLU A CD  1 
ATOM   108 O OE1 . GLU A 1 17  ? 0.157   -8.813  -16.639 1.00 42.20  ? 17  GLU A OE1 1 
ATOM   109 O OE2 . GLU A 1 17  ? -1.869  -7.979  -16.911 1.00 68.41  ? 17  GLU A OE2 1 
ATOM   110 N N   . SER A 1 18  ? -0.502  -8.000  -10.772 1.00 17.10  ? 18  SER A N   1 
ATOM   111 C CA  . SER A 1 18  ? -1.481  -7.942  -9.694  1.00 13.45  ? 18  SER A CA  1 
ATOM   112 C C   . SER A 1 18  ? -0.927  -8.624  -8.460  1.00 13.62  ? 18  SER A C   1 
ATOM   113 O O   . SER A 1 18  ? -0.168  -9.587  -8.533  1.00 18.90  ? 18  SER A O   1 
ATOM   114 C CB  . SER A 1 18  ? -2.800  -8.626  -10.112 1.00 21.26  ? 18  SER A CB  1 
ATOM   115 O OG  . SER A 1 18  ? -2.561  -10.004 -10.391 1.00 29.58  ? 18  SER A OG  1 
ATOM   116 N N   . GLY A 1 19  ? -1.338  -8.193  -7.269  1.00 13.14  ? 19  GLY A N   1 
ATOM   117 C CA  . GLY A 1 19  ? -0.785  -8.860  -6.092  1.00 10.28  ? 19  GLY A CA  1 
ATOM   118 C C   . GLY A 1 19  ? -1.491  -8.389  -4.848  1.00 16.49  ? 19  GLY A C   1 
ATOM   119 O O   . GLY A 1 19  ? -2.434  -7.580  -4.929  1.00 20.00  ? 19  GLY A O   1 
ATOM   120 N N   . VAL A 1 20  ? -1.017  -8.890  -3.721  1.00 11.07  ? 20  VAL A N   1 
ATOM   121 C CA  . VAL A 1 20  ? -1.524  -8.474  -2.424  1.00 16.91  ? 20  VAL A CA  1 
ATOM   122 C C   . VAL A 1 20  ? -0.383  -8.054  -1.497  1.00 23.06  ? 20  VAL A C   1 
ATOM   123 O O   . VAL A 1 20  ? 0.648   -8.704  -1.416  1.00 23.49  ? 20  VAL A O   1 
ATOM   124 C CB  . VAL A 1 20  ? -2.306  -9.590  -1.700  1.00 28.25  ? 20  VAL A CB  1 
ATOM   125 C CG1 . VAL A 1 20  ? -2.820  -9.075  -0.359  1.00 18.98  ? 20  VAL A CG1 1 
ATOM   126 C CG2 . VAL A 1 20  ? -3.475  -10.028 -2.566  1.00 32.26  ? 20  VAL A CG2 1 
ATOM   127 N N   . ILE A 1 21  ? -0.582  -6.950  -0.793  1.00 14.48  ? 21  ILE A N   1 
ATOM   128 C CA  . ILE A 1 21  ? 0.280   -6.554  0.307   1.00 15.53  ? 21  ILE A CA  1 
ATOM   129 C C   . ILE A 1 21  ? -0.408  -6.836  1.625   1.00 19.82  ? 21  ILE A C   1 
ATOM   130 O O   . ILE A 1 21  ? -1.530  -6.397  1.898   1.00 18.89  ? 21  ILE A O   1 
ATOM   131 C CB  . ILE A 1 21  ? 0.628   -5.060  0.180   1.00 16.28  ? 21  ILE A CB  1 
ATOM   132 C CG1 . ILE A 1 21  ? 1.378   -4.787  -1.129  1.00 16.46  ? 21  ILE A CG1 1 
ATOM   133 C CG2 . ILE A 1 21  ? 1.421   -4.635  1.398   1.00 19.29  ? 21  ILE A CG2 1 
ATOM   134 C CD1 . ILE A 1 21  ? 1.450   -3.324  -1.503  1.00 14.88  ? 21  ILE A CD1 1 
ATOM   135 N N   . ALA A 1 22  ? 0.208   -7.664  2.469   1.00 13.76  ? 22  ALA A N   1 
ATOM   136 C CA  . ALA A 1 22  ? -0.508  -7.941  3.734   1.00 11.46  ? 22  ALA A CA  1 
ATOM   137 C C   . ALA A 1 22  ? 0.471   -7.699  4.875   1.00 25.54  ? 22  ALA A C   1 
ATOM   138 O O   . ALA A 1 22  ? 1.655   -7.481  4.609   1.00 20.85  ? 22  ALA A O   1 
ATOM   139 C CB  . ALA A 1 22  ? -1.011  -9.369  3.712   1.00 15.85  ? 22  ALA A CB  1 
ATOM   140 N N   . THR A 1 23  ? -0.047  -7.721  6.090   1.00 19.24  ? 23  THR A N   1 
ATOM   141 C CA  . THR A 1 23  ? 0.696   -7.343  7.272   1.00 26.49  ? 23  THR A CA  1 
ATOM   142 C C   . THR A 1 23  ? 2.087   -7.964  7.357   1.00 24.02  ? 23  THR A C   1 
ATOM   143 O O   . THR A 1 23  ? 2.259   -9.180  7.309   1.00 21.17  ? 23  THR A O   1 
ATOM   144 C CB  . THR A 1 23  ? -0.101  -7.703  8.538   1.00 28.23  ? 23  THR A CB  1 
ATOM   145 O OG1 . THR A 1 23  ? -1.341  -6.975  8.529   1.00 26.71  ? 23  THR A OG1 1 
ATOM   146 C CG2 . THR A 1 23  ? 0.669   -7.263  9.777   1.00 16.71  ? 23  THR A CG2 1 
ATOM   147 N N   . TYR A 1 24  ? 3.096   -7.129  7.571   1.00 21.84  ? 24  TYR A N   1 
ATOM   148 C CA  . TYR A 1 24  ? 4.439   -7.621  7.907   1.00 21.94  ? 24  TYR A CA  1 
ATOM   149 C C   . TYR A 1 24  ? 4.576   -7.682  9.426   1.00 22.66  ? 24  TYR A C   1 
ATOM   150 O O   . TYR A 1 24  ? 4.222   -6.708  10.094  1.00 21.88  ? 24  TYR A O   1 
ATOM   151 C CB  . TYR A 1 24  ? 5.451   -6.669  7.291   1.00 20.12  ? 24  TYR A CB  1 
ATOM   152 C CG  . TYR A 1 24  ? 6.783   -6.594  7.996   1.00 19.41  ? 24  TYR A CG  1 
ATOM   153 C CD1 . TYR A 1 24  ? 7.761   -7.536  7.728   1.00 21.87  ? 24  TYR A CD1 1 
ATOM   154 C CD2 . TYR A 1 24  ? 7.062   -5.579  8.902   1.00 24.16  ? 24  TYR A CD2 1 
ATOM   155 C CE1 . TYR A 1 24  ? 8.981   -7.456  8.379   1.00 29.53  ? 24  TYR A CE1 1 
ATOM   156 C CE2 . TYR A 1 24  ? 8.278   -5.490  9.544   1.00 20.75  ? 24  TYR A CE2 1 
ATOM   157 C CZ  . TYR A 1 24  ? 9.241   -6.436  9.266   1.00 28.05  ? 24  TYR A CZ  1 
ATOM   158 O OH  . TYR A 1 24  ? 10.473  -6.380  9.896   1.00 30.11  ? 24  TYR A OH  1 
ATOM   159 N N   . TYR A 1 25  ? 5.059   -8.796  9.978   1.00 28.14  ? 25  TYR A N   1 
ATOM   160 C CA  . TYR A 1 25  ? 5.101   -8.978  11.429  1.00 36.84  ? 25  TYR A CA  1 
ATOM   161 C C   . TYR A 1 25  ? 6.479   -8.850  12.057  1.00 32.64  ? 25  TYR A C   1 
ATOM   162 O O   . TYR A 1 25  ? 6.656   -9.138  13.248  1.00 27.85  ? 25  TYR A O   1 
ATOM   163 C CB  . TYR A 1 25  ? 4.460   -10.335 11.798  1.00 41.12  ? 25  TYR A CB  1 
ATOM   164 C CG  . TYR A 1 25  ? 2.944   -10.255 11.805  1.00 42.69  ? 25  TYR A CG  1 
ATOM   165 C CD1 . TYR A 1 25  ? 2.300   -9.384  12.682  1.00 35.38  ? 25  TYR A CD1 1 
ATOM   166 C CD2 . TYR A 1 25  ? 2.155   -11.002 10.940  1.00 49.27  ? 25  TYR A CD2 1 
ATOM   167 C CE1 . TYR A 1 25  ? 0.927   -9.268  12.706  1.00 39.61  ? 25  TYR A CE1 1 
ATOM   168 C CE2 . TYR A 1 25  ? 0.767   -10.903 10.962  1.00 35.28  ? 25  TYR A CE2 1 
ATOM   169 C CZ  . TYR A 1 25  ? 0.164   -10.029 11.844  1.00 51.33  ? 25  TYR A CZ  1 
ATOM   170 O OH  . TYR A 1 25  ? -1.210  -9.904  11.881  1.00 86.20  ? 25  TYR A OH  1 
ATOM   171 N N   . GLY A 1 26  ? 7.500   -8.362  11.359  1.00 33.51  ? 26  GLY A N   1 
ATOM   172 C CA  . GLY A 1 26  ? 8.812   -8.245  11.981  1.00 31.60  ? 26  GLY A CA  1 
ATOM   173 C C   . GLY A 1 26  ? 9.053   -6.955  12.728  1.00 28.17  ? 26  GLY A C   1 
ATOM   174 O O   . GLY A 1 26  ? 8.120   -6.180  12.943  1.00 24.38  ? 26  GLY A O   1 
ATOM   175 N N   . PRO A 1 27  ? 10.303  -6.743  13.161  1.00 22.53  ? 27  PRO A N   1 
ATOM   176 C CA  . PRO A 1 27  ? 10.637  -5.646  14.067  1.00 27.75  ? 27  PRO A CA  1 
ATOM   177 C C   . PRO A 1 27  ? 10.588  -4.256  13.459  1.00 14.90  ? 27  PRO A C   1 
ATOM   178 O O   . PRO A 1 27  ? 10.419  -3.268  14.176  1.00 20.87  ? 27  PRO A O   1 
ATOM   179 C CB  . PRO A 1 27  ? 12.062  -6.005  14.527  1.00 28.04  ? 27  PRO A CB  1 
ATOM   180 C CG  . PRO A 1 27  ? 12.617  -6.837  13.422  1.00 33.25  ? 27  PRO A CG  1 
ATOM   181 C CD  . PRO A 1 27  ? 11.451  -7.601  12.850  1.00 20.70  ? 27  PRO A CD  1 
ATOM   182 N N   . LYS A 1 28  ? 10.716  -4.128  12.136  1.00 25.46  ? 28  LYS A N   1 
ATOM   183 C CA  . LYS A 1 28  ? 10.723  -2.811  11.485  1.00 22.89  ? 28  LYS A CA  1 
ATOM   184 C C   . LYS A 1 28  ? 9.400   -2.090  11.694  1.00 25.33  ? 28  LYS A C   1 
ATOM   185 O O   . LYS A 1 28  ? 8.361   -2.763  11.779  1.00 25.05  ? 28  LYS A O   1 
ATOM   186 C CB  . LYS A 1 28  ? 11.011  -2.977  9.984   1.00 22.16  ? 28  LYS A CB  1 
ATOM   187 C CG  . LYS A 1 28  ? 12.505  -3.081  9.696   1.00 36.24  ? 28  LYS A CG  1 
ATOM   188 C CD  . LYS A 1 28  ? 12.770  -3.778  8.378   1.00 47.58  ? 28  LYS A CD  1 
ATOM   189 C CE  . LYS A 1 28  ? 12.680  -5.290  8.519   0.00 47.58  ? 28  LYS A CE  1 
ATOM   190 N NZ  . LYS A 1 28  ? 12.831  -5.980  7.207   0.00 47.56  ? 28  LYS A NZ  1 
ATOM   191 N N   . THR A 1 29  ? 9.408   -0.767  11.784  1.00 24.31  ? 29  THR A N   1 
ATOM   192 C CA  . THR A 1 29  ? 8.186   -0.032  12.116  1.00 23.19  ? 29  THR A CA  1 
ATOM   193 C C   . THR A 1 29  ? 7.665   0.861   10.993  1.00 26.47  ? 29  THR A C   1 
ATOM   194 O O   . THR A 1 29  ? 6.672   1.582   11.145  1.00 33.84  ? 29  THR A O   1 
ATOM   195 C CB  . THR A 1 29  ? 8.400   0.838   13.374  1.00 22.58  ? 29  THR A CB  1 
ATOM   196 O OG1 . THR A 1 29  ? 9.395   1.825   13.088  1.00 32.73  ? 29  THR A OG1 1 
ATOM   197 C CG2 . THR A 1 29  ? 8.910   -0.005  14.529  1.00 36.86  ? 29  THR A CG2 1 
ATOM   198 N N   . ASN A 1 30  ? 8.351   0.860   9.869   1.00 21.25  ? 30  ASN A N   1 
ATOM   199 C CA  . ASN A 1 30  ? 8.089   1.715   8.710   1.00 22.53  ? 30  ASN A CA  1 
ATOM   200 C C   . ASN A 1 30  ? 8.266   0.862   7.455   1.00 27.70  ? 30  ASN A C   1 
ATOM   201 O O   . ASN A 1 30  ? 9.411   0.489   7.170   1.00 25.88  ? 30  ASN A O   1 
ATOM   202 C CB  . ASN A 1 30  ? 9.175   2.796   8.697   1.00 38.28  ? 30  ASN A CB  1 
ATOM   203 C CG  . ASN A 1 30  ? 8.743   4.236   8.742   1.00 65.16  ? 30  ASN A CG  1 
ATOM   204 O OD1 . ASN A 1 30  ? 8.338   4.766   9.780   1.00 90.16  ? 30  ASN A OD1 1 
ATOM   205 N ND2 . ASN A 1 30  ? 8.924   4.929   7.618   1.00 72.79  ? 30  ASN A ND2 1 
ATOM   206 N N   . CYS A 1 31  ? 7.223   0.497   6.724   1.00 18.81  ? 31  CYS A N   1 
ATOM   207 C CA  . CYS A 1 31  ? 7.413   -0.312  5.522   1.00 15.13  ? 31  CYS A CA  1 
ATOM   208 C C   . CYS A 1 31  ? 6.866   0.457   4.322   1.00 23.31  ? 31  CYS A C   1 
ATOM   209 O O   . CYS A 1 31  ? 5.766   1.014   4.409   1.00 16.80  ? 31  CYS A O   1 
ATOM   210 C CB  . CYS A 1 31  ? 6.714   -1.674  5.623   1.00 17.08  ? 31  CYS A CB  1 
ATOM   211 S SG  . CYS A 1 31  ? 7.221   -2.567  7.115   1.00 26.51  ? 31  CYS A SG  1 
ATOM   212 N N   . VAL A 1 32  ? 7.660   0.469   3.267   1.00 14.51  ? 32  VAL A N   1 
ATOM   213 C CA  . VAL A 1 32  ? 7.327   1.312   2.113   1.00 20.16  ? 32  VAL A CA  1 
ATOM   214 C C   . VAL A 1 32  ? 7.289   0.446   0.859   1.00 16.83  ? 32  VAL A C   1 
ATOM   215 O O   . VAL A 1 32  ? 8.340   -0.043  0.449   1.00 14.14  ? 32  VAL A O   1 
ATOM   216 C CB  . VAL A 1 32  ? 8.339   2.454   1.918   1.00 18.95  ? 32  VAL A CB  1 
ATOM   217 C CG1 . VAL A 1 32  ? 7.941   3.341   0.747   1.00 14.22  ? 32  VAL A CG1 1 
ATOM   218 C CG2 . VAL A 1 32  ? 8.487   3.288   3.186   1.00 17.22  ? 32  VAL A CG2 1 
ATOM   219 N N   . TRP A 1 33  ? 6.080   0.213   0.316   1.00 15.23  ? 33  TRP A N   1 
ATOM   220 C CA  . TRP A 1 33  ? 5.979   -0.631  -0.877  1.00 18.13  ? 33  TRP A CA  1 
ATOM   221 C C   . TRP A 1 33  ? 5.784   0.285   -2.085  1.00 19.46  ? 33  TRP A C   1 
ATOM   222 O O   . TRP A 1 33  ? 4.907   1.142   -2.077  1.00 17.01  ? 33  TRP A O   1 
ATOM   223 C CB  . TRP A 1 33  ? 4.850   -1.649  -0.840  1.00 14.63  ? 33  TRP A CB  1 
ATOM   224 C CG  . TRP A 1 33  ? 4.938   -2.754  0.160   1.00 14.11  ? 33  TRP A CG  1 
ATOM   225 C CD1 . TRP A 1 33  ? 5.489   -4.001  0.008   1.00 11.23  ? 33  TRP A CD1 1 
ATOM   226 C CD2 . TRP A 1 33  ? 4.454   -2.675  1.511   1.00 16.75  ? 33  TRP A CD2 1 
ATOM   227 N NE1 . TRP A 1 33  ? 5.364   -4.702  1.190   1.00 20.17  ? 33  TRP A NE1 1 
ATOM   228 C CE2 . TRP A 1 33  ? 4.726   -3.909  2.120   1.00 15.33  ? 33  TRP A CE2 1 
ATOM   229 C CE3 . TRP A 1 33  ? 3.811   -1.662  2.230   1.00 23.40  ? 33  TRP A CE3 1 
ATOM   230 C CZ2 . TRP A 1 33  ? 4.367   -4.177  3.444   1.00 11.43  ? 33  TRP A CZ2 1 
ATOM   231 C CZ3 . TRP A 1 33  ? 3.453   -1.917  3.542   1.00 17.21  ? 33  TRP A CZ3 1 
ATOM   232 C CH2 . TRP A 1 33  ? 3.748   -3.166  4.116   1.00 16.23  ? 33  TRP A CH2 1 
ATOM   233 N N   . THR A 1 34  ? 6.615   0.119   -3.104  1.00 11.69  ? 34  THR A N   1 
ATOM   234 C CA  . THR A 1 34  ? 6.447   0.997   -4.274  1.00 15.62  ? 34  THR A CA  1 
ATOM   235 C C   . THR A 1 34  ? 6.087   0.143   -5.481  1.00 18.41  ? 34  THR A C   1 
ATOM   236 O O   . THR A 1 34  ? 6.867   -0.726  -5.884  1.00 15.90  ? 34  THR A O   1 
ATOM   237 C CB  . THR A 1 34  ? 7.748   1.776   -4.530  1.00 14.68  ? 34  THR A CB  1 
ATOM   238 O OG1 . THR A 1 34  ? 7.891   2.714   -3.446  1.00 17.99  ? 34  THR A OG1 1 
ATOM   239 C CG2 . THR A 1 34  ? 7.670   2.620   -5.791  1.00 12.52  ? 34  THR A CG2 1 
ATOM   240 N N   . ILE A 1 35  ? 4.887   0.398   -6.001  1.00 12.33  ? 35  ILE A N   1 
ATOM   241 C CA  . ILE A 1 35  ? 4.413   -0.430  -7.108  1.00 13.85  ? 35  ILE A CA  1 
ATOM   242 C C   . ILE A 1 35  ? 4.727   0.263   -8.423  1.00 17.21  ? 35  ILE A C   1 
ATOM   243 O O   . ILE A 1 35  ? 4.375   1.416   -8.662  1.00 13.93  ? 35  ILE A O   1 
ATOM   244 C CB  . ILE A 1 35  ? 2.895   -0.680  -6.946  1.00 12.62  ? 35  ILE A CB  1 
ATOM   245 C CG1 . ILE A 1 35  ? 2.563   -1.359  -5.610  1.00 18.20  ? 35  ILE A CG1 1 
ATOM   246 C CG2 . ILE A 1 35  ? 2.410   -1.525  -8.122  1.00 12.27  ? 35  ILE A CG2 1 
ATOM   247 C CD1 . ILE A 1 35  ? 1.336   -0.753  -4.939  1.00 20.95  ? 35  ILE A CD1 1 
ATOM   248 N N   . GLN A 1 36  ? 5.499   -0.420  -9.270  1.00 9.55   ? 36  GLN A N   1 
ATOM   249 C CA  . GLN A 1 36  ? 6.001   0.222   -10.484 1.00 14.00  ? 36  GLN A CA  1 
ATOM   250 C C   . GLN A 1 36  ? 5.567   -0.532  -11.740 1.00 17.28  ? 36  GLN A C   1 
ATOM   251 O O   . GLN A 1 36  ? 6.057   -1.632  -12.000 1.00 17.75  ? 36  GLN A O   1 
ATOM   252 C CB  . GLN A 1 36  ? 7.547   0.210   -10.417 1.00 19.78  ? 36  GLN A CB  1 
ATOM   253 C CG  A GLN A 1 36  ? 8.219   0.935   -11.577 0.62 18.79  ? 36  GLN A CG  1 
ATOM   254 C CG  B GLN A 1 36  ? 8.091   1.181   -9.384  0.38 6.69   ? 36  GLN A CG  1 
ATOM   255 C CD  A GLN A 1 36  ? 9.725   0.719   -11.560 0.62 35.57  ? 36  GLN A CD  1 
ATOM   256 C CD  B GLN A 1 36  ? 9.564   1.503   -9.533  0.38 23.13  ? 36  GLN A CD  1 
ATOM   257 O OE1 A GLN A 1 36  ? 10.344  0.499   -12.599 0.62 33.48  ? 36  GLN A OE1 1 
ATOM   258 O OE1 B GLN A 1 36  ? 10.057  2.450   -8.913  0.38 20.42  ? 36  GLN A OE1 1 
ATOM   259 N NE2 . GLN A 1 36  ? 10.296  0.765   -10.357 1.00 26.54  ? 36  GLN A NE2 1 
ATOM   260 N N   . MET A 1 37  ? 4.718   0.124   -12.524 1.00 16.38  ? 37  MET A N   1 
ATOM   261 C CA  . MET A 1 37  ? 4.172   -0.502  -13.720 1.00 15.36  ? 37  MET A CA  1 
ATOM   262 C C   . MET A 1 37  ? 4.911   0.031   -14.936 1.00 17.12  ? 37  MET A C   1 
ATOM   263 O O   . MET A 1 37  ? 5.571   1.066   -14.804 1.00 21.73  ? 37  MET A O   1 
ATOM   264 C CB  . MET A 1 37  ? 2.676   -0.169  -13.835 1.00 17.21  ? 37  MET A CB  1 
ATOM   265 C CG  . MET A 1 37  ? 1.835   -0.809  -12.722 1.00 16.19  ? 37  MET A CG  1 
ATOM   266 S SD  . MET A 1 37  ? 1.977   -2.605  -12.777 1.00 29.04  ? 37  MET A SD  1 
ATOM   267 C CE  . MET A 1 37  ? 1.545   -3.025  -11.097 1.00 31.79  ? 37  MET A CE  1 
ATOM   268 N N   . PRO A 1 38  ? 4.751   -0.608  -16.084 1.00 23.48  ? 38  PRO A N   1 
ATOM   269 C CA  . PRO A 1 38  ? 5.365   -0.096  -17.318 1.00 22.20  ? 38  PRO A CA  1 
ATOM   270 C C   . PRO A 1 38  ? 4.871   1.305   -17.633 1.00 31.51  ? 38  PRO A C   1 
ATOM   271 O O   . PRO A 1 38  ? 3.868   1.793   -17.105 1.00 30.46  ? 38  PRO A O   1 
ATOM   272 C CB  . PRO A 1 38  ? 4.949   -1.110  -18.385 1.00 21.82  ? 38  PRO A CB  1 
ATOM   273 C CG  . PRO A 1 38  ? 4.712   -2.352  -17.580 1.00 25.02  ? 38  PRO A CG  1 
ATOM   274 C CD  . PRO A 1 38  ? 3.999   -1.849  -16.345 1.00 20.63  ? 38  PRO A CD  1 
ATOM   275 N N   . PRO A 1 39  ? 5.661   1.988   -18.452 1.00 55.63  ? 39  PRO A N   1 
ATOM   276 C CA  . PRO A 1 39  ? 5.443   3.408   -18.713 1.00 52.84  ? 39  PRO A CA  1 
ATOM   277 C C   . PRO A 1 39  ? 4.039   3.816   -19.076 1.00 44.52  ? 39  PRO A C   1 
ATOM   278 O O   . PRO A 1 39  ? 3.520   4.852   -18.615 1.00 43.49  ? 39  PRO A O   1 
ATOM   279 C CB  . PRO A 1 39  ? 6.450   3.702   -19.834 1.00 40.44  ? 39  PRO A CB  1 
ATOM   280 C CG  . PRO A 1 39  ? 7.558   2.725   -19.568 1.00 42.43  ? 39  PRO A CG  1 
ATOM   281 C CD  . PRO A 1 39  ? 6.875   1.464   -19.118 1.00 41.73  ? 39  PRO A CD  1 
ATOM   282 N N   . GLU A 1 40  ? 3.287   3.118   -19.937 1.00 33.18  ? 40  GLU A N   1 
ATOM   283 C CA  . GLU A 1 40  ? 2.011   3.826   -20.214 1.00 56.25  ? 40  GLU A CA  1 
ATOM   284 C C   . GLU A 1 40  ? 0.866   3.385   -19.322 1.00 37.57  ? 40  GLU A C   1 
ATOM   285 O O   . GLU A 1 40  ? -0.294  3.739   -19.530 1.00 35.22  ? 40  GLU A O   1 
ATOM   286 C CB  . GLU A 1 40  ? 1.668   3.707   -21.696 1.00 72.72  ? 40  GLU A CB  1 
ATOM   287 C CG  . GLU A 1 40  ? 2.131   4.912   -22.511 1.00 107.09 ? 40  GLU A CG  1 
ATOM   288 C CD  . GLU A 1 40  ? 1.882   4.753   -23.997 1.00 127.73 ? 40  GLU A CD  1 
ATOM   289 O OE1 . GLU A 1 40  ? 1.863   3.603   -24.485 1.00 161.91 ? 40  GLU A OE1 1 
ATOM   290 O OE2 . GLU A 1 40  ? 1.731   5.790   -24.683 1.00 145.33 ? 40  GLU A OE2 1 
ATOM   291 N N   . TYR A 1 41  ? 1.168   2.602   -18.291 1.00 20.17  ? 41  TYR A N   1 
ATOM   292 C CA  . TYR A 1 41  ? 0.140   2.034   -17.437 1.00 17.54  ? 41  TYR A CA  1 
ATOM   293 C C   . TYR A 1 41  ? -0.097  2.831   -16.175 1.00 22.05  ? 41  TYR A C   1 
ATOM   294 O O   . TYR A 1 41  ? 0.656   3.725   -15.807 1.00 23.13  ? 41  TYR A O   1 
ATOM   295 C CB  . TYR A 1 41  ? 0.525   0.570   -17.112 1.00 16.90  ? 41  TYR A CB  1 
ATOM   296 C CG  . TYR A 1 41  ? 0.422   -0.251  -18.384 1.00 33.16  ? 41  TYR A CG  1 
ATOM   297 C CD1 . TYR A 1 41  ? 1.472   -0.334  -19.289 1.00 39.96  ? 41  TYR A CD1 1 
ATOM   298 C CD2 . TYR A 1 41  ? -0.776  -0.890  -18.680 1.00 26.24  ? 41  TYR A CD2 1 
ATOM   299 C CE1 . TYR A 1 41  ? 1.329   -1.072  -20.452 1.00 53.65  ? 41  TYR A CE1 1 
ATOM   300 C CE2 . TYR A 1 41  ? -0.914  -1.629  -19.834 1.00 29.40  ? 41  TYR A CE2 1 
ATOM   301 C CZ  . TYR A 1 41  ? 0.139   -1.714  -20.719 1.00 44.85  ? 41  TYR A CZ  1 
ATOM   302 O OH  . TYR A 1 41  ? -0.024  -2.465  -21.862 1.00 56.87  ? 41  TYR A OH  1 
ATOM   303 N N   . HIS A 1 42  ? -1.186  2.499   -15.486 1.00 13.98  ? 42  HIS A N   1 
ATOM   304 C CA  . HIS A 1 42  ? -1.457  3.071   -14.178 1.00 16.16  ? 42  HIS A CA  1 
ATOM   305 C C   . HIS A 1 42  ? -1.533  1.927   -13.177 1.00 10.03  ? 42  HIS A C   1 
ATOM   306 O O   . HIS A 1 42  ? -1.448  0.750   -13.521 1.00 15.69  ? 42  HIS A O   1 
ATOM   307 C CB  . HIS A 1 42  ? -2.756  3.875   -14.130 1.00 16.74  ? 42  HIS A CB  1 
ATOM   308 C CG  . HIS A 1 42  ? -2.737  5.001   -15.116 1.00 22.97  ? 42  HIS A CG  1 
ATOM   309 N ND1 . HIS A 1 42  ? -2.502  6.307   -14.749 1.00 28.29  ? 42  HIS A ND1 1 
ATOM   310 C CD2 . HIS A 1 42  ? -2.877  4.996   -16.464 1.00 23.81  ? 42  HIS A CD2 1 
ATOM   311 C CE1 . HIS A 1 42  ? -2.516  7.056   -15.831 1.00 33.95  ? 42  HIS A CE1 1 
ATOM   312 N NE2 . HIS A 1 42  ? -2.744  6.288   -16.884 1.00 31.17  ? 42  HIS A NE2 1 
ATOM   313 N N   . VAL A 1 43  ? -1.674  2.352   -11.929 1.00 14.69  ? 43  VAL A N   1 
ATOM   314 C CA  . VAL A 1 43  ? -1.806  1.360   -10.870 1.00 12.39  ? 43  VAL A CA  1 
ATOM   315 C C   . VAL A 1 43  ? -3.182  1.560   -10.230 1.00 13.12  ? 43  VAL A C   1 
ATOM   316 O O   . VAL A 1 43  ? -3.530  2.683   -9.907  1.00 16.39  ? 43  VAL A O   1 
ATOM   317 C CB  . VAL A 1 43  ? -0.756  1.597   -9.768  1.00 16.22  ? 43  VAL A CB  1 
ATOM   318 C CG1 . VAL A 1 43  ? -0.931  0.577   -8.657  1.00 18.36  ? 43  VAL A CG1 1 
ATOM   319 C CG2 . VAL A 1 43  ? 0.640   1.554   -10.367 1.00 13.83  ? 43  VAL A CG2 1 
ATOM   320 N N   . ARG A 1 44  ? -3.888  0.466   -9.979  1.00 12.33  ? 44  ARG A N   1 
ATOM   321 C CA  . ARG A 1 44  ? -5.133  0.624   -9.225  1.00 17.29  ? 44  ARG A CA  1 
ATOM   322 C C   . ARG A 1 44  ? -4.938  -0.027  -7.868  1.00 19.05  ? 44  ARG A C   1 
ATOM   323 O O   . ARG A 1 44  ? -4.326  -1.095  -7.752  1.00 18.10  ? 44  ARG A O   1 
ATOM   324 C CB  . ARG A 1 44  ? -6.260  0.000   -10.043 1.00 17.31  ? 44  ARG A CB  1 
ATOM   325 C CG  . ARG A 1 44  ? -7.580  0.023   -9.269  1.00 29.11  ? 44  ARG A CG  1 
ATOM   326 C CD  . ARG A 1 44  ? -8.259  1.363   -9.517  1.00 40.94  ? 44  ARG A CD  1 
ATOM   327 N NE  . ARG A 1 44  ? -8.558  1.529   -10.937 1.00 45.45  ? 44  ARG A NE  1 
ATOM   328 C CZ  . ARG A 1 44  ? -9.771  1.793   -11.414 1.00 33.97  ? 44  ARG A CZ  1 
ATOM   329 N NH1 . ARG A 1 44  ? -10.805 1.920   -10.590 1.00 26.12  ? 44  ARG A NH1 1 
ATOM   330 N NH2 . ARG A 1 44  ? -9.921  1.939   -12.725 1.00 26.72  ? 44  ARG A NH2 1 
ATOM   331 N N   . VAL A 1 45  ? -5.355  0.626   -6.794  1.00 13.63  ? 45  VAL A N   1 
ATOM   332 C CA  . VAL A 1 45  ? -5.160  0.027   -5.467  1.00 13.00  ? 45  VAL A CA  1 
ATOM   333 C C   . VAL A 1 45  ? -6.530  -0.076  -4.793  1.00 24.68  ? 45  VAL A C   1 
ATOM   334 O O   . VAL A 1 45  ? -7.256  0.915   -4.838  1.00 22.72  ? 45  VAL A O   1 
ATOM   335 C CB  . VAL A 1 45  ? -4.241  0.880   -4.576  1.00 29.59  ? 45  VAL A CB  1 
ATOM   336 C CG1 . VAL A 1 45  ? -4.521  0.616   -3.102  1.00 19.89  ? 45  VAL A CG1 1 
ATOM   337 C CG2 . VAL A 1 45  ? -2.782  0.594   -4.912  1.00 23.41  ? 45  VAL A CG2 1 
ATOM   338 N N   . SER A 1 46  ? -6.861  -1.237  -4.245  1.00 18.05  ? 46  SER A N   1 
ATOM   339 C CA  . SER A 1 46  ? -8.145  -1.455  -3.593  1.00 18.71  ? 46  SER A CA  1 
ATOM   340 C C   . SER A 1 46  ? -7.961  -1.975  -2.167  1.00 19.94  ? 46  SER A C   1 
ATOM   341 O O   . SER A 1 46  ? -7.224  -2.936  -1.917  1.00 19.98  ? 46  SER A O   1 
ATOM   342 C CB  . SER A 1 46  ? -8.992  -2.502  -4.346  1.00 18.71  ? 46  SER A CB  1 
ATOM   343 O OG  . SER A 1 46  ? -9.102  -2.197  -5.719  1.00 51.62  ? 46  SER A OG  1 
ATOM   344 N N   . ILE A 1 47  ? -8.706  -1.381  -1.248  1.00 12.59  ? 47  ILE A N   1 
ATOM   345 C CA  . ILE A 1 47  ? -8.733  -1.840  0.141   1.00 9.72   ? 47  ILE A CA  1 
ATOM   346 C C   . ILE A 1 47  ? -10.186 -2.061  0.546   1.00 20.84  ? 47  ILE A C   1 
ATOM   347 O O   . ILE A 1 47  ? -10.954 -1.104  0.656   1.00 19.64  ? 47  ILE A O   1 
ATOM   348 C CB  . ILE A 1 47  ? -8.096  -0.790  1.064   1.00 11.69  ? 47  ILE A CB  1 
ATOM   349 C CG1 . ILE A 1 47  ? -6.691  -0.355  0.619   1.00 24.21  ? 47  ILE A CG1 1 
ATOM   350 C CG2 . ILE A 1 47  ? -8.084  -1.245  2.514   1.00 22.14  ? 47  ILE A CG2 1 
ATOM   351 C CD1 . ILE A 1 47  ? -6.046  0.638   1.559   1.00 25.22  ? 47  ILE A CD1 1 
ATOM   352 N N   . GLN A 1 48  ? -10.597 -3.305  0.719   1.00 17.54  ? 48  GLN A N   1 
ATOM   353 C CA  . GLN A 1 48  ? -12.003 -3.626  0.958   1.00 19.00  ? 48  GLN A CA  1 
ATOM   354 C C   . GLN A 1 48  ? -12.493 -3.171  2.319   1.00 20.12  ? 48  GLN A C   1 
ATOM   355 O O   . GLN A 1 48  ? -13.593 -2.657  2.529   1.00 26.85  ? 48  GLN A O   1 
ATOM   356 C CB  . GLN A 1 48  ? -12.165 -5.152  0.826   1.00 22.72  ? 48  GLN A CB  1 
ATOM   357 C CG  . GLN A 1 48  ? -12.723 -5.585  -0.520  1.00 47.64  ? 48  GLN A CG  1 
ATOM   358 C CD  . GLN A 1 48  ? -14.181 -5.190  -0.671  1.00 61.51  ? 48  GLN A CD  1 
ATOM   359 O OE1 . GLN A 1 48  ? -14.965 -5.326  0.270   1.00 75.25  ? 48  GLN A OE1 1 
ATOM   360 N NE2 . GLN A 1 48  ? -14.534 -4.680  -1.842  1.00 83.18  ? 48  GLN A NE2 1 
ATOM   361 N N   . TYR A 1 49  ? -11.655 -3.409  3.321   1.00 16.46  ? 49  TYR A N   1 
ATOM   362 C CA  . TYR A 1 49  ? -11.971 -3.034  4.689   1.00 15.49  ? 49  TYR A CA  1 
ATOM   363 C C   . TYR A 1 49  ? -10.670 -2.664  5.385   1.00 23.11  ? 49  TYR A C   1 
ATOM   364 O O   . TYR A 1 49  ? -9.716  -3.445  5.329   1.00 22.10  ? 49  TYR A O   1 
ATOM   365 C CB  . TYR A 1 49  ? -12.547 -4.228  5.458   1.00 26.24  ? 49  TYR A CB  1 
ATOM   366 C CG  . TYR A 1 49  ? -13.836 -4.796  4.933   1.00 59.54  ? 49  TYR A CG  1 
ATOM   367 C CD1 . TYR A 1 49  ? -14.941 -4.000  4.668   1.00 65.28  ? 49  TYR A CD1 1 
ATOM   368 C CD2 . TYR A 1 49  ? -13.953 -6.163  4.704   1.00 80.16  ? 49  TYR A CD2 1 
ATOM   369 C CE1 . TYR A 1 49  ? -16.112 -4.560  4.186   1.00 81.26  ? 49  TYR A CE1 1 
ATOM   370 C CE2 . TYR A 1 49  ? -15.118 -6.726  4.223   1.00 82.75  ? 49  TYR A CE2 1 
ATOM   371 C CZ  . TYR A 1 49  ? -16.203 -5.917  3.965   1.00 83.91  ? 49  TYR A CZ  1 
ATOM   372 O OH  . TYR A 1 49  ? -17.367 -6.477  3.489   1.00 126.57 ? 49  TYR A OH  1 
ATOM   373 N N   . LEU A 1 50  ? -10.625 -1.543  6.063   1.00 19.57  ? 50  LEU A N   1 
ATOM   374 C CA  . LEU A 1 50  ? -9.405  -1.272  6.831   1.00 22.23  ? 50  LEU A CA  1 
ATOM   375 C C   . LEU A 1 50  ? -9.759  -0.928  8.266   1.00 26.57  ? 50  LEU A C   1 
ATOM   376 O O   . LEU A 1 50  ? -10.573 -0.042  8.563   1.00 21.32  ? 50  LEU A O   1 
ATOM   377 C CB  . LEU A 1 50  ? -8.613  -0.148  6.152   1.00 19.09  ? 50  LEU A CB  1 
ATOM   378 C CG  . LEU A 1 50  ? -7.282  0.197   6.831   1.00 22.06  ? 50  LEU A CG  1 
ATOM   379 C CD1 . LEU A 1 50  ? -6.273  -0.919  6.639   1.00 21.20  ? 50  LEU A CD1 1 
ATOM   380 C CD2 . LEU A 1 50  ? -6.763  1.530   6.314   1.00 26.43  ? 50  LEU A CD2 1 
ATOM   381 N N   . GLN A 1 51  ? -9.131  -1.624  9.218   1.00 16.55  ? 51  GLN A N   1 
ATOM   382 C CA  . GLN A 1 51  ? -9.420  -1.245  10.608  1.00 17.18  ? 51  GLN A CA  1 
ATOM   383 C C   . GLN A 1 51  ? -8.135  -1.255  11.440  1.00 31.24  ? 51  GLN A C   1 
ATOM   384 O O   . GLN A 1 51  ? -7.802  -2.264  12.052  1.00 26.75  ? 51  GLN A O   1 
ATOM   385 C CB  . GLN A 1 51  ? -10.446 -2.192  11.223  1.00 23.19  ? 51  GLN A CB  1 
ATOM   386 C CG  . GLN A 1 51  ? -11.817 -2.224  10.569  1.00 43.74  ? 51  GLN A CG  1 
ATOM   387 C CD  . GLN A 1 51  ? -12.661 -3.380  11.091  1.00 64.97  ? 51  GLN A CD  1 
ATOM   388 O OE1 . GLN A 1 51  ? -12.366 -4.549  10.830  1.00 38.07  ? 51  GLN A OE1 1 
ATOM   389 N NE2 . GLN A 1 51  ? -13.692 -3.063  11.872  1.00 30.33  ? 51  GLN A NE2 1 
ATOM   390 N N   . LEU A 1 52  ? -7.431  -0.139  11.459  1.00 19.71  ? 52  LEU A N   1 
ATOM   391 C CA  . LEU A 1 52  ? -6.211  0.084   12.215  1.00 21.96  ? 52  LEU A CA  1 
ATOM   392 C C   . LEU A 1 52  ? -6.455  0.839   13.516  1.00 30.26  ? 52  LEU A C   1 
ATOM   393 O O   . LEU A 1 52  ? -7.472  1.500   13.707  1.00 34.30  ? 52  LEU A O   1 
ATOM   394 C CB  . LEU A 1 52  ? -5.244  0.906   11.337  1.00 17.79  ? 52  LEU A CB  1 
ATOM   395 C CG  . LEU A 1 52  ? -4.878  0.240   10.003  1.00 27.82  ? 52  LEU A CG  1 
ATOM   396 C CD1 . LEU A 1 52  ? -3.875  1.088   9.240   1.00 21.52  ? 52  LEU A CD1 1 
ATOM   397 C CD2 . LEU A 1 52  ? -4.357  -1.174  10.184  1.00 24.71  ? 52  LEU A CD2 1 
ATOM   398 N N   . ASN A 1 53  ? -5.508  0.778   14.451  1.00 25.92  ? 53  ASN A N   1 
ATOM   399 C CA  . ASN A 1 53  ? -5.559  1.656   15.614  1.00 25.25  ? 53  ASN A CA  1 
ATOM   400 C C   . ASN A 1 53  ? -4.979  3.015   15.223  1.00 35.74  ? 53  ASN A C   1 
ATOM   401 O O   . ASN A 1 53  ? -3.762  3.198   15.148  1.00 30.52  ? 53  ASN A O   1 
ATOM   402 C CB  . ASN A 1 53  ? -4.725  1.092   16.770  1.00 33.29  ? 53  ASN A CB  1 
ATOM   403 C CG  . ASN A 1 53  ? -4.918  1.903   18.041  1.00 28.75  ? 53  ASN A CG  1 
ATOM   404 O OD1 . ASN A 1 53  ? -4.996  3.134   18.019  1.00 35.04  ? 53  ASN A OD1 1 
ATOM   405 N ND2 . ASN A 1 53  ? -5.013  1.193   19.158  1.00 39.47  ? 53  ASN A ND2 1 
ATOM   406 N N   . CYS A 1 54  ? -5.828  4.003   14.974  1.00 27.05  ? 54  CYS A N   1 
ATOM   407 C CA  . CYS A 1 54  ? -5.318  5.267   14.447  1.00 30.39  ? 54  CYS A CA  1 
ATOM   408 C C   . CYS A 1 54  ? -4.387  5.951   15.430  1.00 30.98  ? 54  CYS A C   1 
ATOM   409 O O   . CYS A 1 54  ? -3.600  6.818   15.049  1.00 33.58  ? 54  CYS A O   1 
ATOM   410 C CB  . CYS A 1 54  ? -6.459  6.203   14.030  1.00 48.85  ? 54  CYS A CB  1 
ATOM   411 S SG  A CYS A 1 54  ? -7.964  5.366   13.463  0.44 23.51  ? 54  CYS A SG  1 
ATOM   412 S SG  B CYS A 1 54  ? -6.186  6.926   12.384  0.56 44.24  ? 54  CYS A SG  1 
ATOM   413 N N   . ASN A 1 55  ? -4.405  5.555   16.706  1.00 28.49  ? 55  ASN A N   1 
ATOM   414 C CA  . ASN A 1 55  ? -3.450  6.139   17.645  1.00 43.60  ? 55  ASN A CA  1 
ATOM   415 C C   . ASN A 1 55  ? -2.041  5.598   17.461  1.00 41.65  ? 55  ASN A C   1 
ATOM   416 O O   . ASN A 1 55  ? -1.060  6.214   17.880  1.00 38.58  ? 55  ASN A O   1 
ATOM   417 C CB  . ASN A 1 55  ? -3.907  5.854   19.084  1.00 76.37  ? 55  ASN A CB  1 
ATOM   418 C CG  . ASN A 1 55  ? -4.602  7.056   19.697  1.00 94.89  ? 55  ASN A CG  1 
ATOM   419 O OD1 . ASN A 1 55  ? -5.823  7.034   19.866  1.00 68.67  ? 55  ASN A OD1 1 
ATOM   420 N ND2 . ASN A 1 55  ? -3.835  8.100   20.001  1.00 102.47 ? 55  ASN A ND2 1 
ATOM   421 N N   . LYS A 1 56  ? -1.891  4.380   16.937  1.00 35.49  ? 56  LYS A N   1 
ATOM   422 C CA  . LYS A 1 56  ? -0.549  3.801   16.964  1.00 24.99  ? 56  LYS A CA  1 
ATOM   423 C C   . LYS A 1 56  ? -0.030  3.399   15.601  1.00 29.34  ? 56  LYS A C   1 
ATOM   424 O O   . LYS A 1 56  ? 1.112   2.951   15.440  1.00 24.20  ? 56  LYS A O   1 
ATOM   425 C CB  . LYS A 1 56  ? -0.540  2.603   17.921  1.00 22.04  ? 56  LYS A CB  1 
ATOM   426 C CG  . LYS A 1 56  ? -1.598  2.666   19.002  1.00 44.00  ? 56  LYS A CG  1 
ATOM   427 C CD  . LYS A 1 56  ? -1.048  2.420   20.391  1.00 65.84  ? 56  LYS A CD  1 
ATOM   428 C CE  . LYS A 1 56  ? -1.717  3.309   21.424  1.00 97.87  ? 56  LYS A CE  1 
ATOM   429 N NZ  . LYS A 1 56  ? -3.099  3.724   21.030  1.00 112.24 ? 56  LYS A NZ  1 
ATOM   430 N N   . GLU A 1 57  ? -0.862  3.477   14.567  1.00 33.52  ? 57  GLU A N   1 
ATOM   431 C CA  . GLU A 1 57  ? -0.369  3.032   13.257  1.00 28.90  ? 57  GLU A CA  1 
ATOM   432 C C   . GLU A 1 57  ? -1.189  3.678   12.153  1.00 31.20  ? 57  GLU A C   1 
ATOM   433 O O   . GLU A 1 57  ? -2.258  4.231   12.420  1.00 28.67  ? 57  GLU A O   1 
ATOM   434 C CB  . GLU A 1 57  ? -0.455  1.503   13.174  1.00 28.73  ? 57  GLU A CB  1 
ATOM   435 C CG  . GLU A 1 57  ? -1.894  1.032   13.178  1.00 24.61  ? 57  GLU A CG  1 
ATOM   436 C CD  . GLU A 1 57  ? -2.114  -0.428  13.465  1.00 25.18  ? 57  GLU A CD  1 
ATOM   437 O OE1 . GLU A 1 57  ? -1.370  -1.320  12.997  1.00 26.52  ? 57  GLU A OE1 1 
ATOM   438 O OE2 . GLU A 1 57  ? -3.108  -0.691  14.182  1.00 31.20  ? 57  GLU A OE2 1 
ATOM   439 N N   . SER A 1 58  ? -0.688  3.642   10.919  1.00 21.45  ? 58  SER A N   1 
ATOM   440 C CA  . SER A 1 58  ? -1.493  4.175   9.829   1.00 21.01  ? 58  SER A CA  1 
ATOM   441 C C   . SER A 1 58  ? -0.970  3.665   8.493   1.00 24.52  ? 58  SER A C   1 
ATOM   442 O O   . SER A 1 58  ? 0.145   3.168   8.408   1.00 21.00  ? 58  SER A O   1 
ATOM   443 C CB  . SER A 1 58  ? -1.565  5.701   9.837   1.00 30.43  ? 58  SER A CB  1 
ATOM   444 O OG  . SER A 1 58  ? -0.292  6.291   9.643   1.00 40.59  ? 58  SER A OG  1 
ATOM   445 N N   . LEU A 1 59  ? -1.834  3.819   7.497   1.00 21.22  ? 59  LEU A N   1 
ATOM   446 C CA  . LEU A 1 59  ? -1.474  3.457   6.126   1.00 13.35  ? 59  LEU A CA  1 
ATOM   447 C C   . LEU A 1 59  ? -1.627  4.715   5.273   1.00 23.31  ? 59  LEU A C   1 
ATOM   448 O O   . LEU A 1 59  ? -2.592  5.454   5.471   1.00 20.75  ? 59  LEU A O   1 
ATOM   449 C CB  . LEU A 1 59  ? -2.393  2.344   5.653   1.00 18.25  ? 59  LEU A CB  1 
ATOM   450 C CG  . LEU A 1 59  ? -2.101  1.736   4.286   1.00 27.95  ? 59  LEU A CG  1 
ATOM   451 C CD1 . LEU A 1 59  ? -1.004  0.682   4.399   1.00 26.17  ? 59  LEU A CD1 1 
ATOM   452 C CD2 . LEU A 1 59  ? -3.384  1.129   3.734   1.00 43.26  ? 59  LEU A CD2 1 
ATOM   453 N N   . GLU A 1 60  ? -0.655  4.974   4.409   1.00 17.64  ? 60  GLU A N   1 
ATOM   454 C CA  . GLU A 1 60  ? -0.640  6.150   3.553   1.00 17.97  ? 60  GLU A CA  1 
ATOM   455 C C   . GLU A 1 60  ? -0.479  5.729   2.104   1.00 21.97  ? 60  GLU A C   1 
ATOM   456 O O   . GLU A 1 60  ? 0.276   4.819   1.755   1.00 17.42  ? 60  GLU A O   1 
ATOM   457 C CB  . GLU A 1 60  ? 0.478   7.099   3.981   1.00 14.78  ? 60  GLU A CB  1 
ATOM   458 C CG  . GLU A 1 60  ? 0.667   8.316   3.089   1.00 24.79  ? 60  GLU A CG  1 
ATOM   459 C CD  . GLU A 1 60  ? 1.644   9.252   3.811   1.00 41.27  ? 60  GLU A CD  1 
ATOM   460 O OE1 . GLU A 1 60  ? 2.359   8.740   4.696   1.00 42.64  ? 60  GLU A OE1 1 
ATOM   461 O OE2 . GLU A 1 60  ? 1.658   10.467  3.567   1.00 59.61  ? 60  GLU A OE2 1 
ATOM   462 N N   . ILE A 1 61  ? -1.253  6.399   1.255   1.00 13.92  ? 61  ILE A N   1 
ATOM   463 C CA  . ILE A 1 61  ? -1.202  6.071   -0.172  1.00 10.33  ? 61  ILE A CA  1 
ATOM   464 C C   . ILE A 1 61  ? -0.636  7.321   -0.847  1.00 12.66  ? 61  ILE A C   1 
ATOM   465 O O   . ILE A 1 61  ? -1.134  8.414   -0.566  1.00 15.37  ? 61  ILE A O   1 
ATOM   466 C CB  . ILE A 1 61  ? -2.598  5.787   -0.746  1.00 20.10  ? 61  ILE A CB  1 
ATOM   467 C CG1 . ILE A 1 61  ? -3.426  4.804   0.096   1.00 23.53  ? 61  ILE A CG1 1 
ATOM   468 C CG2 . ILE A 1 61  ? -2.526  5.359   -2.202  1.00 17.55  ? 61  ILE A CG2 1 
ATOM   469 C CD1 . ILE A 1 61  ? -2.840  3.410   0.133   1.00 28.39  ? 61  ILE A CD1 1 
ATOM   470 N N   . ILE A 1 62  ? 0.385   7.114   -1.648  1.00 14.41  ? 62  ILE A N   1 
ATOM   471 C CA  . ILE A 1 62  ? 1.156   8.196   -2.256  1.00 9.63   ? 62  ILE A CA  1 
ATOM   472 C C   . ILE A 1 62  ? 1.193   8.032   -3.770  1.00 11.45  ? 62  ILE A C   1 
ATOM   473 O O   . ILE A 1 62  ? 1.384   6.915   -4.258  1.00 13.38  ? 62  ILE A O   1 
ATOM   474 C CB  . ILE A 1 62  ? 2.581   8.167   -1.687  1.00 14.66  ? 62  ILE A CB  1 
ATOM   475 C CG1 . ILE A 1 62  ? 2.564   8.330   -0.165  1.00 17.91  ? 62  ILE A CG1 1 
ATOM   476 C CG2 . ILE A 1 62  ? 3.438   9.206   -2.395  1.00 19.41  ? 62  ILE A CG2 1 
ATOM   477 C CD1 . ILE A 1 62  ? 3.805   7.770   0.506   1.00 29.29  ? 62  ILE A CD1 1 
ATOM   478 N N   . ASP A 1 63  ? 0.844   9.134   -4.434  1.00 14.49  ? 63  ASP A N   1 
ATOM   479 C CA  . ASP A 1 63  ? 0.670   9.114   -5.883  1.00 11.55  ? 63  ASP A CA  1 
ATOM   480 C C   . ASP A 1 63  ? 2.019   9.265   -6.578  1.00 18.86  ? 63  ASP A C   1 
ATOM   481 O O   . ASP A 1 63  ? 2.210   10.241  -7.295  1.00 17.17  ? 63  ASP A O   1 
ATOM   482 C CB  . ASP A 1 63  ? -0.309  10.205  -6.309  1.00 11.51  ? 63  ASP A CB  1 
ATOM   483 C CG  . ASP A 1 63  ? -0.746  10.073  -7.749  1.00 17.64  ? 63  ASP A CG  1 
ATOM   484 O OD1 . ASP A 1 63  ? -0.514  9.036   -8.397  1.00 17.74  ? 63  ASP A OD1 1 
ATOM   485 O OD2 . ASP A 1 63  ? -1.355  11.022  -8.274  1.00 17.00  ? 63  ASP A OD2 1 
ATOM   486 N N   . GLY A 1 64  ? 2.924   8.306   -6.375  1.00 12.02  ? 64  GLY A N   1 
ATOM   487 C CA  . GLY A 1 64  ? 4.232   8.343   -7.027  1.00 11.20  ? 64  GLY A CA  1 
ATOM   488 C C   . GLY A 1 64  ? 5.270   7.719   -6.098  1.00 20.02  ? 64  GLY A C   1 
ATOM   489 O O   . GLY A 1 64  ? 4.905   6.908   -5.238  1.00 14.18  ? 64  GLY A O   1 
ATOM   490 N N   . LEU A 1 65  ? 6.519   8.161   -6.219  1.00 17.00  ? 65  LEU A N   1 
ATOM   491 C CA  . LEU A 1 65  ? 7.578   7.811   -5.271  1.00 17.10  ? 65  LEU A CA  1 
ATOM   492 C C   . LEU A 1 65  ? 7.410   8.606   -3.989  1.00 17.81  ? 65  LEU A C   1 
ATOM   493 O O   . LEU A 1 65  ? 6.713   9.628   -4.027  1.00 17.16  ? 65  LEU A O   1 
ATOM   494 C CB  . LEU A 1 65  ? 8.948   8.171   -5.890  1.00 19.17  ? 65  LEU A CB  1 
ATOM   495 C CG  . LEU A 1 65  ? 9.240   7.358   -7.162  1.00 16.88  ? 65  LEU A CG  1 
ATOM   496 C CD1 . LEU A 1 65  ? 10.359  8.001   -7.971  1.00 24.72  ? 65  LEU A CD1 1 
ATOM   497 C CD2 . LEU A 1 65  ? 9.565   5.924   -6.798  1.00 12.70  ? 65  LEU A CD2 1 
ATOM   498 N N   . PRO A 1 66  ? 8.049   8.199   -2.902  1.00 17.53  ? 66  PRO A N   1 
ATOM   499 C CA  . PRO A 1 66  ? 7.954   8.990   -1.660  1.00 20.92  ? 66  PRO A CA  1 
ATOM   500 C C   . PRO A 1 66  ? 8.335   10.441  -1.915  1.00 21.59  ? 66  PRO A C   1 
ATOM   501 O O   . PRO A 1 66  ? 9.166   10.735  -2.784  1.00 21.52  ? 66  PRO A O   1 
ATOM   502 C CB  . PRO A 1 66  ? 8.957   8.289   -0.746  1.00 26.44  ? 66  PRO A CB  1 
ATOM   503 C CG  . PRO A 1 66  ? 8.963   6.879   -1.241  1.00 21.33  ? 66  PRO A CG  1 
ATOM   504 C CD  . PRO A 1 66  ? 8.861   6.985   -2.742  1.00 21.24  ? 66  PRO A CD  1 
ATOM   505 N N   . GLY A 1 67  ? 7.583   11.398  -1.377  1.00 18.23  ? 67  GLY A N   1 
ATOM   506 C CA  . GLY A 1 67  ? 7.811   12.781  -1.791  1.00 20.84  ? 67  GLY A CA  1 
ATOM   507 C C   . GLY A 1 67  ? 6.724   13.326  -2.693  1.00 31.97  ? 67  GLY A C   1 
ATOM   508 O O   . GLY A 1 67  ? 6.590   14.544  -2.860  1.00 24.95  ? 67  GLY A O   1 
ATOM   509 N N   . SER A 1 68  ? 5.921   12.427  -3.254  1.00 19.59  ? 68  SER A N   1 
ATOM   510 C CA  . SER A 1 68  ? 4.821   12.783  -4.141  1.00 14.41  ? 68  SER A CA  1 
ATOM   511 C C   . SER A 1 68  ? 3.565   13.118  -3.353  1.00 12.94  ? 68  SER A C   1 
ATOM   512 O O   . SER A 1 68  ? 3.477   12.866  -2.148  1.00 15.40  ? 68  SER A O   1 
ATOM   513 C CB  . SER A 1 68  ? 4.553   11.553  -5.028  1.00 20.85  ? 68  SER A CB  1 
ATOM   514 O OG  . SER A 1 68  ? 5.559   11.474  -6.020  1.00 22.68  ? 68  SER A OG  1 
ATOM   515 N N   . PRO A 1 69  ? 2.561   13.699  -3.999  1.00 15.50  ? 69  PRO A N   1 
ATOM   516 C CA  . PRO A 1 69  ? 1.314   14.027  -3.305  1.00 14.26  ? 69  PRO A CA  1 
ATOM   517 C C   . PRO A 1 69  ? 0.676   12.820  -2.629  1.00 16.16  ? 69  PRO A C   1 
ATOM   518 O O   . PRO A 1 69  ? 0.610   11.719  -3.178  1.00 18.20  ? 69  PRO A O   1 
ATOM   519 C CB  . PRO A 1 69  ? 0.402   14.491  -4.447  1.00 17.94  ? 69  PRO A CB  1 
ATOM   520 C CG  . PRO A 1 69  ? 1.372   15.088  -5.419  1.00 20.33  ? 69  PRO A CG  1 
ATOM   521 C CD  . PRO A 1 69  ? 2.542   14.133  -5.409  1.00 14.55  ? 69  PRO A CD  1 
ATOM   522 N N   . VAL A 1 70  ? 0.203   13.080  -1.416  1.00 12.73  ? 70  VAL A N   1 
ATOM   523 C CA  . VAL A 1 70  ? -0.491  12.049  -0.654  1.00 13.36  ? 70  VAL A CA  1 
ATOM   524 C C   . VAL A 1 70  ? -1.960  11.971  -1.052  1.00 23.04  ? 70  VAL A C   1 
ATOM   525 O O   . VAL A 1 70  ? -2.650  12.985  -1.198  1.00 14.84  ? 70  VAL A O   1 
ATOM   526 C CB  . VAL A 1 70  ? -0.377  12.451  0.830   1.00 15.73  ? 70  VAL A CB  1 
ATOM   527 C CG1 . VAL A 1 70  ? -1.174  11.513  1.718   1.00 20.23  ? 70  VAL A CG1 1 
ATOM   528 C CG2 . VAL A 1 70  ? 1.090   12.483  1.227   1.00 22.41  ? 70  VAL A CG2 1 
ATOM   529 N N   . LEU A 1 71  ? -2.524  10.776  -1.190  1.00 13.59  ? 71  LEU A N   1 
ATOM   530 C CA  . LEU A 1 71  ? -3.931  10.674  -1.616  1.00 17.07  ? 71  LEU A CA  1 
ATOM   531 C C   . LEU A 1 71  ? -4.771  10.405  -0.374  1.00 18.49  ? 71  LEU A C   1 
ATOM   532 O O   . LEU A 1 71  ? -5.962  10.700  -0.328  1.00 18.67  ? 71  LEU A O   1 
ATOM   533 C CB  . LEU A 1 71  ? -4.122  9.522   -2.609  1.00 11.56  ? 71  LEU A CB  1 
ATOM   534 C CG  . LEU A 1 71  ? -3.439  9.738   -3.963  1.00 10.83  ? 71  LEU A CG  1 
ATOM   535 C CD1 . LEU A 1 71  ? -3.604  8.522   -4.858  1.00 16.41  ? 71  LEU A CD1 1 
ATOM   536 C CD2 . LEU A 1 71  ? -3.999  10.977  -4.649  1.00 22.75  ? 71  LEU A CD2 1 
ATOM   537 N N   . GLY A 1 72  ? -4.098  9.867   0.645   1.00 14.80  ? 72  GLY A N   1 
ATOM   538 C CA  . GLY A 1 72  ? -4.753  9.668   1.935   1.00 15.10  ? 72  GLY A CA  1 
ATOM   539 C C   . GLY A 1 72  ? -3.859  9.014   2.974   1.00 18.30  ? 72  GLY A C   1 
ATOM   540 O O   . GLY A 1 72  ? -2.990  8.181   2.693   1.00 16.45  ? 72  GLY A O   1 
ATOM   541 N N   . LYS A 1 73  ? -4.058  9.403   4.222   1.00 18.66  ? 73  LYS A N   1 
ATOM   542 C CA  . LYS A 1 73  ? -3.447  8.743   5.375   1.00 20.10  ? 73  LYS A CA  1 
ATOM   543 C C   . LYS A 1 73  ? -4.621  8.175   6.149   1.00 15.73  ? 73  LYS A C   1 
ATOM   544 O O   . LYS A 1 73  ? -5.443  8.918   6.673   1.00 17.85  ? 73  LYS A O   1 
ATOM   545 C CB  . LYS A 1 73  ? -2.688  9.767   6.200   1.00 19.82  ? 73  LYS A CB  1 
ATOM   546 C CG  . LYS A 1 73  ? -1.966  9.241   7.430   1.00 32.55  ? 73  LYS A CG  1 
ATOM   547 C CD  . LYS A 1 73  ? -1.010  10.330  7.929   1.00 41.51  ? 73  LYS A CD  1 
ATOM   548 C CE  . LYS A 1 73  ? 0.040   9.788   8.880   1.00 67.05  ? 73  LYS A CE  1 
ATOM   549 N NZ  . LYS A 1 73  ? 1.188   10.725  9.021   1.00 79.74  ? 73  LYS A NZ  1 
ATOM   550 N N   . ILE A 1 74  ? -4.854  6.882   6.036   1.00 16.34  ? 74  ILE A N   1 
ATOM   551 C CA  . ILE A 1 74  ? -6.177  6.403   6.433   1.00 18.62  ? 74  ILE A CA  1 
ATOM   552 C C   . ILE A 1 74  ? -6.057  5.414   7.568   1.00 20.00  ? 74  ILE A C   1 
ATOM   553 O O   . ILE A 1 74  ? -5.115  4.620   7.650   1.00 24.21  ? 74  ILE A O   1 
ATOM   554 C CB  . ILE A 1 74  ? -6.871  5.681   5.253   1.00 17.80  ? 74  ILE A CB  1 
ATOM   555 C CG1 . ILE A 1 74  ? -6.082  4.497   4.692   1.00 36.58  ? 74  ILE A CG1 1 
ATOM   556 C CG2 . ILE A 1 74  ? -7.214  6.656   4.138   1.00 25.76  ? 74  ILE A CG2 1 
ATOM   557 C CD1 . ILE A 1 74  ? -6.033  4.447   3.182   1.00 60.85  ? 74  ILE A CD1 1 
ATOM   558 N N   . CYS A 1 75  ? -7.042  5.418   8.467   1.00 20.42  ? 75  CYS A N   1 
ATOM   559 C CA  . CYS A 1 75  ? -6.890  4.339   9.451   1.00 23.06  ? 75  CYS A CA  1 
ATOM   560 C C   . CYS A 1 75  ? -8.187  3.581   9.581   1.00 29.92  ? 75  CYS A C   1 
ATOM   561 O O   . CYS A 1 75  ? -8.163  2.389   9.876   1.00 19.70  ? 75  CYS A O   1 
ATOM   562 C CB  . CYS A 1 75  ? -6.341  4.909   10.749  1.00 32.57  ? 75  CYS A CB  1 
ATOM   563 S SG  A CYS A 1 75  ? -7.572  5.681   11.805  0.43 25.82  ? 75  CYS A SG  1 
ATOM   564 S SG  B CYS A 1 75  ? -6.361  6.715   10.777  0.57 52.82  ? 75  CYS A SG  1 
ATOM   565 N N   . GLU A 1 76  ? -9.325  4.182   9.222   1.00 24.45  ? 76  GLU A N   1 
ATOM   566 C CA  . GLU A 1 76  ? -10.555 3.375   9.273   1.00 22.38  ? 76  GLU A CA  1 
ATOM   567 C C   . GLU A 1 76  ? -11.520 3.750   8.149   1.00 18.74  ? 76  GLU A C   1 
ATOM   568 O O   . GLU A 1 76  ? -11.909 4.922   8.013   1.00 24.84  ? 76  GLU A O   1 
ATOM   569 C CB  . GLU A 1 76  ? -11.196 3.545   10.655  1.00 30.72  ? 76  GLU A CB  1 
ATOM   570 C CG  . GLU A 1 76  ? -12.406 2.668   10.911  1.00 65.40  ? 76  GLU A CG  1 
ATOM   571 C CD  . GLU A 1 76  ? -12.495 2.172   12.343  1.00 79.69  ? 76  GLU A CD  1 
ATOM   572 O OE1 . GLU A 1 76  ? -12.055 2.900   13.258  1.00 85.05  ? 76  GLU A OE1 1 
ATOM   573 O OE2 . GLU A 1 76  ? -13.019 1.052   12.545  1.00 98.73  ? 76  GLU A OE2 1 
ATOM   574 N N   . GLY A 1 77  ? -11.906 2.732   7.378   1.00 18.04  ? 77  GLY A N   1 
ATOM   575 C CA  . GLY A 1 77  ? -12.823 2.851   6.261   1.00 23.83  ? 77  GLY A CA  1 
ATOM   576 C C   . GLY A 1 77  ? -13.007 1.540   5.508   1.00 29.36  ? 77  GLY A C   1 
ATOM   577 O O   . GLY A 1 77  ? -12.509 0.505   5.947   1.00 25.24  ? 77  GLY A O   1 
ATOM   578 N N   . SER A 1 78  ? -13.716 1.578   4.384   1.00 16.21  ? 78  SER A N   1 
ATOM   579 C CA  . SER A 1 78  ? -13.930 0.390   3.564   1.00 14.26  ? 78  SER A CA  1 
ATOM   580 C C   . SER A 1 78  ? -14.181 0.801   2.120   1.00 14.01  ? 78  SER A C   1 
ATOM   581 O O   . SER A 1 78  ? -14.364 1.987   1.833   1.00 20.04  ? 78  SER A O   1 
ATOM   582 C CB  . SER A 1 78  ? -15.119 -0.380  4.137   1.00 23.03  ? 78  SER A CB  1 
ATOM   583 O OG  . SER A 1 78  ? -16.296 0.400   4.004   1.00 23.57  ? 78  SER A OG  1 
ATOM   584 N N   . LEU A 1 79  ? -14.153 -0.141  1.189   1.00 11.75  ? 79  LEU A N   1 
ATOM   585 C CA  . LEU A 1 79  ? -14.540 0.152   -0.190  1.00 22.30  ? 79  LEU A CA  1 
ATOM   586 C C   . LEU A 1 79  ? -13.683 1.229   -0.834  1.00 32.98  ? 79  LEU A C   1 
ATOM   587 O O   . LEU A 1 79  ? -14.151 2.041   -1.636  1.00 21.34  ? 79  LEU A O   1 
ATOM   588 C CB  . LEU A 1 79  ? -16.013 0.609   -0.208  1.00 18.64  ? 79  LEU A CB  1 
ATOM   589 C CG  . LEU A 1 79  ? -16.997 -0.403  0.383   1.00 35.01  ? 79  LEU A CG  1 
ATOM   590 C CD1 . LEU A 1 79  ? -18.446 0.029   0.176   1.00 31.18  ? 79  LEU A CD1 1 
ATOM   591 C CD2 . LEU A 1 79  ? -16.767 -1.781  -0.212  1.00 32.10  ? 79  LEU A CD2 1 
ATOM   592 N N   . MET A 1 80  ? -12.400 1.237   -0.476  1.00 12.98  ? 80  MET A N   1 
ATOM   593 C CA  . MET A 1 80  ? -11.508 2.283   -0.972  1.00 13.24  ? 80  MET A CA  1 
ATOM   594 C C   . MET A 1 80  ? -10.854 1.893   -2.283  1.00 15.75  ? 80  MET A C   1 
ATOM   595 O O   . MET A 1 80  ? -10.426 0.751   -2.486  1.00 22.06  ? 80  MET A O   1 
ATOM   596 C CB  . MET A 1 80  ? -10.458 2.590   0.096   1.00 17.32  ? 80  MET A CB  1 
ATOM   597 C CG  . MET A 1 80  ? -11.069 3.195   1.359   1.00 28.97  ? 80  MET A CG  1 
ATOM   598 S SD  . MET A 1 80  ? -9.930  3.116   2.747   1.00 40.13  ? 80  MET A SD  1 
ATOM   599 C CE  . MET A 1 80  ? -10.104 1.425   3.277   1.00 39.27  ? 80  MET A CE  1 
ATOM   600 N N   . ASP A 1 81  ? -10.912 2.812   -3.230  1.00 13.56  ? 81  ASP A N   1 
ATOM   601 C CA  . ASP A 1 81  ? -10.371 2.536   -4.568  1.00 8.40   ? 81  ASP A CA  1 
ATOM   602 C C   . ASP A 1 81  ? -9.474  3.715   -4.945  1.00 18.50  ? 81  ASP A C   1 
ATOM   603 O O   . ASP A 1 81  ? -9.955  4.844   -4.840  1.00 19.17  ? 81  ASP A O   1 
ATOM   604 C CB  . ASP A 1 81  ? -11.507 2.377   -5.565  1.00 17.04  ? 81  ASP A CB  1 
ATOM   605 C CG  . ASP A 1 81  ? -11.052 1.793   -6.890  1.00 34.46  ? 81  ASP A CG  1 
ATOM   606 O OD1 . ASP A 1 81  ? -10.487 0.683   -6.893  1.00 44.93  ? 81  ASP A OD1 1 
ATOM   607 O OD2 . ASP A 1 81  ? -11.241 2.442   -7.941  1.00 59.60  ? 81  ASP A OD2 1 
ATOM   608 N N   . TYR A 1 82  ? -8.210  3.484   -5.241  1.00 10.47  ? 82  TYR A N   1 
ATOM   609 C CA  . TYR A 1 82  ? -7.292  4.522   -5.665  1.00 18.53  ? 82  TYR A CA  1 
ATOM   610 C C   . TYR A 1 82  ? -6.687  4.243   -7.031  1.00 15.67  ? 82  TYR A C   1 
ATOM   611 O O   . TYR A 1 82  ? -6.245  3.133   -7.337  1.00 19.34  ? 82  TYR A O   1 
ATOM   612 C CB  . TYR A 1 82  ? -6.138  4.647   -4.655  1.00 18.56  ? 82  TYR A CB  1 
ATOM   613 C CG  . TYR A 1 82  ? -6.584  5.114   -3.287  1.00 14.13  ? 82  TYR A CG  1 
ATOM   614 C CD1 . TYR A 1 82  ? -6.706  6.470   -2.989  1.00 17.05  ? 82  TYR A CD1 1 
ATOM   615 C CD2 . TYR A 1 82  ? -6.834  4.172   -2.302  1.00 18.78  ? 82  TYR A CD2 1 
ATOM   616 C CE1 . TYR A 1 82  ? -7.124  6.862   -1.727  1.00 16.83  ? 82  TYR A CE1 1 
ATOM   617 C CE2 . TYR A 1 82  ? -7.231  4.558   -1.038  1.00 25.81  ? 82  TYR A CE2 1 
ATOM   618 C CZ  . TYR A 1 82  ? -7.378  5.901   -0.773  1.00 21.93  ? 82  TYR A CZ  1 
ATOM   619 O OH  . TYR A 1 82  ? -7.778  6.251   0.495   1.00 27.90  ? 82  TYR A OH  1 
ATOM   620 N N   . ARG A 1 83  ? -6.599  5.288   -7.852  1.00 12.14  ? 83  ARG A N   1 
ATOM   621 C CA  . ARG A 1 83  ? -5.913  5.104   -9.130  1.00 14.65  ? 83  ARG A CA  1 
ATOM   622 C C   . ARG A 1 83  ? -4.766  6.120   -9.218  1.00 24.12  ? 83  ARG A C   1 
ATOM   623 O O   . ARG A 1 83  ? -4.992  7.280   -8.889  1.00 13.46  ? 83  ARG A O   1 
ATOM   624 C CB  . ARG A 1 83  ? -6.844  5.271   -10.328 1.00 17.05  ? 83  ARG A CB  1 
ATOM   625 C CG  . ARG A 1 83  ? -6.186  4.807   -11.624 1.00 32.28  ? 83  ARG A CG  1 
ATOM   626 C CD  . ARG A 1 83  ? -7.184  4.492   -12.732 1.00 44.85  ? 83  ARG A CD  1 
ATOM   627 N NE  . ARG A 1 83  ? -6.850  5.125   -13.987 1.00 35.76  ? 83  ARG A NE  1 
ATOM   628 C CZ  . ARG A 1 83  ? -6.712  4.713   -15.225 1.00 63.30  ? 83  ARG A CZ  1 
ATOM   629 N NH1 . ARG A 1 83  ? -6.896  3.452   -15.595 1.00 97.58  ? 83  ARG A NH1 1 
ATOM   630 N NH2 . ARG A 1 83  ? -6.373  5.615   -16.150 1.00 75.07  ? 83  ARG A NH2 1 
ATOM   631 N N   . SER A 1 84  ? -3.580  5.670   -9.620  1.00 17.29  ? 84  SER A N   1 
ATOM   632 C CA  . SER A 1 84  ? -2.406  6.559   -9.692  1.00 16.30  ? 84  SER A CA  1 
ATOM   633 C C   . SER A 1 84  ? -2.493  7.490   -10.885 1.00 23.02  ? 84  SER A C   1 
ATOM   634 O O   . SER A 1 84  ? -3.080  7.177   -11.925 1.00 16.29  ? 84  SER A O   1 
ATOM   635 C CB  . SER A 1 84  ? -1.153  5.675   -9.764  1.00 11.67  ? 84  SER A CB  1 
ATOM   636 O OG  . SER A 1 84  ? -1.027  5.025   -11.016 1.00 16.03  ? 84  SER A OG  1 
ATOM   637 N N   . SER A 1 85  ? -1.862  8.669   -10.856 1.00 14.21  ? 85  SER A N   1 
ATOM   638 C CA  . SER A 1 85  ? -1.928  9.492   -12.065 1.00 10.33  ? 85  SER A CA  1 
ATOM   639 C C   . SER A 1 85  ? -0.850  9.080   -13.041 1.00 17.45  ? 85  SER A C   1 
ATOM   640 O O   . SER A 1 85  ? -0.912  9.390   -14.227 1.00 24.14  ? 85  SER A O   1 
ATOM   641 C CB  . SER A 1 85  ? -1.722  10.972  -11.708 1.00 20.13  ? 85  SER A CB  1 
ATOM   642 O OG  . SER A 1 85  ? -0.972  11.146  -10.534 1.00 29.97  ? 85  SER A OG  1 
ATOM   643 N N   . GLY A 1 86  ? 0.194   8.409   -12.548 1.00 19.77  ? 86  GLY A N   1 
ATOM   644 C CA  . GLY A 1 86  ? 1.197   7.915   -13.491 1.00 18.02  ? 86  GLY A CA  1 
ATOM   645 C C   . GLY A 1 86  ? 1.387   6.418   -13.318 1.00 22.60  ? 86  GLY A C   1 
ATOM   646 O O   . GLY A 1 86  ? 0.396   5.761   -12.995 1.00 21.20  ? 86  GLY A O   1 
ATOM   647 N N   . SER A 1 87  ? 2.615   5.930   -13.463 1.00 18.75  ? 87  SER A N   1 
ATOM   648 C CA  . SER A 1 87  ? 2.986   4.527   -13.501 1.00 16.38  ? 87  SER A CA  1 
ATOM   649 C C   . SER A 1 87  ? 3.384   3.978   -12.131 1.00 13.00  ? 87  SER A C   1 
ATOM   650 O O   . SER A 1 87  ? 3.665   2.779   -12.017 1.00 15.95  ? 87  SER A O   1 
ATOM   651 C CB  . SER A 1 87  ? 4.243   4.342   -14.384 1.00 26.28  ? 87  SER A CB  1 
ATOM   652 O OG  . SER A 1 87  ? 3.897   4.445   -15.747 1.00 53.40  ? 87  SER A OG  1 
ATOM   653 N N   . ILE A 1 88  ? 3.513   4.877   -11.167 1.00 12.16  ? 88  ILE A N   1 
ATOM   654 C CA  . ILE A 1 88  ? 4.000   4.458   -9.852  1.00 14.16  ? 88  ILE A CA  1 
ATOM   655 C C   . ILE A 1 88  ? 3.039   4.854   -8.748  1.00 10.67  ? 88  ILE A C   1 
ATOM   656 O O   . ILE A 1 88  ? 2.491   5.947   -8.753  1.00 12.96  ? 88  ILE A O   1 
ATOM   657 C CB  . ILE A 1 88  ? 5.381   5.085   -9.545  1.00 22.18  ? 88  ILE A CB  1 
ATOM   658 C CG1 . ILE A 1 88  ? 6.416   4.683   -10.590 1.00 31.64  ? 88  ILE A CG1 1 
ATOM   659 C CG2 . ILE A 1 88  ? 5.841   4.715   -8.145  1.00 13.64  ? 88  ILE A CG2 1 
ATOM   660 C CD1 . ILE A 1 88  ? 7.741   5.406   -10.523 1.00 25.01  ? 88  ILE A CD1 1 
ATOM   661 N N   . MET A 1 89  ? 2.925   3.977   -7.760  1.00 11.04  ? 89  MET A N   1 
ATOM   662 C CA  . MET A 1 89  ? 2.190   4.342   -6.561  1.00 9.34   ? 89  MET A CA  1 
ATOM   663 C C   . MET A 1 89  ? 2.929   3.787   -5.351  1.00 9.52   ? 89  MET A C   1 
ATOM   664 O O   . MET A 1 89  ? 3.408   2.645   -5.393  1.00 14.17  ? 89  MET A O   1 
ATOM   665 C CB  . MET A 1 89  ? 0.771   3.747   -6.599  1.00 11.68  ? 89  MET A CB  1 
ATOM   666 C CG  . MET A 1 89  ? -0.056  4.151   -5.390  1.00 27.78  ? 89  MET A CG  1 
ATOM   667 S SD  . MET A 1 89  ? -1.417  5.243   -5.927  1.00 49.17  ? 89  MET A SD  1 
ATOM   668 C CE  . MET A 1 89  ? -2.677  3.987   -5.984  1.00 26.72  ? 89  MET A CE  1 
ATOM   669 N N   . THR A 1 90  ? 2.925   4.537   -4.259  1.00 7.67   ? 90  THR A N   1 
ATOM   670 C CA  . THR A 1 90  ? 3.558   3.985   -3.062  1.00 10.39  ? 90  THR A CA  1 
ATOM   671 C C   . THR A 1 90  ? 2.566   3.785   -1.940  1.00 14.35  ? 90  THR A C   1 
ATOM   672 O O   . THR A 1 90  ? 1.690   4.617   -1.700  1.00 14.74  ? 90  THR A O   1 
ATOM   673 C CB  . THR A 1 90  ? 4.673   4.970   -2.611  1.00 18.30  ? 90  THR A CB  1 
ATOM   674 O OG1 . THR A 1 90  ? 5.692   4.907   -3.624  1.00 14.51  ? 90  THR A OG1 1 
ATOM   675 C CG2 . THR A 1 90  ? 5.299   4.505   -1.314  1.00 12.32  ? 90  THR A CG2 1 
ATOM   676 N N   . VAL A 1 91  ? 2.690   2.658   -1.268  1.00 14.27  ? 91  VAL A N   1 
ATOM   677 C CA  . VAL A 1 91  ? 1.922   2.371   -0.062  1.00 9.30   ? 91  VAL A CA  1 
ATOM   678 C C   . VAL A 1 91  ? 2.891   2.345   1.121   1.00 14.82  ? 91  VAL A C   1 
ATOM   679 O O   . VAL A 1 91  ? 3.870   1.601   1.102   1.00 15.71  ? 91  VAL A O   1 
ATOM   680 C CB  . VAL A 1 91  ? 1.181   1.029   -0.170  1.00 15.63  ? 91  VAL A CB  1 
ATOM   681 C CG1 . VAL A 1 91  ? 0.441   0.764   1.137   1.00 17.83  ? 91  VAL A CG1 1 
ATOM   682 C CG2 . VAL A 1 91  ? 0.222   1.090   -1.362  1.00 14.01  ? 91  VAL A CG2 1 
ATOM   683 N N   . LYS A 1 92  ? 2.634   3.157   2.135   1.00 13.68  ? 92  LYS A N   1 
ATOM   684 C CA  . LYS A 1 92  ? 3.497   3.186   3.313   1.00 20.96  ? 92  LYS A CA  1 
ATOM   685 C C   . LYS A 1 92  ? 2.728   2.866   4.581   1.00 26.30  ? 92  LYS A C   1 
ATOM   686 O O   . LYS A 1 92  ? 1.670   3.439   4.856   1.00 20.04  ? 92  LYS A O   1 
ATOM   687 C CB  . LYS A 1 92  ? 4.116   4.585   3.428   1.00 23.81  ? 92  LYS A CB  1 
ATOM   688 C CG  . LYS A 1 92  ? 4.969   4.835   4.659   1.00 25.62  ? 92  LYS A CG  1 
ATOM   689 C CD  . LYS A 1 92  ? 5.625   6.210   4.583   1.00 39.63  ? 92  LYS A CD  1 
ATOM   690 C CE  . LYS A 1 92  ? 6.912   6.192   3.773   1.00 75.49  ? 92  LYS A CE  1 
ATOM   691 N NZ  . LYS A 1 92  ? 7.586   7.521   3.748   1.00 98.51  ? 92  LYS A NZ  1 
ATOM   692 N N   . TYR A 1 93  ? 3.273   1.931   5.350   1.00 14.74  ? 93  TYR A N   1 
ATOM   693 C CA  . TYR A 1 93  ? 2.645   1.605   6.636   1.00 9.82   ? 93  TYR A CA  1 
ATOM   694 C C   . TYR A 1 93  ? 3.627   2.050   7.714   1.00 14.26  ? 93  TYR A C   1 
ATOM   695 O O   . TYR A 1 93  ? 4.818   1.776   7.549   1.00 19.86  ? 93  TYR A O   1 
ATOM   696 C CB  . TYR A 1 93  ? 2.403   0.094   6.767   1.00 12.33  ? 93  TYR A CB  1 
ATOM   697 C CG  . TYR A 1 93  ? 2.014   -0.334  8.175   1.00 23.33  ? 93  TYR A CG  1 
ATOM   698 C CD1 . TYR A 1 93  ? 0.698   -0.244  8.618   1.00 20.80  ? 93  TYR A CD1 1 
ATOM   699 C CD2 . TYR A 1 93  ? 2.942   -0.862  9.074   1.00 18.78  ? 93  TYR A CD2 1 
ATOM   700 C CE1 . TYR A 1 93  ? 0.319   -0.632  9.892   1.00 19.33  ? 93  TYR A CE1 1 
ATOM   701 C CE2 . TYR A 1 93  ? 2.584   -1.237  10.352  1.00 22.50  ? 93  TYR A CE2 1 
ATOM   702 C CZ  . TYR A 1 93  ? 1.274   -1.130  10.762  1.00 31.59  ? 93  TYR A CZ  1 
ATOM   703 O OH  . TYR A 1 93  ? 0.942   -1.519  12.038  1.00 22.09  ? 93  TYR A OH  1 
ATOM   704 N N   . ILE A 1 94  ? 3.056   2.576   8.780   1.00 16.24  ? 94  ILE A N   1 
ATOM   705 C CA  . ILE A 1 94  ? 3.855   3.019   9.912   1.00 15.48  ? 94  ILE A CA  1 
ATOM   706 C C   . ILE A 1 94  ? 3.168   2.620   11.208  1.00 20.16  ? 94  ILE A C   1 
ATOM   707 O O   . ILE A 1 94  ? 1.948   2.681   11.322  1.00 17.08  ? 94  ILE A O   1 
ATOM   708 C CB  . ILE A 1 94  ? 3.991   4.559   9.880   1.00 32.32  ? 94  ILE A CB  1 
ATOM   709 C CG1 . ILE A 1 94  ? 5.028   5.050   8.870   1.00 40.56  ? 94  ILE A CG1 1 
ATOM   710 C CG2 . ILE A 1 94  ? 4.309   5.052   11.281  1.00 50.97  ? 94  ILE A CG2 1 
ATOM   711 C CD1 . ILE A 1 94  ? 4.588   6.218   8.018   1.00 48.93  ? 94  ILE A CD1 1 
ATOM   712 N N   . ARG A 1 95  ? 3.976   2.212   12.181  1.00 19.52  ? 95  ARG A N   1 
ATOM   713 C CA  . ARG A 1 95  ? 3.402   1.914   13.496  1.00 24.72  ? 95  ARG A CA  1 
ATOM   714 C C   . ARG A 1 95  ? 4.370   2.344   14.597  1.00 40.59  ? 95  ARG A C   1 
ATOM   715 O O   . ARG A 1 95  ? 5.568   2.513   14.388  1.00 30.19  ? 95  ARG A O   1 
ATOM   716 C CB  . ARG A 1 95  ? 3.133   0.411   13.612  1.00 27.13  ? 95  ARG A CB  1 
ATOM   717 C CG  . ARG A 1 95  ? 4.384   -0.417  13.823  1.00 22.93  ? 95  ARG A CG  1 
ATOM   718 C CD  . ARG A 1 95  ? 4.065   -1.879  14.147  1.00 23.87  ? 95  ARG A CD  1 
ATOM   719 N NE  . ARG A 1 95  ? 5.247   -2.714  13.827  1.00 24.33  ? 95  ARG A NE  1 
ATOM   720 C CZ  . ARG A 1 95  ? 6.094   -3.079  14.784  1.00 26.48  ? 95  ARG A CZ  1 
ATOM   721 N NH1 . ARG A 1 95  ? 5.827   -2.691  16.023  1.00 28.54  ? 95  ARG A NH1 1 
ATOM   722 N NH2 . ARG A 1 95  ? 7.160   -3.809  14.502  1.00 27.59  ? 95  ARG A NH2 1 
ATOM   723 N N   . GLU A 1 96  ? 3.864   2.472   15.815  1.00 29.60  ? 96  GLU A N   1 
ATOM   724 C CA  . GLU A 1 96  ? 4.730   2.667   16.974  1.00 25.12  ? 96  GLU A CA  1 
ATOM   725 C C   . GLU A 1 96  ? 5.400   1.342   17.325  1.00 22.39  ? 96  GLU A C   1 
ATOM   726 O O   . GLU A 1 96  ? 4.803   0.269   17.230  1.00 31.36  ? 96  GLU A O   1 
ATOM   727 C CB  . GLU A 1 96  ? 3.920   3.149   18.181  1.00 40.55  ? 96  GLU A CB  1 
ATOM   728 C CG  . GLU A 1 96  ? 3.468   4.595   18.078  1.00 57.77  ? 96  GLU A CG  1 
ATOM   729 C CD  . GLU A 1 96  ? 4.486   5.545   18.680  1.00 86.39  ? 96  GLU A CD  1 
ATOM   730 O OE1 . GLU A 1 96  ? 5.625   5.606   18.169  1.00 87.86  ? 96  GLU A OE1 1 
ATOM   731 O OE2 . GLU A 1 96  ? 4.144   6.205   19.677  1.00 137.73 ? 96  GLU A OE2 1 
ATOM   732 N N   . PRO A 1 97  ? 6.649   1.472   17.762  1.00 32.05  ? 97  PRO A N   1 
ATOM   733 C CA  . PRO A 1 97  ? 7.483   0.321   18.109  1.00 37.66  ? 97  PRO A CA  1 
ATOM   734 C C   . PRO A 1 97  ? 6.852   -0.585  19.159  1.00 31.46  ? 97  PRO A C   1 
ATOM   735 O O   . PRO A 1 97  ? 6.984   -1.803  19.134  1.00 25.36  ? 97  PRO A O   1 
ATOM   736 C CB  . PRO A 1 97  ? 8.762   0.956   18.658  1.00 31.85  ? 97  PRO A CB  1 
ATOM   737 C CG  . PRO A 1 97  ? 8.466   2.402   18.869  1.00 36.03  ? 97  PRO A CG  1 
ATOM   738 C CD  . PRO A 1 97  ? 7.354   2.762   17.926  1.00 29.47  ? 97  PRO A CD  1 
ATOM   739 N N   . GLU A 1 98  ? 6.152   0.032   20.117  1.00 25.81  ? 98  GLU A N   1 
ATOM   740 C CA  . GLU A 1 98  ? 5.555   -0.750  21.192  1.00 37.64  ? 98  GLU A CA  1 
ATOM   741 C C   . GLU A 1 98  ? 4.337   -1.535  20.716  1.00 51.00  ? 98  GLU A C   1 
ATOM   742 O O   . GLU A 1 98  ? 3.907   -2.449  21.414  1.00 45.88  ? 98  GLU A O   1 
ATOM   743 C CB  . GLU A 1 98  ? 5.144   0.159   22.350  1.00 39.25  ? 98  GLU A CB  1 
ATOM   744 C CG  . GLU A 1 98  ? 6.140   1.254   22.701  1.00 53.21  ? 98  GLU A CG  1 
ATOM   745 C CD  . GLU A 1 98  ? 6.095   1.583   24.183  1.00 77.72  ? 98  GLU A CD  1 
ATOM   746 O OE1 . GLU A 1 98  ? 5.523   0.770   24.946  1.00 97.63  ? 98  GLU A OE1 1 
ATOM   747 O OE2 . GLU A 1 98  ? 6.611   2.649   24.581  1.00 103.68 ? 98  GLU A OE2 1 
ATOM   748 N N   . HIS A 1 99  ? 3.786   -1.162  19.571  1.00 51.80  ? 99  HIS A N   1 
ATOM   749 C CA  . HIS A 1 99  ? 2.521   -1.700  19.088  1.00 35.55  ? 99  HIS A CA  1 
ATOM   750 C C   . HIS A 1 99  ? 2.704   -2.740  17.987  1.00 28.54  ? 99  HIS A C   1 
ATOM   751 O O   . HIS A 1 99  ? 3.284   -2.434  16.944  1.00 41.64  ? 99  HIS A O   1 
ATOM   752 C CB  . HIS A 1 99  ? 1.661   -0.533  18.591  1.00 51.46  ? 99  HIS A CB  1 
ATOM   753 C CG  . HIS A 1 99  ? 0.306   -0.880  18.072  1.00 57.46  ? 99  HIS A CG  1 
ATOM   754 N ND1 . HIS A 1 99  ? -0.036  -0.762  16.739  1.00 49.72  ? 99  HIS A ND1 1 
ATOM   755 C CD2 . HIS A 1 99  ? -0.810  -1.322  18.700  1.00 65.76  ? 99  HIS A CD2 1 
ATOM   756 C CE1 . HIS A 1 99  ? -1.293  -1.131  16.575  1.00 47.82  ? 99  HIS A CE1 1 
ATOM   757 N NE2 . HIS A 1 99  ? -1.792  -1.475  17.747  1.00 48.32  ? 99  HIS A NE2 1 
ATOM   758 N N   . PRO A 1 100 ? 2.198   -3.949  18.227  1.00 31.83  ? 100 PRO A N   1 
ATOM   759 C CA  . PRO A 1 100 ? 2.145   -5.013  17.226  1.00 37.05  ? 100 PRO A CA  1 
ATOM   760 C C   . PRO A 1 100 ? 1.189   -4.658  16.084  1.00 29.81  ? 100 PRO A C   1 
ATOM   761 O O   . PRO A 1 100 ? 0.107   -4.125  16.311  1.00 32.14  ? 100 PRO A O   1 
ATOM   762 C CB  . PRO A 1 100 ? 1.618   -6.226  17.997  1.00 50.39  ? 100 PRO A CB  1 
ATOM   763 C CG  . PRO A 1 100 ? 0.886   -5.638  19.157  1.00 53.04  ? 100 PRO A CG  1 
ATOM   764 C CD  . PRO A 1 100 ? 1.662   -4.405  19.530  1.00 41.15  ? 100 PRO A CD  1 
ATOM   765 N N   . ALA A 1 101 ? 1.618   -4.909  14.855  1.00 29.10  ? 101 ALA A N   1 
ATOM   766 C CA  . ALA A 1 101 ? 0.895   -4.475  13.670  1.00 26.20  ? 101 ALA A CA  1 
ATOM   767 C C   . ALA A 1 101 ? -0.484  -5.140  13.584  1.00 26.45  ? 101 ALA A C   1 
ATOM   768 O O   . ALA A 1 101 ? -0.584  -6.345  13.824  1.00 23.53  ? 101 ALA A O   1 
ATOM   769 C CB  . ALA A 1 101 ? 1.701   -4.829  12.429  1.00 27.24  ? 101 ALA A CB  1 
ATOM   770 N N   . SER A 1 102 ? -1.486  -4.358  13.187  1.00 29.84  ? 102 SER A N   1 
ATOM   771 C CA  . SER A 1 102 ? -2.819  -4.903  12.940  1.00 18.54  ? 102 SER A CA  1 
ATOM   772 C C   . SER A 1 102 ? -2.840  -5.583  11.575  1.00 23.77  ? 102 SER A C   1 
ATOM   773 O O   . SER A 1 102 ? -1.999  -5.341  10.708  1.00 24.58  ? 102 SER A O   1 
ATOM   774 C CB  . SER A 1 102 ? -3.891  -3.814  12.967  1.00 21.61  ? 102 SER A CB  1 
ATOM   775 O OG  . SER A 1 102 ? -3.777  -2.951  14.082  1.00 26.08  ? 102 SER A OG  1 
ATOM   776 N N   . PHE A 1 103 ? -3.850  -6.414  11.381  1.00 27.16  ? 103 PHE A N   1 
ATOM   777 C CA  . PHE A 1 103 ? -4.054  -7.091  10.102  1.00 24.03  ? 103 PHE A CA  1 
ATOM   778 C C   . PHE A 1 103 ? -4.441  -6.050  9.058   1.00 19.12  ? 103 PHE A C   1 
ATOM   779 O O   . PHE A 1 103 ? -5.251  -5.174  9.358   1.00 21.67  ? 103 PHE A O   1 
ATOM   780 C CB  . PHE A 1 103 ? -5.177  -8.125  10.252  1.00 26.75  ? 103 PHE A CB  1 
ATOM   781 C CG  . PHE A 1 103 ? -5.639  -8.734  8.944   1.00 29.74  ? 103 PHE A CG  1 
ATOM   782 C CD1 . PHE A 1 103 ? -4.947  -9.795  8.385   1.00 33.05  ? 103 PHE A CD1 1 
ATOM   783 C CD2 . PHE A 1 103 ? -6.763  -8.257  8.292   1.00 40.54  ? 103 PHE A CD2 1 
ATOM   784 C CE1 . PHE A 1 103 ? -5.366  -10.362 7.196   1.00 39.31  ? 103 PHE A CE1 1 
ATOM   785 C CE2 . PHE A 1 103 ? -7.172  -8.806  7.090   1.00 40.94  ? 103 PHE A CE2 1 
ATOM   786 C CZ  . PHE A 1 103 ? -6.480  -9.871  6.546   1.00 33.90  ? 103 PHE A CZ  1 
ATOM   787 N N   . TYR A 1 104 ? -3.914  -6.174  7.849   1.00 20.17  ? 104 TYR A N   1 
ATOM   788 C CA  . TYR A 1 104 ? -4.355  -5.333  6.734   1.00 17.96  ? 104 TYR A CA  1 
ATOM   789 C C   . TYR A 1 104 ? -4.070  -6.089  5.445   1.00 19.86  ? 104 TYR A C   1 
ATOM   790 O O   . TYR A 1 104 ? -3.157  -6.925  5.409   1.00 20.18  ? 104 TYR A O   1 
ATOM   791 C CB  . TYR A 1 104 ? -3.742  -3.936  6.737   1.00 22.22  ? 104 TYR A CB  1 
ATOM   792 C CG  . TYR A 1 104 ? -2.227  -3.907  6.768   1.00 22.26  ? 104 TYR A CG  1 
ATOM   793 C CD1 . TYR A 1 104 ? -1.461  -4.101  5.628   1.00 17.25  ? 104 TYR A CD1 1 
ATOM   794 C CD2 . TYR A 1 104 ? -1.565  -3.682  7.969   1.00 23.29  ? 104 TYR A CD2 1 
ATOM   795 C CE1 . TYR A 1 104 ? -0.084  -4.080  5.666   1.00 25.29  ? 104 TYR A CE1 1 
ATOM   796 C CE2 . TYR A 1 104 ? -0.188  -3.665  8.023   1.00 25.63  ? 104 TYR A CE2 1 
ATOM   797 C CZ  . TYR A 1 104 ? 0.543   -3.857  6.870   1.00 31.43  ? 104 TYR A CZ  1 
ATOM   798 O OH  . TYR A 1 104 ? 1.920   -3.840  6.920   1.00 28.50  ? 104 TYR A OH  1 
ATOM   799 N N   . GLU A 1 105 ? -4.855  -5.785  4.414   1.00 14.58  ? 105 GLU A N   1 
ATOM   800 C CA  . GLU A 1 105 ? -4.662  -6.435  3.122   1.00 16.14  ? 105 GLU A CA  1 
ATOM   801 C C   . GLU A 1 105 ? -4.882  -5.384  2.040   1.00 29.06  ? 105 GLU A C   1 
ATOM   802 O O   . GLU A 1 105 ? -5.951  -4.771  2.030   1.00 18.53  ? 105 GLU A O   1 
ATOM   803 C CB  . GLU A 1 105 ? -5.670  -7.582  2.901   1.00 12.12  ? 105 GLU A CB  1 
ATOM   804 C CG  . GLU A 1 105 ? -5.029  -8.848  2.390   1.00 33.23  ? 105 GLU A CG  1 
ATOM   805 C CD  . GLU A 1 105 ? -5.884  -10.073 2.654   1.00 45.41  ? 105 GLU A CD  1 
ATOM   806 O OE1 . GLU A 1 105 ? -7.077  -10.018 2.298   1.00 35.65  ? 105 GLU A OE1 1 
ATOM   807 O OE2 . GLU A 1 105 ? -5.364  -11.058 3.208   1.00 74.97  ? 105 GLU A OE2 1 
ATOM   808 N N   . VAL A 1 106 ? -3.916  -5.188  1.157   1.00 14.33  ? 106 VAL A N   1 
ATOM   809 C CA  . VAL A 1 106 ? -4.069  -4.155  0.128   1.00 13.69  ? 106 VAL A CA  1 
ATOM   810 C C   . VAL A 1 106 ? -3.919  -4.827  -1.226  1.00 19.64  ? 106 VAL A C   1 
ATOM   811 O O   . VAL A 1 106 ? -2.928  -5.539  -1.431  1.00 22.93  ? 106 VAL A O   1 
ATOM   812 C CB  . VAL A 1 106 ? -2.988  -3.062  0.260   1.00 16.89  ? 106 VAL A CB  1 
ATOM   813 C CG1 . VAL A 1 106 ? -3.018  -2.103  -0.916  1.00 16.55  ? 106 VAL A CG1 1 
ATOM   814 C CG2 . VAL A 1 106 ? -3.115  -2.326  1.577   1.00 17.26  ? 106 VAL A CG2 1 
ATOM   815 N N   . LEU A 1 107 ? -4.899  -4.668  -2.120  1.00 10.12  ? 107 LEU A N   1 
ATOM   816 C CA  . LEU A 1 107 ? -4.757  -5.324  -3.430  1.00 21.70  ? 107 LEU A CA  1 
ATOM   817 C C   . LEU A 1 107 ? -4.219  -4.321  -4.439  1.00 19.50  ? 107 LEU A C   1 
ATOM   818 O O   . LEU A 1 107 ? -4.579  -3.151  -4.326  1.00 15.49  ? 107 LEU A O   1 
ATOM   819 C CB  . LEU A 1 107 ? -6.140  -5.798  -3.917  1.00 24.80  ? 107 LEU A CB  1 
ATOM   820 C CG  . LEU A 1 107 ? -6.865  -6.706  -2.910  1.00 39.95  ? 107 LEU A CG  1 
ATOM   821 C CD1 . LEU A 1 107 ? -8.323  -6.894  -3.292  1.00 47.86  ? 107 LEU A CD1 1 
ATOM   822 C CD2 . LEU A 1 107 ? -6.154  -8.041  -2.809  1.00 37.11  ? 107 LEU A CD2 1 
ATOM   823 N N   . TYR A 1 108 ? -3.408  -4.719  -5.413  1.00 10.36  ? 108 TYR A N   1 
ATOM   824 C CA  . TYR A 1 108 ? -3.022  -3.748  -6.440  1.00 12.18  ? 108 TYR A CA  1 
ATOM   825 C C   . TYR A 1 108 ? -3.144  -4.424  -7.795  1.00 12.45  ? 108 TYR A C   1 
ATOM   826 O O   . TYR A 1 108 ? -2.927  -5.640  -7.896  1.00 15.42  ? 108 TYR A O   1 
ATOM   827 C CB  . TYR A 1 108 ? -1.624  -3.167  -6.212  1.00 14.77  ? 108 TYR A CB  1 
ATOM   828 C CG  . TYR A 1 108 ? -0.523  -4.214  -6.180  1.00 15.25  ? 108 TYR A CG  1 
ATOM   829 C CD1 . TYR A 1 108 ? -0.213  -4.904  -5.014  1.00 13.28  ? 108 TYR A CD1 1 
ATOM   830 C CD2 . TYR A 1 108 ? 0.223   -4.472  -7.321  1.00 20.71  ? 108 TYR A CD2 1 
ATOM   831 C CE1 . TYR A 1 108 ? 0.796   -5.859  -4.999  1.00 18.91  ? 108 TYR A CE1 1 
ATOM   832 C CE2 . TYR A 1 108 ? 1.253   -5.403  -7.317  1.00 18.45  ? 108 TYR A CE2 1 
ATOM   833 C CZ  . TYR A 1 108 ? 1.514   -6.104  -6.159  1.00 23.08  ? 108 TYR A CZ  1 
ATOM   834 O OH  . TYR A 1 108 ? 2.520   -7.046  -6.177  1.00 19.27  ? 108 TYR A OH  1 
ATOM   835 N N   . PHE A 1 109 ? -3.462  -3.627  -8.803  1.00 9.86   ? 109 PHE A N   1 
ATOM   836 C CA  . PHE A 1 109 ? -3.553  -4.115  -10.163 1.00 11.53  ? 109 PHE A CA  1 
ATOM   837 C C   . PHE A 1 109 ? -2.880  -3.186  -11.155 1.00 12.70  ? 109 PHE A C   1 
ATOM   838 O O   . PHE A 1 109 ? -2.998  -1.962  -11.109 1.00 19.88  ? 109 PHE A O   1 
ATOM   839 C CB  . PHE A 1 109 ? -5.031  -4.215  -10.592 1.00 16.58  ? 109 PHE A CB  1 
ATOM   840 C CG  . PHE A 1 109 ? -5.803  -5.134  -9.662  1.00 19.60  ? 109 PHE A CG  1 
ATOM   841 C CD1 . PHE A 1 109 ? -6.371  -4.605  -8.513  1.00 22.38  ? 109 PHE A CD1 1 
ATOM   842 C CD2 . PHE A 1 109 ? -5.919  -6.483  -9.942  1.00 22.35  ? 109 PHE A CD2 1 
ATOM   843 C CE1 . PHE A 1 109 ? -7.069  -5.434  -7.659  1.00 25.20  ? 109 PHE A CE1 1 
ATOM   844 C CE2 . PHE A 1 109 ? -6.623  -7.317  -9.087  1.00 23.08  ? 109 PHE A CE2 1 
ATOM   845 C CZ  . PHE A 1 109 ? -7.170  -6.784  -7.937  1.00 25.78  ? 109 PHE A CZ  1 
ATOM   846 N N   . GLN A 1 110 ? -2.244  -3.775  -12.165 1.00 9.96   ? 110 GLN A N   1 
ATOM   847 C CA  . GLN A 1 110 ? -1.872  -2.901  -13.292 1.00 5.80   ? 110 GLN A CA  1 
ATOM   848 C C   . GLN A 1 110 ? -3.165  -2.488  -14.012 1.00 19.80  ? 110 GLN A C   1 
ATOM   849 O O   . GLN A 1 110 ? -4.055  -3.323  -14.181 1.00 19.14  ? 110 GLN A O   1 
ATOM   850 C CB  . GLN A 1 110 ? -1.036  -3.732  -14.272 1.00 10.98  ? 110 GLN A CB  1 
ATOM   851 C CG  . GLN A 1 110 ? -0.563  -2.937  -15.480 1.00 18.53  ? 110 GLN A CG  1 
ATOM   852 C CD  . GLN A 1 110 ? 0.273   -3.780  -16.428 1.00 31.60  ? 110 GLN A CD  1 
ATOM   853 O OE1 . GLN A 1 110 ? -0.009  -3.890  -17.618 1.00 47.28  ? 110 GLN A OE1 1 
ATOM   854 N NE2 . GLN A 1 110 ? 1.315   -4.398  -15.904 1.00 29.58  ? 110 GLN A NE2 1 
ATOM   855 N N   . ASP A 1 111 ? -3.303  -1.234  -14.384 1.00 17.19  ? 111 ASP A N   1 
ATOM   856 C CA  . ASP A 1 111 ? -4.513  -0.712  -15.018 1.00 10.58  ? 111 ASP A CA  1 
ATOM   857 C C   . ASP A 1 111 ? -4.150  0.037   -16.285 1.00 14.75  ? 111 ASP A C   1 
ATOM   858 O O   . ASP A 1 111 ? -3.535  1.112   -16.223 1.00 20.38  ? 111 ASP A O   1 
ATOM   859 C CB  . ASP A 1 111 ? -5.205  0.202   -13.993 1.00 16.86  ? 111 ASP A CB  1 
ATOM   860 C CG  . ASP A 1 111 ? -6.564  0.712   -14.422 1.00 26.29  ? 111 ASP A CG  1 
ATOM   861 O OD1 . ASP A 1 111 ? -6.942  0.510   -15.596 1.00 19.27  ? 111 ASP A OD1 1 
ATOM   862 O OD2 . ASP A 1 111 ? -7.229  1.389   -13.613 1.00 21.52  ? 111 ASP A OD2 1 
ATOM   863 N N   . PRO A 1 112 ? -4.536  -0.456  -17.460 1.00 16.85  ? 112 PRO A N   1 
ATOM   864 C CA  . PRO A 1 112 ? -5.222  -1.738  -17.626 1.00 17.00  ? 112 PRO A CA  1 
ATOM   865 C C   . PRO A 1 112 ? -4.320  -2.956  -17.484 1.00 27.14  ? 112 PRO A C   1 
ATOM   866 O O   . PRO A 1 112 ? -3.096  -2.863  -17.546 1.00 18.75  ? 112 PRO A O   1 
ATOM   867 C CB  . PRO A 1 112 ? -5.729  -1.710  -19.075 1.00 25.64  ? 112 PRO A CB  1 
ATOM   868 C CG  . PRO A 1 112 ? -4.999  -0.613  -19.762 1.00 25.49  ? 112 PRO A CG  1 
ATOM   869 C CD  . PRO A 1 112 ? -4.475  0.316   -18.713 1.00 19.44  ? 112 PRO A CD  1 
ATOM   870 N N   . GLN A 1 113 ? -4.954  -4.125  -17.391 1.00 16.07  ? 113 GLN A N   1 
ATOM   871 C CA  . GLN A 1 113 ? -4.207  -5.372  -17.413 1.00 15.24  ? 113 GLN A CA  1 
ATOM   872 C C   . GLN A 1 113 ? -3.658  -5.621  -18.801 1.00 24.95  ? 113 GLN A C   1 
ATOM   873 O O   . GLN A 1 113 ? -4.079  -5.025  -19.786 1.00 24.49  ? 113 GLN A O   1 
ATOM   874 C CB  . GLN A 1 113 ? -5.091  -6.531  -16.942 1.00 23.35  ? 113 GLN A CB  1 
ATOM   875 C CG  . GLN A 1 113 ? -5.528  -6.325  -15.489 1.00 24.40  ? 113 GLN A CG  1 
ATOM   876 C CD  . GLN A 1 113 ? -4.506  -6.917  -14.533 1.00 27.56  ? 113 GLN A CD  1 
ATOM   877 O OE1 . GLN A 1 113 ? -4.247  -8.125  -14.627 1.00 18.06  ? 113 GLN A OE1 1 
ATOM   878 N NE2 . GLN A 1 113 ? -3.949  -6.092  -13.655 1.00 18.14  ? 113 GLN A NE2 1 
ATOM   879 N N   . ALA A 1 114 ? -2.678  -6.510  -18.879 1.00 30.15  ? 114 ALA A N   1 
ATOM   880 C CA  . ALA A 1 114 ? -2.124  -6.844  -20.189 1.00 39.88  ? 114 ALA A CA  1 
ATOM   881 C C   . ALA A 1 114 ? -2.137  -8.362  -20.356 1.00 44.90  ? 114 ALA A C   1 
ATOM   882 O O   . ALA A 1 114 ? -1.739  -9.048  -19.383 1.00 33.67  ? 114 ALA A O   1 
ATOM   883 C CB  . ALA A 1 114 ? -0.717  -6.286  -20.320 1.00 50.23  ? 114 ALA A CB  1 
ATOM   884 O OXT . ALA A 1 114 ? -2.579  -8.819  -21.432 1.00 53.93  ? 114 ALA A OXT 1 
HETATM 885 O O   . HOH B 2 .   ? 10.423  -0.388  3.642   1.00 19.62  ? 115 HOH A O   1 
HETATM 886 O O   . HOH B 2 .   ? 9.782   0.941   -1.848  1.00 21.41  ? 116 HOH A O   1 
HETATM 887 O O   . HOH B 2 .   ? 4.920   16.389  -3.504  1.00 25.13  ? 117 HOH A O   1 
HETATM 888 O O   . HOH B 2 .   ? -7.125  -4.925  11.629  1.00 28.67  ? 118 HOH A O   1 
HETATM 889 O O   . HOH B 2 .   ? 12.563  -7.852  8.914   1.00 41.08  ? 119 HOH A O   1 
HETATM 890 O O   . HOH B 2 .   ? 1.596   8.075   -9.906  1.00 20.52  ? 120 HOH A O   1 
HETATM 891 O O   . HOH B 2 .   ? 1.248   6.052   -16.801 1.00 32.70  ? 121 HOH A O   1 
HETATM 892 O O   . HOH B 2 .   ? -7.478  -4.765  5.240   1.00 33.59  ? 122 HOH A O   1 
HETATM 893 O O   . HOH B 2 .   ? -8.246  8.857   0.647   1.00 30.24  ? 123 HOH A O   1 
HETATM 894 O O   . HOH B 2 .   ? -7.832  -3.752  8.497   1.00 31.87  ? 124 HOH A O   1 
HETATM 895 O O   . HOH B 2 .   ? -3.288  -3.766  -21.902 1.00 34.15  ? 125 HOH A O   1 
HETATM 896 O O   . HOH B 2 .   ? 7.848   -7.491  -8.238  1.00 40.59  ? 126 HOH A O   1 
HETATM 897 O O   . HOH B 2 .   ? 5.019   11.628  -0.059  1.00 35.96  ? 127 HOH A O   1 
HETATM 898 O O   . HOH B 2 .   ? -10.827 5.361   -8.458  1.00 57.48  ? 128 HOH A O   1 
HETATM 899 O O   . HOH B 2 .   ? 11.945  0.391   10.682  1.00 47.84  ? 129 HOH A O   1 
HETATM 900 O O   . HOH B 2 .   ? 4.348   -6.249  14.558  1.00 32.20  ? 130 HOH A O   1 
HETATM 901 O O   . HOH B 2 .   ? -2.726  -10.203 -13.378 1.00 36.66  ? 131 HOH A O   1 
HETATM 902 O O   . HOH B 2 .   ? 5.571   -5.703  12.171  1.00 26.81  ? 132 HOH A O   1 
HETATM 903 O O   . HOH B 2 .   ? -8.933  -5.273  2.689   1.00 34.98  ? 133 HOH A O   1 
HETATM 904 O O   . HOH B 2 .   ? 6.105   -11.053 8.674   1.00 45.73  ? 134 HOH A O   1 
HETATM 905 O O   . HOH B 2 .   ? 3.208   -4.309  9.373   1.00 27.33  ? 135 HOH A O   1 
HETATM 906 O O   . HOH B 2 .   ? 6.638   -11.746 1.039   1.00 37.45  ? 136 HOH A O   1 
HETATM 907 O O   . HOH B 2 .   ? -1.305  13.971  -8.121  1.00 52.39  ? 137 HOH A O   1 
HETATM 908 O O   . HOH B 2 .   ? -13.178 -1.033  -4.449  1.00 39.39  ? 138 HOH A O   1 
HETATM 909 O O   . HOH B 2 .   ? 6.167   -3.445  -14.033 1.00 51.20  ? 139 HOH A O   1 
HETATM 910 O O   . HOH B 2 .   ? 11.503  -7.208  5.350   1.00 40.39  ? 140 HOH A O   1 
HETATM 911 O O   . HOH B 2 .   ? -9.560  7.898   -7.671  1.00 46.98  ? 141 HOH A O   1 
HETATM 912 O O   . HOH B 2 .   ? 7.004   9.954   -8.522  1.00 28.89  ? 142 HOH A O   1 
HETATM 913 O O   . HOH B 2 .   ? -6.678  -3.178  14.421  1.00 55.89  ? 143 HOH A O   1 
HETATM 914 O O   . HOH B 2 .   ? 4.232   0.962   -21.222 1.00 47.46  ? 144 HOH A O   1 
HETATM 915 O O   . HOH B 2 .   ? -2.823  15.309  -2.804  1.00 34.77  ? 145 HOH A O   1 
HETATM 916 O O   . HOH B 2 .   ? -1.604  1.513   -22.241 1.00 70.48  ? 146 HOH A O   1 
HETATM 917 O O   . HOH B 2 .   ? 3.486   -5.224  -14.716 1.00 52.72  ? 147 HOH A O   1 
HETATM 918 O O   . HOH B 2 .   ? 0.523   15.550  -0.231  1.00 44.60  ? 148 HOH A O   1 
HETATM 919 O O   . HOH B 2 .   ? -14.753 0.607   -4.138  1.00 26.64  ? 149 HOH A O   1 
HETATM 920 O O   . HOH B 2 .   ? -10.473 2.167   -16.846 1.00 61.24  ? 150 HOH A O   1 
HETATM 921 O O   . HOH B 2 .   ? -5.920  6.588   -18.905 1.00 63.18  ? 151 HOH A O   1 
HETATM 922 O O   . HOH B 2 .   ? 4.911   7.974   -13.349 1.00 43.10  ? 152 HOH A O   1 
HETATM 923 O O   . HOH B 2 .   ? 11.385  -2.040  16.226  1.00 48.58  ? 153 HOH A O   1 
HETATM 924 O O   . HOH B 2 .   ? 2.806   -5.236  -19.914 1.00 59.61  ? 154 HOH A O   1 
HETATM 925 O O   . HOH B 2 .   ? -18.816 -1.492  3.635   1.00 45.18  ? 155 HOH A O   1 
HETATM 926 O O   . HOH B 2 .   ? 4.859   9.450   7.195   1.00 53.91  ? 156 HOH A O   1 
HETATM 927 O O   . HOH B 2 .   ? -6.032  8.782   -12.383 1.00 43.01  ? 157 HOH A O   1 
HETATM 928 O O   . HOH B 2 .   ? -9.717  7.994   -5.379  1.00 47.97  ? 158 HOH A O   1 
HETATM 929 O O   . HOH B 2 .   ? 5.534   -2.891  10.785  1.00 27.82  ? 159 HOH A O   1 
HETATM 930 O O   . HOH B 2 .   ? 0.703   -11.588 6.863   1.00 50.16  ? 160 HOH A O   1 
HETATM 931 O O   . HOH B 2 .   ? -5.947  -6.413  13.726  1.00 43.75  ? 161 HOH A O   1 
HETATM 932 O O   . HOH B 2 .   ? -10.024 -6.005  9.568   1.00 51.08  ? 162 HOH A O   1 
HETATM 933 O O   . HOH B 2 .   ? -7.462  7.921   -6.702  1.00 27.24  ? 163 HOH A O   1 
HETATM 934 O O   . HOH B 2 .   ? 4.963   -7.981  -14.086 1.00 67.53  ? 164 HOH A O   1 
HETATM 935 O O   . HOH B 2 .   ? 12.465  -5.590  0.577   1.00 57.33  ? 165 HOH A O   1 
HETATM 936 O O   . HOH B 2 .   ? 8.419   -12.774 -9.211  1.00 61.89  ? 166 HOH A O   1 
HETATM 937 O O   . HOH B 2 .   ? 0.570   -11.510 -10.493 1.00 44.61  ? 167 HOH A O   1 
HETATM 938 O O   . HOH B 2 .   ? 5.874   -6.582  17.428  1.00 59.99  ? 168 HOH A O   1 
HETATM 939 O O   . HOH B 2 .   ? -0.974  -11.576 -17.062 1.00 64.67  ? 169 HOH A O   1 
HETATM 940 O O   . HOH B 2 .   ? -4.298  10.148  -8.737  1.00 36.20  ? 170 HOH A O   1 
HETATM 941 O O   . HOH B 2 .   ? 1.526   6.094   7.125   1.00 44.82  ? 171 HOH A O   1 
HETATM 942 O O   . HOH B 2 .   ? 9.129   -6.854  -0.750  1.00 51.50  ? 172 HOH A O   1 
HETATM 943 O O   . HOH B 2 .   ? -3.724  4.055   -18.960 1.00 57.46  ? 173 HOH A O   1 
HETATM 944 O O   . HOH B 2 .   ? 2.237   8.505   6.977   1.00 47.86  ? 174 HOH A O   1 
HETATM 945 O O   . HOH B 2 .   ? 1.046   7.678   20.150  1.00 72.81  ? 175 HOH A O   1 
HETATM 946 O O   . HOH B 2 .   ? -11.017 -7.405  6.985   1.00 56.54  ? 176 HOH A O   1 
HETATM 947 O O   . HOH B 2 .   ? 7.075   9.903   1.922   1.00 61.57  ? 177 HOH A O   1 
HETATM 948 O O   . HOH B 2 .   ? 2.056   6.235   14.045  1.00 64.53  ? 178 HOH A O   1 
HETATM 949 O O   . HOH B 2 .   ? 8.560   -12.918 4.745   1.00 70.52  ? 179 HOH A O   1 
HETATM 950 O O   . HOH B 2 .   ? 1.245   12.322  18.645  1.00 61.38  ? 180 HOH A O   1 
HETATM 951 O O   . HOH B 2 .   ? 9.392   12.274  -6.743  1.00 86.48  ? 181 HOH A O   1 
HETATM 952 O O   . HOH B 2 .   ? 2.987   -8.537  -3.970  1.00 40.76  ? 182 HOH A O   1 
HETATM 953 O O   . HOH B 2 .   ? 8.960   -1.608  -17.049 1.00 109.42 ? 183 HOH A O   1 
HETATM 954 O O   . HOH B 2 .   ? -16.532 -1.668  -4.517  1.00 99.76  ? 184 HOH A O   1 
HETATM 955 O O   . HOH B 2 .   ? -16.409 3.296   6.618   1.00 145.77 ? 185 HOH A O   1 
HETATM 956 O O   . HOH B 2 .   ? 4.831   11.071  3.518   1.00 76.25  ? 186 HOH A O   1 
HETATM 957 O O   . HOH B 2 .   ? -14.515 -0.634  8.813   1.00 69.50  ? 187 HOH A O   1 
HETATM 958 O O   . HOH B 2 .   ? 2.719   11.693  6.679   1.00 73.66  ? 188 HOH A O   1 
# 
